data_7WIA
# 
_entry.id   7WIA 
# 
_audit_conform.dict_name       mmcif_pdbx.dic 
_audit_conform.dict_version    5.392 
_audit_conform.dict_location   http://mmcif.pdb.org/dictionaries/ascii/mmcif_pdbx.dic 
# 
loop_
_database_2.database_id 
_database_2.database_code 
_database_2.pdbx_database_accession 
_database_2.pdbx_DOI 
PDB   7WIA         pdb_00007wia 10.2210/pdb7wia/pdb 
WWPDB D_1300026763 ?            ?                   
# 
loop_
_pdbx_audit_revision_history.ordinal 
_pdbx_audit_revision_history.data_content_type 
_pdbx_audit_revision_history.major_revision 
_pdbx_audit_revision_history.minor_revision 
_pdbx_audit_revision_history.revision_date 
1 'Structure model' 1 0 2023-01-18 
2 'Structure model' 1 1 2023-02-08 
3 'Structure model' 1 2 2024-05-29 
# 
_pdbx_audit_revision_details.ordinal             1 
_pdbx_audit_revision_details.revision_ordinal    1 
_pdbx_audit_revision_details.data_content_type   'Structure model' 
_pdbx_audit_revision_details.provider            repository 
_pdbx_audit_revision_details.type                'Initial release' 
_pdbx_audit_revision_details.description         ? 
_pdbx_audit_revision_details.details             ? 
# 
loop_
_pdbx_audit_revision_group.ordinal 
_pdbx_audit_revision_group.revision_ordinal 
_pdbx_audit_revision_group.data_content_type 
_pdbx_audit_revision_group.group 
1 2 'Structure model' 'Database references' 
2 3 'Structure model' 'Data collection'     
# 
loop_
_pdbx_audit_revision_category.ordinal 
_pdbx_audit_revision_category.revision_ordinal 
_pdbx_audit_revision_category.data_content_type 
_pdbx_audit_revision_category.category 
1 2 'Structure model' citation        
2 2 'Structure model' citation_author 
3 3 'Structure model' chem_comp_atom  
4 3 'Structure model' chem_comp_bond  
# 
loop_
_pdbx_audit_revision_item.ordinal 
_pdbx_audit_revision_item.revision_ordinal 
_pdbx_audit_revision_item.data_content_type 
_pdbx_audit_revision_item.item 
1 2 'Structure model' '_citation.journal_volume'          
2 2 'Structure model' '_citation.page_first'              
3 2 'Structure model' '_citation.page_last'               
4 2 'Structure model' '_citation_author.identifier_ORCID' 
# 
_pdbx_database_status.status_code                     REL 
_pdbx_database_status.status_code_sf                  REL 
_pdbx_database_status.status_code_mr                  ? 
_pdbx_database_status.entry_id                        7WIA 
_pdbx_database_status.recvd_initial_deposition_date   2022-01-03 
_pdbx_database_status.SG_entry                        N 
_pdbx_database_status.deposit_site                    PDBJ 
_pdbx_database_status.process_site                    PDBJ 
_pdbx_database_status.status_code_cs                  ? 
_pdbx_database_status.status_code_nmr_data            ? 
_pdbx_database_status.methods_development_category    ? 
_pdbx_database_status.pdb_format_compatible           Y 
# 
_pdbx_contact_author.id                 2 
_pdbx_contact_author.email              fangxy@mail.tsinghua.edu.cn 
_pdbx_contact_author.name_first         Xianyang 
_pdbx_contact_author.name_last          Fang 
_pdbx_contact_author.name_mi            ? 
_pdbx_contact_author.role               'principal investigator/group leader' 
_pdbx_contact_author.identifier_ORCID   0000-0001-9432-9736 
# 
loop_
_audit_author.name 
_audit_author.pdbx_ordinal 
_audit_author.identifier_ORCID 
'Xu, L.'   1 0000-0003-1584-2772 
'Fang, X.' 2 0000-0001-9432-9736 
'Xiao, Y.' 3 0000-0003-2518-9594 
# 
_citation.abstract                  ? 
_citation.abstract_id_CAS           ? 
_citation.book_id_ISBN              ? 
_citation.book_publisher            ? 
_citation.book_publisher_city       ? 
_citation.book_title                ? 
_citation.coordinate_linkage        ? 
_citation.country                   UK 
_citation.database_id_Medline       ? 
_citation.details                   ? 
_citation.id                        primary 
_citation.journal_abbrev            'Nucleic Acids Res.' 
_citation.journal_id_ASTM           NARHAD 
_citation.journal_id_CSD            0389 
_citation.journal_id_ISSN           1362-4962 
_citation.journal_full              ? 
_citation.journal_issue             ? 
_citation.journal_volume            51 
_citation.language                  ? 
_citation.page_first                952 
_citation.page_last                 965 
_citation.title                     'Structural insights into translation regulation by the THF-II riboswitch.' 
_citation.year                      2023 
_citation.database_id_CSD           ? 
_citation.pdbx_database_id_DOI      10.1093/nar/gkac1257 
_citation.pdbx_database_id_PubMed   36620887 
_citation.pdbx_database_id_patent   ? 
_citation.unpublished_flag          ? 
# 
loop_
_citation_author.citation_id 
_citation_author.name 
_citation_author.ordinal 
_citation_author.identifier_ORCID 
primary 'Xu, L.'    1 ? 
primary 'Xiao, Y.'  2 ? 
primary 'Zhang, J.' 3 ? 
primary 'Fang, X.'  4 ? 
# 
_entity.id                         1 
_entity.type                       polymer 
_entity.src_method                 man 
_entity.pdbx_description           'RNA (50-MER)' 
_entity.formula_weight             16327.617 
_entity.pdbx_number_of_molecules   1 
_entity.pdbx_ec                    ? 
_entity.pdbx_mutation              ? 
_entity.pdbx_fragment              ? 
_entity.details                    ? 
# 
_entity_poly.entity_id                      1 
_entity_poly.type                           polyribonucleotide 
_entity_poly.nstd_linkage                   no 
_entity_poly.nstd_monomer                   yes 
_entity_poly.pdbx_seq_one_letter_code       '(GTP)GCGUGGUCCGUUCAAGUCGUUCCUCGAAAGAGGAACUACGGGAGACGCC' 
_entity_poly.pdbx_seq_one_letter_code_can   GGCGUGGUCCGUUCAAGUCGUUCCUCGAAAGAGGAACUACGGGAGACGCC 
_entity_poly.pdbx_strand_id                 V 
_entity_poly.pdbx_target_identifier         ? 
# 
loop_
_entity_poly_seq.entity_id 
_entity_poly_seq.num 
_entity_poly_seq.mon_id 
_entity_poly_seq.hetero 
1 1  GTP n 
1 2  G   n 
1 3  C   n 
1 4  G   n 
1 5  U   n 
1 6  G   n 
1 7  G   n 
1 8  U   n 
1 9  C   n 
1 10 C   n 
1 11 G   n 
1 12 U   n 
1 13 U   n 
1 14 C   n 
1 15 A   n 
1 16 A   n 
1 17 G   n 
1 18 U   n 
1 19 C   n 
1 20 G   n 
1 21 U   n 
1 22 U   n 
1 23 C   n 
1 24 C   n 
1 25 U   n 
1 26 C   n 
1 27 G   n 
1 28 A   n 
1 29 A   n 
1 30 A   n 
1 31 G   n 
1 32 A   n 
1 33 G   n 
1 34 G   n 
1 35 A   n 
1 36 A   n 
1 37 C   n 
1 38 U   n 
1 39 A   n 
1 40 C   n 
1 41 G   n 
1 42 G   n 
1 43 G   n 
1 44 A   n 
1 45 G   n 
1 46 A   n 
1 47 C   n 
1 48 G   n 
1 49 C   n 
1 50 C   n 
# 
_entity_src_gen.entity_id                          1 
_entity_src_gen.pdbx_src_id                        1 
_entity_src_gen.pdbx_alt_source_flag               sample 
_entity_src_gen.pdbx_seq_type                      'Biological sequence' 
_entity_src_gen.pdbx_beg_seq_num                   1 
_entity_src_gen.pdbx_end_seq_num                   50 
_entity_src_gen.gene_src_common_name               ? 
_entity_src_gen.gene_src_genus                     ? 
_entity_src_gen.pdbx_gene_src_gene                 ? 
_entity_src_gen.gene_src_species                   ? 
_entity_src_gen.gene_src_strain                    ? 
_entity_src_gen.gene_src_tissue                    ? 
_entity_src_gen.gene_src_tissue_fraction           ? 
_entity_src_gen.gene_src_details                   ? 
_entity_src_gen.pdbx_gene_src_fragment             ? 
_entity_src_gen.pdbx_gene_src_scientific_name      'Mesorhizobium loti' 
_entity_src_gen.pdbx_gene_src_ncbi_taxonomy_id     381 
_entity_src_gen.pdbx_gene_src_variant              ? 
_entity_src_gen.pdbx_gene_src_cell_line            ? 
_entity_src_gen.pdbx_gene_src_atcc                 ? 
_entity_src_gen.pdbx_gene_src_organ                ? 
_entity_src_gen.pdbx_gene_src_organelle            ? 
_entity_src_gen.pdbx_gene_src_cell                 ? 
_entity_src_gen.pdbx_gene_src_cellular_location    ? 
_entity_src_gen.host_org_common_name               ? 
_entity_src_gen.pdbx_host_org_scientific_name      'in vitro transcription vector pT7-TP(deltai)' 
_entity_src_gen.pdbx_host_org_ncbi_taxonomy_id     905931 
_entity_src_gen.host_org_genus                     ? 
_entity_src_gen.pdbx_host_org_gene                 ? 
_entity_src_gen.pdbx_host_org_organ                ? 
_entity_src_gen.host_org_species                   ? 
_entity_src_gen.pdbx_host_org_tissue               ? 
_entity_src_gen.pdbx_host_org_tissue_fraction      ? 
_entity_src_gen.pdbx_host_org_strain               ? 
_entity_src_gen.pdbx_host_org_variant              ? 
_entity_src_gen.pdbx_host_org_cell_line            ? 
_entity_src_gen.pdbx_host_org_atcc                 ? 
_entity_src_gen.pdbx_host_org_culture_collection   ? 
_entity_src_gen.pdbx_host_org_cell                 ? 
_entity_src_gen.pdbx_host_org_organelle            ? 
_entity_src_gen.pdbx_host_org_cellular_location    ? 
_entity_src_gen.pdbx_host_org_vector_type          ? 
_entity_src_gen.pdbx_host_org_vector               ? 
_entity_src_gen.host_org_details                   ? 
_entity_src_gen.expression_system_id               ? 
_entity_src_gen.plasmid_name                       ? 
_entity_src_gen.plasmid_details                    ? 
_entity_src_gen.pdbx_description                   ? 
# 
loop_
_chem_comp.id 
_chem_comp.type 
_chem_comp.mon_nstd_flag 
_chem_comp.name 
_chem_comp.pdbx_synonyms 
_chem_comp.formula 
_chem_comp.formula_weight 
A   'RNA linking' y "ADENOSINE-5'-MONOPHOSPHATE" ? 'C10 H14 N5 O7 P'   347.221 
C   'RNA linking' y "CYTIDINE-5'-MONOPHOSPHATE"  ? 'C9 H14 N3 O8 P'    323.197 
G   'RNA linking' y "GUANOSINE-5'-MONOPHOSPHATE" ? 'C10 H14 N5 O8 P'   363.221 
GTP non-polymer   n "GUANOSINE-5'-TRIPHOSPHATE"  ? 'C10 H16 N5 O14 P3' 523.180 
U   'RNA linking' y "URIDINE-5'-MONOPHOSPHATE"   ? 'C9 H13 N2 O9 P'    324.181 
# 
loop_
_pdbx_poly_seq_scheme.asym_id 
_pdbx_poly_seq_scheme.entity_id 
_pdbx_poly_seq_scheme.seq_id 
_pdbx_poly_seq_scheme.mon_id 
_pdbx_poly_seq_scheme.ndb_seq_num 
_pdbx_poly_seq_scheme.pdb_seq_num 
_pdbx_poly_seq_scheme.auth_seq_num 
_pdbx_poly_seq_scheme.pdb_mon_id 
_pdbx_poly_seq_scheme.auth_mon_id 
_pdbx_poly_seq_scheme.pdb_strand_id 
_pdbx_poly_seq_scheme.pdb_ins_code 
_pdbx_poly_seq_scheme.hetero 
A 1 1  GTP 1  6  6  GTP GTP V . n 
A 1 2  G   2  7  7  G   G   V . n 
A 1 3  C   3  8  8  C   C   V . n 
A 1 4  G   4  9  9  G   G   V . n 
A 1 5  U   5  10 10 U   U   V . n 
A 1 6  G   6  11 11 G   G   V . n 
A 1 7  G   7  12 12 G   G   V . n 
A 1 8  U   8  13 13 U   U   V . n 
A 1 9  C   9  14 14 C   C   V . n 
A 1 10 C   10 15 15 C   C   V . n 
A 1 11 G   11 16 16 G   G   V . n 
A 1 12 U   12 17 17 U   U   V . n 
A 1 13 U   13 18 18 U   U   V . n 
A 1 14 C   14 19 19 C   C   V . n 
A 1 15 A   15 20 20 A   A   V . n 
A 1 16 A   16 21 21 A   A   V . n 
A 1 17 G   17 22 22 G   G   V . n 
A 1 18 U   18 23 23 U   U   V . n 
A 1 19 C   19 24 24 C   C   V . n 
A 1 20 G   20 25 25 G   G   V . n 
A 1 21 U   21 26 26 U   U   V . n 
A 1 22 U   22 27 27 U   U   V . n 
A 1 23 C   23 28 28 C   C   V . n 
A 1 24 C   24 29 29 C   C   V . n 
A 1 25 U   25 30 30 U   U   V . n 
A 1 26 C   26 31 31 C   C   V . n 
A 1 27 G   27 32 32 G   G   V . n 
A 1 28 A   28 33 33 A   A   V . n 
A 1 29 A   29 34 34 A   A   V . n 
A 1 30 A   30 35 35 A   A   V . n 
A 1 31 G   31 37 37 G   G   V . n 
A 1 32 A   32 38 38 A   A   V . n 
A 1 33 G   33 39 39 G   G   V . n 
A 1 34 G   34 40 40 G   G   V . n 
A 1 35 A   35 41 41 A   A   V . n 
A 1 36 A   36 42 42 A   A   V . n 
A 1 37 C   37 43 43 C   C   V . n 
A 1 38 U   38 44 44 U   U   V . n 
A 1 39 A   39 45 45 A   A   V . n 
A 1 40 C   40 46 46 C   C   V . n 
A 1 41 G   41 47 47 G   G   V . n 
A 1 42 G   42 48 48 G   G   V . n 
A 1 43 G   43 49 49 G   G   V . n 
A 1 44 A   44 50 50 A   A   V . n 
A 1 45 G   45 51 51 G   G   V . n 
A 1 46 A   46 52 52 A   A   V . n 
A 1 47 C   47 53 53 C   C   V . n 
A 1 48 G   48 54 54 G   G   V . n 
A 1 49 C   49 55 55 C   C   V . n 
A 1 50 C   50 56 56 C   C   V . n 
# 
loop_
_software.citation_id 
_software.classification 
_software.compiler_name 
_software.compiler_version 
_software.contact_author 
_software.contact_author_email 
_software.date 
_software.description 
_software.dependencies 
_software.hardware 
_software.language 
_software.location 
_software.mods 
_software.name 
_software.os 
_software.os_version 
_software.type 
_software.version 
_software.pdbx_ordinal 
? refinement        ? ? ? ? ? ? ? ? ? ? ? PHENIX      ? ? ? 1.20_4459 1 
? 'data scaling'    ? ? ? ? ? ? ? ? ? ? ? HKL-2000    ? ? ? .         2 
? 'data extraction' ? ? ? ? ? ? ? ? ? ? ? PDB_EXTRACT ? ? ? 3.27      3 
? 'data reduction'  ? ? ? ? ? ? ? ? ? ? ? HKL-2000    ? ? ? .         4 
? phasing           ? ? ? ? ? ? ? ? ? ? ? AutoSol     ? ? ? .         5 
# 
_cell.angle_alpha                  90.00 
_cell.angle_alpha_esd              ? 
_cell.angle_beta                   90.00 
_cell.angle_beta_esd               ? 
_cell.angle_gamma                  120.00 
_cell.angle_gamma_esd              ? 
_cell.entry_id                     7WIA 
_cell.details                      ? 
_cell.formula_units_Z              ? 
_cell.length_a                     66.420 
_cell.length_a_esd                 ? 
_cell.length_b                     66.420 
_cell.length_b_esd                 ? 
_cell.length_c                     93.409 
_cell.length_c_esd                 ? 
_cell.volume                       ? 
_cell.volume_esd                   ? 
_cell.Z_PDB                        6 
_cell.reciprocal_angle_alpha       ? 
_cell.reciprocal_angle_beta        ? 
_cell.reciprocal_angle_gamma       ? 
_cell.reciprocal_angle_alpha_esd   ? 
_cell.reciprocal_angle_beta_esd    ? 
_cell.reciprocal_angle_gamma_esd   ? 
_cell.reciprocal_length_a          ? 
_cell.reciprocal_length_b          ? 
_cell.reciprocal_length_c          ? 
_cell.reciprocal_length_a_esd      ? 
_cell.reciprocal_length_b_esd      ? 
_cell.reciprocal_length_c_esd      ? 
_cell.pdbx_unique_axis             ? 
_cell.pdbx_esd_method              ? 
# 
_symmetry.entry_id                         7WIA 
_symmetry.cell_setting                     ? 
_symmetry.Int_Tables_number                152 
_symmetry.space_group_name_Hall            ? 
_symmetry.space_group_name_H-M             'P 31 2 1' 
_symmetry.pdbx_full_space_group_name_H-M   ? 
# 
_exptl.absorpt_coefficient_mu     ? 
_exptl.absorpt_correction_T_max   ? 
_exptl.absorpt_correction_T_min   ? 
_exptl.absorpt_correction_type    ? 
_exptl.absorpt_process_details    ? 
_exptl.entry_id                   7WIA 
_exptl.crystals_number            1 
_exptl.details                    ? 
_exptl.method                     'X-RAY DIFFRACTION' 
_exptl.method_details             ? 
# 
_exptl_crystal.colour                       ? 
_exptl_crystal.density_diffrn               ? 
_exptl_crystal.density_Matthews             3.66 
_exptl_crystal.density_method               ? 
_exptl_crystal.density_percent_sol          66.40 
_exptl_crystal.description                  ? 
_exptl_crystal.F_000                        ? 
_exptl_crystal.id                           1 
_exptl_crystal.preparation                  ? 
_exptl_crystal.size_max                     ? 
_exptl_crystal.size_mid                     ? 
_exptl_crystal.size_min                     ? 
_exptl_crystal.size_rad                     ? 
_exptl_crystal.colour_lustre                ? 
_exptl_crystal.colour_modifier              ? 
_exptl_crystal.colour_primary               ? 
_exptl_crystal.density_meas                 ? 
_exptl_crystal.density_meas_esd             ? 
_exptl_crystal.density_meas_gt              ? 
_exptl_crystal.density_meas_lt              ? 
_exptl_crystal.density_meas_temp            ? 
_exptl_crystal.density_meas_temp_esd        ? 
_exptl_crystal.density_meas_temp_gt         ? 
_exptl_crystal.density_meas_temp_lt         ? 
_exptl_crystal.pdbx_crystal_image_url       ? 
_exptl_crystal.pdbx_crystal_image_format    ? 
_exptl_crystal.pdbx_mosaicity               ? 
_exptl_crystal.pdbx_mosaicity_esd           ? 
_exptl_crystal.pdbx_mosaic_method           ? 
_exptl_crystal.pdbx_mosaic_block_size       ? 
_exptl_crystal.pdbx_mosaic_block_size_esd   ? 
# 
_exptl_crystal_grow.apparatus       ? 
_exptl_crystal_grow.atmosphere      ? 
_exptl_crystal_grow.crystal_id      1 
_exptl_crystal_grow.details         ? 
_exptl_crystal_grow.method          'VAPOR DIFFUSION, HANGING DROP' 
_exptl_crystal_grow.method_ref      ? 
_exptl_crystal_grow.pH              ? 
_exptl_crystal_grow.pressure        ? 
_exptl_crystal_grow.pressure_esd    ? 
_exptl_crystal_grow.seeding         ? 
_exptl_crystal_grow.seeding_ref     ? 
_exptl_crystal_grow.temp_details    ? 
_exptl_crystal_grow.temp_esd        ? 
_exptl_crystal_grow.time            ? 
_exptl_crystal_grow.pdbx_details    '20mM HEPES pH7.5, 20-25% PEG 3350' 
_exptl_crystal_grow.pdbx_pH_range   ? 
_exptl_crystal_grow.temp            291 
# 
_diffrn.ambient_environment              ? 
_diffrn.ambient_temp                     100 
_diffrn.ambient_temp_details             ? 
_diffrn.ambient_temp_esd                 ? 
_diffrn.crystal_id                       1 
_diffrn.crystal_support                  ? 
_diffrn.crystal_treatment                ? 
_diffrn.details                          ? 
_diffrn.id                               1 
_diffrn.ambient_pressure                 ? 
_diffrn.ambient_pressure_esd             ? 
_diffrn.ambient_pressure_gt              ? 
_diffrn.ambient_pressure_lt              ? 
_diffrn.ambient_temp_gt                  ? 
_diffrn.ambient_temp_lt                  ? 
_diffrn.pdbx_serial_crystal_experiment   N 
# 
_diffrn_detector.details                      ? 
_diffrn_detector.detector                     PIXEL 
_diffrn_detector.diffrn_id                    1 
_diffrn_detector.type                         'DECTRIS PILATUS 6M' 
_diffrn_detector.area_resol_mean              ? 
_diffrn_detector.dtime                        ? 
_diffrn_detector.pdbx_frames_total            ? 
_diffrn_detector.pdbx_collection_time_total   ? 
_diffrn_detector.pdbx_collection_date         2021-07-22 
_diffrn_detector.pdbx_frequency               ? 
# 
_diffrn_radiation.collimation                      ? 
_diffrn_radiation.diffrn_id                        1 
_diffrn_radiation.filter_edge                      ? 
_diffrn_radiation.inhomogeneity                    ? 
_diffrn_radiation.monochromator                    ? 
_diffrn_radiation.polarisn_norm                    ? 
_diffrn_radiation.polarisn_ratio                   ? 
_diffrn_radiation.probe                            ? 
_diffrn_radiation.type                             ? 
_diffrn_radiation.xray_symbol                      ? 
_diffrn_radiation.wavelength_id                    1 
_diffrn_radiation.pdbx_monochromatic_or_laue_m_l   M 
_diffrn_radiation.pdbx_wavelength_list             ? 
_diffrn_radiation.pdbx_wavelength                  ? 
_diffrn_radiation.pdbx_diffrn_protocol             'SINGLE WAVELENGTH' 
_diffrn_radiation.pdbx_analyzer                    ? 
_diffrn_radiation.pdbx_scattering_type             x-ray 
# 
_diffrn_radiation_wavelength.id           1 
_diffrn_radiation_wavelength.wavelength   0.979 
_diffrn_radiation_wavelength.wt           1.0 
# 
_diffrn_source.current                     ? 
_diffrn_source.details                     ? 
_diffrn_source.diffrn_id                   1 
_diffrn_source.power                       ? 
_diffrn_source.size                        ? 
_diffrn_source.source                      SYNCHROTRON 
_diffrn_source.target                      ? 
_diffrn_source.type                        'SSRF BEAMLINE BL19U1' 
_diffrn_source.voltage                     ? 
_diffrn_source.take-off_angle              ? 
_diffrn_source.pdbx_wavelength_list        0.979 
_diffrn_source.pdbx_wavelength             ? 
_diffrn_source.pdbx_synchrotron_beamline   BL19U1 
_diffrn_source.pdbx_synchrotron_site       SSRF 
# 
_reflns.B_iso_Wilson_estimate                          ? 
_reflns.entry_id                                       7WIA 
_reflns.data_reduction_details                         ? 
_reflns.data_reduction_method                          ? 
_reflns.d_resolution_high                              3.05 
_reflns.d_resolution_low                               50.00 
_reflns.details                                        ? 
_reflns.limit_h_max                                    ? 
_reflns.limit_h_min                                    ? 
_reflns.limit_k_max                                    ? 
_reflns.limit_k_min                                    ? 
_reflns.limit_l_max                                    ? 
_reflns.limit_l_min                                    ? 
_reflns.number_all                                     ? 
_reflns.number_obs                                     4001 
_reflns.observed_criterion                             ? 
_reflns.observed_criterion_F_max                       ? 
_reflns.observed_criterion_F_min                       ? 
_reflns.observed_criterion_I_max                       ? 
_reflns.observed_criterion_I_min                       ? 
_reflns.observed_criterion_sigma_F                     ? 
_reflns.observed_criterion_sigma_I                     ? 
_reflns.percent_possible_obs                           99.9 
_reflns.R_free_details                                 ? 
_reflns.Rmerge_F_all                                   ? 
_reflns.Rmerge_F_obs                                   ? 
_reflns.Friedel_coverage                               ? 
_reflns.number_gt                                      ? 
_reflns.threshold_expression                           ? 
_reflns.pdbx_redundancy                                9.0 
_reflns.pdbx_netI_over_av_sigmaI                       ? 
_reflns.pdbx_netI_over_sigmaI                          6.6 
_reflns.pdbx_res_netI_over_av_sigmaI_2                 ? 
_reflns.pdbx_res_netI_over_sigmaI_2                    ? 
_reflns.pdbx_chi_squared                               0.057 
_reflns.pdbx_scaling_rejects                           ? 
_reflns.pdbx_d_res_high_opt                            ? 
_reflns.pdbx_d_res_low_opt                             ? 
_reflns.pdbx_d_res_opt_method                          ? 
_reflns.phase_calculation_details                      ? 
_reflns.pdbx_Rrim_I_all                                0.156 
_reflns.pdbx_Rpim_I_all                                ? 
_reflns.pdbx_d_opt                                     ? 
_reflns.pdbx_number_measured_all                       80579 
_reflns.pdbx_diffrn_id                                 1 
_reflns.pdbx_ordinal                                   1 
_reflns.pdbx_CC_half                                   0.961 
_reflns.pdbx_CC_star                                   ? 
_reflns.pdbx_R_split                                   ? 
_reflns.pdbx_Rmerge_I_obs                              0.152 
_reflns.pdbx_Rmerge_I_all                              ? 
_reflns.pdbx_Rsym_value                                ? 
_reflns.pdbx_CC_split_method                           ? 
_reflns.pdbx_aniso_diffraction_limit_axis_1_ortho[1]   ? 
_reflns.pdbx_aniso_diffraction_limit_axis_1_ortho[2]   ? 
_reflns.pdbx_aniso_diffraction_limit_axis_1_ortho[3]   ? 
_reflns.pdbx_aniso_diffraction_limit_axis_2_ortho[1]   ? 
_reflns.pdbx_aniso_diffraction_limit_axis_2_ortho[2]   ? 
_reflns.pdbx_aniso_diffraction_limit_axis_2_ortho[3]   ? 
_reflns.pdbx_aniso_diffraction_limit_axis_3_ortho[1]   ? 
_reflns.pdbx_aniso_diffraction_limit_axis_3_ortho[2]   ? 
_reflns.pdbx_aniso_diffraction_limit_axis_3_ortho[3]   ? 
_reflns.pdbx_aniso_diffraction_limit_1                 ? 
_reflns.pdbx_aniso_diffraction_limit_2                 ? 
_reflns.pdbx_aniso_diffraction_limit_3                 ? 
_reflns.pdbx_aniso_B_tensor_eigenvector_1_ortho[1]     ? 
_reflns.pdbx_aniso_B_tensor_eigenvector_1_ortho[2]     ? 
_reflns.pdbx_aniso_B_tensor_eigenvector_1_ortho[3]     ? 
_reflns.pdbx_aniso_B_tensor_eigenvector_2_ortho[1]     ? 
_reflns.pdbx_aniso_B_tensor_eigenvector_2_ortho[2]     ? 
_reflns.pdbx_aniso_B_tensor_eigenvector_2_ortho[3]     ? 
_reflns.pdbx_aniso_B_tensor_eigenvector_3_ortho[1]     ? 
_reflns.pdbx_aniso_B_tensor_eigenvector_3_ortho[2]     ? 
_reflns.pdbx_aniso_B_tensor_eigenvector_3_ortho[3]     ? 
_reflns.pdbx_aniso_B_tensor_eigenvalue_1               ? 
_reflns.pdbx_aniso_B_tensor_eigenvalue_2               ? 
_reflns.pdbx_aniso_B_tensor_eigenvalue_3               ? 
_reflns.pdbx_orthogonalization_convention              ? 
_reflns.pdbx_percent_possible_ellipsoidal              ? 
_reflns.pdbx_percent_possible_spherical                ? 
_reflns.pdbx_percent_possible_ellipsoidal_anomalous    ? 
_reflns.pdbx_percent_possible_spherical_anomalous      ? 
_reflns.pdbx_redundancy_anomalous                      ? 
_reflns.pdbx_CC_half_anomalous                         ? 
_reflns.pdbx_absDiff_over_sigma_anomalous              ? 
_reflns.pdbx_percent_possible_anomalous                ? 
_reflns.pdbx_observed_signal_threshold                 ? 
_reflns.pdbx_signal_type                               ? 
_reflns.pdbx_signal_details                            ? 
_reflns.pdbx_signal_software_id                        ? 
# 
loop_
_reflns_shell.d_res_high 
_reflns_shell.d_res_low 
_reflns_shell.meanI_over_sigI_all 
_reflns_shell.meanI_over_sigI_obs 
_reflns_shell.number_measured_all 
_reflns_shell.number_measured_obs 
_reflns_shell.number_possible 
_reflns_shell.number_unique_all 
_reflns_shell.number_unique_obs 
_reflns_shell.percent_possible_obs 
_reflns_shell.Rmerge_F_all 
_reflns_shell.Rmerge_F_obs 
_reflns_shell.meanI_over_sigI_gt 
_reflns_shell.meanI_over_uI_all 
_reflns_shell.meanI_over_uI_gt 
_reflns_shell.number_measured_gt 
_reflns_shell.number_unique_gt 
_reflns_shell.percent_possible_gt 
_reflns_shell.Rmerge_F_gt 
_reflns_shell.Rmerge_I_gt 
_reflns_shell.pdbx_redundancy 
_reflns_shell.pdbx_chi_squared 
_reflns_shell.pdbx_netI_over_sigmaI_all 
_reflns_shell.pdbx_netI_over_sigmaI_obs 
_reflns_shell.pdbx_Rrim_I_all 
_reflns_shell.pdbx_Rpim_I_all 
_reflns_shell.pdbx_rejects 
_reflns_shell.pdbx_ordinal 
_reflns_shell.pdbx_diffrn_id 
_reflns_shell.pdbx_CC_half 
_reflns_shell.pdbx_CC_star 
_reflns_shell.pdbx_R_split 
_reflns_shell.percent_possible_all 
_reflns_shell.Rmerge_I_all 
_reflns_shell.Rmerge_I_obs 
_reflns_shell.pdbx_Rsym_value 
_reflns_shell.pdbx_percent_possible_ellipsoidal 
_reflns_shell.pdbx_percent_possible_spherical 
_reflns_shell.pdbx_percent_possible_ellipsoidal_anomalous 
_reflns_shell.pdbx_percent_possible_spherical_anomalous 
_reflns_shell.pdbx_redundancy_anomalous 
_reflns_shell.pdbx_CC_half_anomalous 
_reflns_shell.pdbx_absDiff_over_sigma_anomalous 
_reflns_shell.pdbx_percent_possible_anomalous 
3.05 3.10  ? ? ? ? ? ? 444 ? ? ? ? ? ? ? ? ? ? ? 7.4  1.101 ? ? ? ? ? 1  1 ? ? ? 99.6  ? 0.954 ? ? ? ? ? ? ? ? ? 
3.10 3.16  ? ? ? ? ? ? 442 ? ? ? ? ? ? ? ? ? ? ? 7.9  1.131 ? ? ? ? ? 2  1 ? ? ? 99.8  ? 0.890 ? ? ? ? ? ? ? ? ? 
3.16 3.22  ? ? ? ? ? ? 442 ? ? ? ? ? ? ? ? ? ? ? 8.4  1.113 ? ? ? ? ? 3  1 ? ? ? 99.8  ? 0.881 ? ? ? ? ? ? ? ? ? 
3.22 3.29  ? ? ? ? ? ? 457 ? ? ? ? ? ? ? ? ? ? ? 9.6  1.368 ? ? ? ? ? 4  1 ? ? ? 100.0 ? 0.623 ? ? ? ? ? ? ? ? ? 
3.29 3.36  ? ? ? ? ? ? 436 ? ? ? ? ? ? ? ? ? ? ? 9.8  1.148 ? ? ? ? ? 5  1 ? ? ? 100.0 ? 0.518 ? ? ? ? ? ? ? ? ? 
3.36 3.43  ? ? ? ? ? ? 446 ? ? ? ? ? ? ? ? ? ? ? 9.9  1.147 ? ? ? ? ? 6  1 ? ? ? 100.0 ? 0.607 ? ? ? ? ? ? ? ? ? 
3.43 3.52  ? ? ? ? ? ? 451 ? ? ? ? ? ? ? ? ? ? ? 10.1 1.287 ? ? ? ? ? 7  1 ? ? ? 100.0 ? 0.631 ? ? ? ? ? ? ? ? ? 
3.52 3.62  ? ? ? ? ? ? 439 ? ? ? ? ? ? ? ? ? ? ? 10.2 1.150 ? ? ? ? ? 8  1 ? ? ? 100.0 ? 0.510 ? ? ? ? ? ? ? ? ? 
3.62 3.72  ? ? ? ? ? ? 463 ? ? ? ? ? ? ? ? ? ? ? 10.1 1.439 ? ? ? ? ? 9  1 ? ? ? 100.0 ? 0.393 ? ? ? ? ? ? ? ? ? 
3.72 3.84  ? ? ? ? ? ? 442 ? ? ? ? ? ? ? ? ? ? ? 10.0 1.177 ? ? ? ? ? 10 1 ? ? ? 100.0 ? 0.334 ? ? ? ? ? ? ? ? ? 
3.84 3.98  ? ? ? ? ? ? 453 ? ? ? ? ? ? ? ? ? ? ? 9.1  1.470 ? ? ? ? ? 11 1 ? ? ? 100.0 ? 0.399 ? ? ? ? ? ? ? ? ? 
3.98 4.14  ? ? ? ? ? ? 428 ? ? ? ? ? ? ? ? ? ? ? 9.0  1.139 ? ? ? ? ? 12 1 ? ? ? 100.0 ? 0.228 ? ? ? ? ? ? ? ? ? 
4.14 4.33  ? ? ? ? ? ? 439 ? ? ? ? ? ? ? ? ? ? ? 9.2  1.180 ? ? ? ? ? 13 1 ? ? ? 100.0 ? 0.221 ? ? ? ? ? ? ? ? ? 
4.33 4.56  ? ? ? ? ? ? 442 ? ? ? ? ? ? ? ? ? ? ? 9.7  1.157 ? ? ? ? ? 14 1 ? ? ? 100.0 ? 0.204 ? ? ? ? ? ? ? ? ? 
4.56 4.84  ? ? ? ? ? ? 454 ? ? ? ? ? ? ? ? ? ? ? 9.6  1.155 ? ? ? ? ? 15 1 ? ? ? 100.0 ? 0.197 ? ? ? ? ? ? ? ? ? 
4.84 5.21  ? ? ? ? ? ? 439 ? ? ? ? ? ? ? ? ? ? ? 9.0  1.066 ? ? ? ? ? 16 1 ? ? ? 100.0 ? 0.151 ? ? ? ? ? ? ? ? ? 
5.21 5.74  ? ? ? ? ? ? 451 ? ? ? ? ? ? ? ? ? ? ? 8.0  1.337 ? ? ? ? ? 17 1 ? ? ? 100.0 ? 0.133 ? ? ? ? ? ? ? ? ? 
5.74 6.57  ? ? ? ? ? ? 439 ? ? ? ? ? ? ? ? ? ? ? 7.7  1.193 ? ? ? ? ? 18 1 ? ? ? 99.8  ? 0.115 ? ? ? ? ? ? ? ? ? 
6.57 8.27  ? ? ? ? ? ? 467 ? ? ? ? ? ? ? ? ? ? ? 8.7  0.869 ? ? ? ? ? 19 1 ? ? ? 99.6  ? 0.091 ? ? ? ? ? ? ? ? ? 
8.27 50.00 ? ? ? ? ? ? 443 ? ? ? ? ? ? ? ? ? ? ? 7.4  0.885 ? ? ? ? ? 20 1 ? ? ? 99.6  ? 0.104 ? ? ? ? ? ? ? ? ? 
# 
_refine.aniso_B[1][1]                            ? 
_refine.aniso_B[1][2]                            ? 
_refine.aniso_B[1][3]                            ? 
_refine.aniso_B[2][2]                            ? 
_refine.aniso_B[2][3]                            ? 
_refine.aniso_B[3][3]                            ? 
_refine.B_iso_max                                ? 
_refine.B_iso_mean                               ? 
_refine.B_iso_min                                ? 
_refine.correlation_coeff_Fo_to_Fc               ? 
_refine.correlation_coeff_Fo_to_Fc_free          ? 
_refine.details                                  ? 
_refine.diff_density_max                         ? 
_refine.diff_density_max_esd                     ? 
_refine.diff_density_min                         ? 
_refine.diff_density_min_esd                     ? 
_refine.diff_density_rms                         ? 
_refine.diff_density_rms_esd                     ? 
_refine.entry_id                                 7WIA 
_refine.pdbx_refine_id                           'X-RAY DIFFRACTION' 
_refine.ls_abs_structure_details                 ? 
_refine.ls_abs_structure_Flack                   ? 
_refine.ls_abs_structure_Flack_esd               ? 
_refine.ls_abs_structure_Rogers                  ? 
_refine.ls_abs_structure_Rogers_esd              ? 
_refine.ls_d_res_high                            3.22 
_refine.ls_d_res_low                             18.13 
_refine.ls_extinction_coef                       ? 
_refine.ls_extinction_coef_esd                   ? 
_refine.ls_extinction_expression                 ? 
_refine.ls_extinction_method                     ? 
_refine.ls_goodness_of_fit_all                   ? 
_refine.ls_goodness_of_fit_all_esd               ? 
_refine.ls_goodness_of_fit_obs                   ? 
_refine.ls_goodness_of_fit_obs_esd               ? 
_refine.ls_hydrogen_treatment                    ? 
_refine.ls_matrix_type                           ? 
_refine.ls_number_constraints                    ? 
_refine.ls_number_parameters                     ? 
_refine.ls_number_reflns_all                     ? 
_refine.ls_number_reflns_obs                     3991 
_refine.ls_number_reflns_R_free                  196 
_refine.ls_number_reflns_R_work                  ? 
_refine.ls_number_restraints                     ? 
_refine.ls_percent_reflns_obs                    97.60 
_refine.ls_percent_reflns_R_free                 4.91 
_refine.ls_R_factor_all                          ? 
_refine.ls_R_factor_obs                          0.1716 
_refine.ls_R_factor_R_free                       0.2070 
_refine.ls_R_factor_R_free_error                 ? 
_refine.ls_R_factor_R_free_error_details         ? 
_refine.ls_R_factor_R_work                       0.1698 
_refine.ls_R_Fsqd_factor_obs                     ? 
_refine.ls_R_I_factor_obs                        ? 
_refine.ls_redundancy_reflns_all                 ? 
_refine.ls_redundancy_reflns_obs                 ? 
_refine.ls_restrained_S_all                      ? 
_refine.ls_restrained_S_obs                      ? 
_refine.ls_shift_over_esd_max                    ? 
_refine.ls_shift_over_esd_mean                   ? 
_refine.ls_structure_factor_coef                 ? 
_refine.ls_weighting_details                     ? 
_refine.ls_weighting_scheme                      ? 
_refine.ls_wR_factor_all                         ? 
_refine.ls_wR_factor_obs                         ? 
_refine.ls_wR_factor_R_free                      ? 
_refine.ls_wR_factor_R_work                      ? 
_refine.occupancy_max                            ? 
_refine.occupancy_min                            ? 
_refine.solvent_model_details                    'FLAT BULK SOLVENT MODEL' 
_refine.solvent_model_param_bsol                 ? 
_refine.solvent_model_param_ksol                 ? 
_refine.pdbx_R_complete                          ? 
_refine.ls_R_factor_gt                           ? 
_refine.ls_goodness_of_fit_gt                    ? 
_refine.ls_goodness_of_fit_ref                   ? 
_refine.ls_shift_over_su_max                     ? 
_refine.ls_shift_over_su_max_lt                  ? 
_refine.ls_shift_over_su_mean                    ? 
_refine.ls_shift_over_su_mean_lt                 ? 
_refine.pdbx_ls_sigma_I                          ? 
_refine.pdbx_ls_sigma_F                          1.35 
_refine.pdbx_ls_sigma_Fsqd                       ? 
_refine.pdbx_data_cutoff_high_absF               ? 
_refine.pdbx_data_cutoff_high_rms_absF           ? 
_refine.pdbx_data_cutoff_low_absF                ? 
_refine.pdbx_isotropic_thermal_model             ? 
_refine.pdbx_ls_cross_valid_method               THROUGHOUT 
_refine.pdbx_method_to_determine_struct          'MOLECULAR REPLACEMENT' 
_refine.pdbx_starting_model                      7WI9 
_refine.pdbx_stereochemistry_target_values       ML 
_refine.pdbx_R_Free_selection_details            ? 
_refine.pdbx_stereochem_target_val_spec_case     ? 
_refine.pdbx_overall_ESU_R                       ? 
_refine.pdbx_overall_ESU_R_Free                  ? 
_refine.pdbx_solvent_vdw_probe_radii             1.10 
_refine.pdbx_solvent_ion_probe_radii             ? 
_refine.pdbx_solvent_shrinkage_radii             0.90 
_refine.pdbx_real_space_R                        ? 
_refine.pdbx_density_correlation                 ? 
_refine.pdbx_pd_number_of_powder_patterns        ? 
_refine.pdbx_pd_number_of_points                 ? 
_refine.pdbx_pd_meas_number_of_points            ? 
_refine.pdbx_pd_proc_ls_prof_R_factor            ? 
_refine.pdbx_pd_proc_ls_prof_wR_factor           ? 
_refine.pdbx_pd_Marquardt_correlation_coeff      ? 
_refine.pdbx_pd_Fsqrd_R_factor                   ? 
_refine.pdbx_pd_ls_matrix_band_width             ? 
_refine.pdbx_overall_phase_error                 18.11 
_refine.pdbx_overall_SU_R_free_Cruickshank_DPI   ? 
_refine.pdbx_overall_SU_R_free_Blow_DPI          ? 
_refine.pdbx_overall_SU_R_Blow_DPI               ? 
_refine.pdbx_TLS_residual_ADP_flag               ? 
_refine.pdbx_diffrn_id                           1 
_refine.overall_SU_B                             ? 
_refine.overall_SU_ML                            0.34 
_refine.overall_SU_R_Cruickshank_DPI             ? 
_refine.overall_SU_R_free                        ? 
_refine.overall_FOM_free_R_set                   ? 
_refine.overall_FOM_work_R_set                   ? 
_refine.pdbx_average_fsc_overall                 ? 
_refine.pdbx_average_fsc_work                    ? 
_refine.pdbx_average_fsc_free                    ? 
# 
_refine_hist.pdbx_refine_id                   'X-RAY DIFFRACTION' 
_refine_hist.cycle_id                         LAST 
_refine_hist.details                          ? 
_refine_hist.d_res_high                       3.22 
_refine_hist.d_res_low                        18.13 
_refine_hist.number_atoms_solvent             0 
_refine_hist.number_atoms_total               1082 
_refine_hist.number_reflns_all                ? 
_refine_hist.number_reflns_obs                ? 
_refine_hist.number_reflns_R_free             ? 
_refine_hist.number_reflns_R_work             ? 
_refine_hist.R_factor_all                     ? 
_refine_hist.R_factor_obs                     ? 
_refine_hist.R_factor_R_free                  ? 
_refine_hist.R_factor_R_work                  ? 
_refine_hist.pdbx_number_residues_total       ? 
_refine_hist.pdbx_B_iso_mean_ligand           ? 
_refine_hist.pdbx_B_iso_mean_solvent          ? 
_refine_hist.pdbx_number_atoms_protein        0 
_refine_hist.pdbx_number_atoms_nucleic_acid   1082 
_refine_hist.pdbx_number_atoms_ligand         0 
_refine_hist.pdbx_number_atoms_lipid          ? 
_refine_hist.pdbx_number_atoms_carb           ? 
_refine_hist.pdbx_pseudo_atom_details         ? 
# 
loop_
_refine_ls_restr.pdbx_refine_id 
_refine_ls_restr.criterion 
_refine_ls_restr.dev_ideal 
_refine_ls_restr.dev_ideal_target 
_refine_ls_restr.number 
_refine_ls_restr.rejects 
_refine_ls_restr.type 
_refine_ls_restr.weight 
_refine_ls_restr.pdbx_restraint_function 
'X-RAY DIFFRACTION' ? 0.001  ? 1209 ? f_bond_d           ? ? 
'X-RAY DIFFRACTION' ? 0.449  ? 1887 ? f_angle_d          ? ? 
'X-RAY DIFFRACTION' ? 11.243 ? 611  ? f_dihedral_angle_d ? ? 
'X-RAY DIFFRACTION' ? 0.025  ? 252  ? f_chiral_restr     ? ? 
'X-RAY DIFFRACTION' ? 0.002  ? 50   ? f_plane_restr      ? ? 
# 
_refine_ls_shell.R_factor_R_free                  0.230 
_refine_ls_shell.R_factor_R_free_error            ? 
_refine_ls_shell.R_factor_R_work                  0.172 
_refine_ls_shell.R_factor_all                     ? 
_refine_ls_shell.R_factor_obs                     ? 
_refine_ls_shell.d_res_high                       3.22 
_refine_ls_shell.d_res_low                        3.34 
_refine_ls_shell.number_reflns_R_free             ? 
_refine_ls_shell.number_reflns_R_work             ? 
_refine_ls_shell.number_reflns_all                ? 
_refine_ls_shell.number_reflns_obs                323 
_refine_ls_shell.pdbx_R_complete                  ? 
_refine_ls_shell.pdbx_fsc_free                    ? 
_refine_ls_shell.pdbx_fsc_work                    ? 
_refine_ls_shell.pdbx_phase_error                 ? 
_refine_ls_shell.pdbx_refine_id                   'X-RAY DIFFRACTION' 
_refine_ls_shell.pdbx_total_number_of_bins_used   ? 
_refine_ls_shell.percent_reflns_R_free            ? 
_refine_ls_shell.percent_reflns_obs               100 
_refine_ls_shell.redundancy_reflns_all            ? 
_refine_ls_shell.redundancy_reflns_obs            ? 
_refine_ls_shell.wR_factor_R_free                 ? 
_refine_ls_shell.wR_factor_R_work                 ? 
_refine_ls_shell.wR_factor_all                    ? 
_refine_ls_shell.wR_factor_obs                    ? 
# 
_struct.entry_id                     7WIA 
_struct.title                        'The apo-form of THF-II C22G riboswitch' 
_struct.pdbx_model_details           ? 
_struct.pdbx_formula_weight          ? 
_struct.pdbx_formula_weight_method   ? 
_struct.pdbx_model_type_details      ? 
_struct.pdbx_CASP_flag               N 
# 
_struct_keywords.entry_id        7WIA 
_struct_keywords.text            'apo form, RNA' 
_struct_keywords.pdbx_keywords   RNA 
# 
_struct_asym.id                            A 
_struct_asym.pdbx_blank_PDB_chainid_flag   N 
_struct_asym.pdbx_modified                 N 
_struct_asym.entity_id                     1 
_struct_asym.details                       ? 
# 
_struct_ref.id                         1 
_struct_ref.db_name                    PDB 
_struct_ref.db_code                    7WIA 
_struct_ref.pdbx_db_accession          7WIA 
_struct_ref.pdbx_db_isoform            ? 
_struct_ref.entity_id                  1 
_struct_ref.pdbx_seq_one_letter_code   ? 
_struct_ref.pdbx_align_begin           1 
# 
_struct_ref_seq.align_id                      1 
_struct_ref_seq.ref_id                        1 
_struct_ref_seq.pdbx_PDB_id_code              7WIA 
_struct_ref_seq.pdbx_strand_id                V 
_struct_ref_seq.seq_align_beg                 1 
_struct_ref_seq.pdbx_seq_align_beg_ins_code   ? 
_struct_ref_seq.seq_align_end                 50 
_struct_ref_seq.pdbx_seq_align_end_ins_code   ? 
_struct_ref_seq.pdbx_db_accession             7WIA 
_struct_ref_seq.db_align_beg                  6 
_struct_ref_seq.pdbx_db_align_beg_ins_code    ? 
_struct_ref_seq.db_align_end                  56 
_struct_ref_seq.pdbx_db_align_end_ins_code    ? 
_struct_ref_seq.pdbx_auth_seq_align_beg       6 
_struct_ref_seq.pdbx_auth_seq_align_end       56 
# 
_pdbx_struct_assembly.id                   1 
_pdbx_struct_assembly.details              author_defined_assembly 
_pdbx_struct_assembly.method_details       ? 
_pdbx_struct_assembly.oligomeric_details   monomeric 
_pdbx_struct_assembly.oligomeric_count     1 
# 
_pdbx_struct_assembly_gen.assembly_id       1 
_pdbx_struct_assembly_gen.oper_expression   1 
_pdbx_struct_assembly_gen.asym_id_list      A 
# 
_pdbx_struct_assembly_auth_evidence.id                     1 
_pdbx_struct_assembly_auth_evidence.assembly_id            1 
_pdbx_struct_assembly_auth_evidence.experimental_support   none 
_pdbx_struct_assembly_auth_evidence.details                ? 
# 
_pdbx_struct_oper_list.id                   1 
_pdbx_struct_oper_list.type                 'identity operation' 
_pdbx_struct_oper_list.name                 1_555 
_pdbx_struct_oper_list.symmetry_operation   x,y,z 
_pdbx_struct_oper_list.matrix[1][1]         1.0000000000 
_pdbx_struct_oper_list.matrix[1][2]         0.0000000000 
_pdbx_struct_oper_list.matrix[1][3]         0.0000000000 
_pdbx_struct_oper_list.vector[1]            0.0000000000 
_pdbx_struct_oper_list.matrix[2][1]         0.0000000000 
_pdbx_struct_oper_list.matrix[2][2]         1.0000000000 
_pdbx_struct_oper_list.matrix[2][3]         0.0000000000 
_pdbx_struct_oper_list.vector[2]            0.0000000000 
_pdbx_struct_oper_list.matrix[3][1]         0.0000000000 
_pdbx_struct_oper_list.matrix[3][2]         0.0000000000 
_pdbx_struct_oper_list.matrix[3][3]         1.0000000000 
_pdbx_struct_oper_list.vector[3]            0.0000000000 
# 
loop_
_struct_conn.id 
_struct_conn.conn_type_id 
_struct_conn.pdbx_leaving_atom_flag 
_struct_conn.pdbx_PDB_id 
_struct_conn.ptnr1_label_asym_id 
_struct_conn.ptnr1_label_comp_id 
_struct_conn.ptnr1_label_seq_id 
_struct_conn.ptnr1_label_atom_id 
_struct_conn.pdbx_ptnr1_label_alt_id 
_struct_conn.pdbx_ptnr1_PDB_ins_code 
_struct_conn.pdbx_ptnr1_standard_comp_id 
_struct_conn.ptnr1_symmetry 
_struct_conn.ptnr2_label_asym_id 
_struct_conn.ptnr2_label_comp_id 
_struct_conn.ptnr2_label_seq_id 
_struct_conn.ptnr2_label_atom_id 
_struct_conn.pdbx_ptnr2_label_alt_id 
_struct_conn.pdbx_ptnr2_PDB_ins_code 
_struct_conn.ptnr1_auth_asym_id 
_struct_conn.ptnr1_auth_comp_id 
_struct_conn.ptnr1_auth_seq_id 
_struct_conn.ptnr2_auth_asym_id 
_struct_conn.ptnr2_auth_comp_id 
_struct_conn.ptnr2_auth_seq_id 
_struct_conn.ptnr2_symmetry 
_struct_conn.pdbx_ptnr3_label_atom_id 
_struct_conn.pdbx_ptnr3_label_seq_id 
_struct_conn.pdbx_ptnr3_label_comp_id 
_struct_conn.pdbx_ptnr3_label_asym_id 
_struct_conn.pdbx_ptnr3_label_alt_id 
_struct_conn.pdbx_ptnr3_PDB_ins_code 
_struct_conn.details 
_struct_conn.pdbx_dist_value 
_struct_conn.pdbx_value_order 
_struct_conn.pdbx_role 
covale1  covale both ? A GTP 1  "O3'" ? ? ? 1_555 A G 2  P  ? ? V GTP 6  V G 7  1_555 ? ? ? ? ? ? ?             1.597 ? ? 
hydrog1  hydrog ?    ? A GTP 1  N1    ? ? ? 1_555 A C 50 N3 ? ? V GTP 6  V C 56 1_555 ? ? ? ? ? ? WATSON-CRICK  ?     ? ? 
hydrog2  hydrog ?    ? A GTP 1  N2    ? ? ? 1_555 A C 50 O2 ? ? V GTP 6  V C 56 1_555 ? ? ? ? ? ? WATSON-CRICK  ?     ? ? 
hydrog3  hydrog ?    ? A GTP 1  O6    ? ? ? 1_555 A C 50 N4 ? ? V GTP 6  V C 56 1_555 ? ? ? ? ? ? WATSON-CRICK  ?     ? ? 
hydrog4  hydrog ?    ? A G   2  N1    ? ? ? 1_555 A C 49 N3 ? ? V G   7  V C 55 1_555 ? ? ? ? ? ? WATSON-CRICK  ?     ? ? 
hydrog5  hydrog ?    ? A G   2  N2    ? ? ? 1_555 A C 49 O2 ? ? V G   7  V C 55 1_555 ? ? ? ? ? ? WATSON-CRICK  ?     ? ? 
hydrog6  hydrog ?    ? A G   2  O6    ? ? ? 1_555 A C 49 N4 ? ? V G   7  V C 55 1_555 ? ? ? ? ? ? WATSON-CRICK  ?     ? ? 
hydrog7  hydrog ?    ? A C   3  N3    ? ? ? 1_555 A G 48 N1 ? ? V C   8  V G 54 1_555 ? ? ? ? ? ? WATSON-CRICK  ?     ? ? 
hydrog8  hydrog ?    ? A C   3  N4    ? ? ? 1_555 A G 48 O6 ? ? V C   8  V G 54 1_555 ? ? ? ? ? ? WATSON-CRICK  ?     ? ? 
hydrog9  hydrog ?    ? A C   3  O2    ? ? ? 1_555 A G 48 N2 ? ? V C   8  V G 54 1_555 ? ? ? ? ? ? WATSON-CRICK  ?     ? ? 
hydrog10 hydrog ?    ? A G   4  N1    ? ? ? 1_555 A C 47 N3 ? ? V G   9  V C 53 1_555 ? ? ? ? ? ? WATSON-CRICK  ?     ? ? 
hydrog11 hydrog ?    ? A G   4  N2    ? ? ? 1_555 A C 47 O2 ? ? V G   9  V C 53 1_555 ? ? ? ? ? ? WATSON-CRICK  ?     ? ? 
hydrog12 hydrog ?    ? A G   4  O6    ? ? ? 1_555 A C 47 N4 ? ? V G   9  V C 53 1_555 ? ? ? ? ? ? WATSON-CRICK  ?     ? ? 
hydrog13 hydrog ?    ? A U   5  N3    ? ? ? 1_555 A A 46 N1 ? ? V U   10 V A 52 1_555 ? ? ? ? ? ? WATSON-CRICK  ?     ? ? 
hydrog14 hydrog ?    ? A U   5  O4    ? ? ? 1_555 A A 46 N6 ? ? V U   10 V A 52 1_555 ? ? ? ? ? ? WATSON-CRICK  ?     ? ? 
hydrog15 hydrog ?    ? A G   6  N7    ? ? ? 1_555 A G 45 N2 ? ? V G   11 V G 51 1_555 ? ? ? ? ? ? TYPE_6_PAIR   ?     ? ? 
hydrog16 hydrog ?    ? A G   6  O6    ? ? ? 1_555 A G 45 N1 ? ? V G   11 V G 51 1_555 ? ? ? ? ? ? TYPE_6_PAIR   ?     ? ? 
hydrog17 hydrog ?    ? A G   7  N1    ? ? ? 1_555 A A 44 N1 ? ? V G   12 V A 50 1_555 ? ? ? ? ? ? TYPE_8_PAIR   ?     ? ? 
hydrog18 hydrog ?    ? A G   7  O6    ? ? ? 1_555 A A 44 N6 ? ? V G   12 V A 50 1_555 ? ? ? ? ? ? TYPE_8_PAIR   ?     ? ? 
hydrog19 hydrog ?    ? A U   8  N3    ? ? ? 1_555 A G 43 O6 ? ? V U   13 V G 49 1_555 ? ? ? ? ? ? TYPE_28_PAIR  ?     ? ? 
hydrog20 hydrog ?    ? A U   8  O2    ? ? ? 1_555 A G 43 N1 ? ? V U   13 V G 49 1_555 ? ? ? ? ? ? TYPE_28_PAIR  ?     ? ? 
hydrog21 hydrog ?    ? A C   9  N3    ? ? ? 1_555 A G 42 N1 ? ? V C   14 V G 48 1_555 ? ? ? ? ? ? WATSON-CRICK  ?     ? ? 
hydrog22 hydrog ?    ? A C   9  N4    ? ? ? 1_555 A G 42 O6 ? ? V C   14 V G 48 1_555 ? ? ? ? ? ? WATSON-CRICK  ?     ? ? 
hydrog23 hydrog ?    ? A C   9  O2    ? ? ? 1_555 A G 42 N2 ? ? V C   14 V G 48 1_555 ? ? ? ? ? ? WATSON-CRICK  ?     ? ? 
hydrog24 hydrog ?    ? A C   10 N3    ? ? ? 1_555 A G 41 N1 ? ? V C   15 V G 47 1_555 ? ? ? ? ? ? WATSON-CRICK  ?     ? ? 
hydrog25 hydrog ?    ? A C   10 N4    ? ? ? 1_555 A G 41 O6 ? ? V C   15 V G 47 1_555 ? ? ? ? ? ? WATSON-CRICK  ?     ? ? 
hydrog26 hydrog ?    ? A C   10 O2    ? ? ? 1_555 A G 41 N2 ? ? V C   15 V G 47 1_555 ? ? ? ? ? ? WATSON-CRICK  ?     ? ? 
hydrog27 hydrog ?    ? A G   11 N1    ? ? ? 1_555 A C 40 N3 ? ? V G   16 V C 46 1_555 ? ? ? ? ? ? WATSON-CRICK  ?     ? ? 
hydrog28 hydrog ?    ? A G   11 N2    ? ? ? 1_555 A C 40 O2 ? ? V G   16 V C 46 1_555 ? ? ? ? ? ? WATSON-CRICK  ?     ? ? 
hydrog29 hydrog ?    ? A G   11 O6    ? ? ? 1_555 A C 40 N4 ? ? V G   16 V C 46 1_555 ? ? ? ? ? ? WATSON-CRICK  ?     ? ? 
hydrog30 hydrog ?    ? A U   12 O2    ? ? ? 1_555 A A 15 N6 ? ? V U   17 V A 20 1_555 ? ? ? ? ? ? 'U-A PAIR'    ?     ? ? 
hydrog31 hydrog ?    ? A U   12 N3    ? ? ? 1_555 A A 39 N1 ? ? V U   17 V A 45 1_555 ? ? ? ? ? ? WATSON-CRICK  ?     ? ? 
hydrog32 hydrog ?    ? A U   12 O4    ? ? ? 1_555 A A 39 N6 ? ? V U   17 V A 45 1_555 ? ? ? ? ? ? WATSON-CRICK  ?     ? ? 
hydrog33 hydrog ?    ? A U   13 N3    ? ? ? 1_555 A A 16 N7 ? ? V U   18 V A 21 1_555 ? ? ? ? ? ? HOOGSTEEN     ?     ? ? 
hydrog34 hydrog ?    ? A U   13 O4    ? ? ? 1_555 A A 16 N6 ? ? V U   18 V A 21 1_555 ? ? ? ? ? ? HOOGSTEEN     ?     ? ? 
hydrog35 hydrog ?    ? A A   15 N6    ? ? ? 1_555 A C 40 O2 ? ? V A   20 V C 46 1_555 ? ? ? ? ? ? 'A-C MISPAIR' ?     ? ? 
hydrog36 hydrog ?    ? A A   16 N6    ? ? ? 1_555 A A 39 N3 ? ? V A   21 V A 45 1_555 ? ? ? ? ? ? 'A-A MISPAIR' ?     ? ? 
hydrog37 hydrog ?    ? A G   17 N2    ? ? ? 1_555 A U 38 O2 ? ? V G   22 V U 44 1_555 ? ? ? ? ? ? 'G-U MISPAIR' ?     ? ? 
hydrog38 hydrog ?    ? A G   20 N1    ? ? ? 1_555 A C 37 N3 ? ? V G   25 V C 43 1_555 ? ? ? ? ? ? WATSON-CRICK  ?     ? ? 
hydrog39 hydrog ?    ? A G   20 N2    ? ? ? 1_555 A C 37 O2 ? ? V G   25 V C 43 1_555 ? ? ? ? ? ? WATSON-CRICK  ?     ? ? 
hydrog40 hydrog ?    ? A G   20 O6    ? ? ? 1_555 A C 37 N4 ? ? V G   25 V C 43 1_555 ? ? ? ? ? ? WATSON-CRICK  ?     ? ? 
hydrog41 hydrog ?    ? A U   21 N3    ? ? ? 1_555 A A 36 N1 ? ? V U   26 V A 42 1_555 ? ? ? ? ? ? WATSON-CRICK  ?     ? ? 
hydrog42 hydrog ?    ? A U   21 O4    ? ? ? 1_555 A A 36 N6 ? ? V U   26 V A 42 1_555 ? ? ? ? ? ? WATSON-CRICK  ?     ? ? 
hydrog43 hydrog ?    ? A U   22 N3    ? ? ? 1_555 A A 35 N1 ? ? V U   27 V A 41 1_555 ? ? ? ? ? ? WATSON-CRICK  ?     ? ? 
hydrog44 hydrog ?    ? A U   22 O4    ? ? ? 1_555 A A 35 N6 ? ? V U   27 V A 41 1_555 ? ? ? ? ? ? WATSON-CRICK  ?     ? ? 
hydrog45 hydrog ?    ? A C   23 N3    ? ? ? 1_555 A G 34 N1 ? ? V C   28 V G 40 1_555 ? ? ? ? ? ? WATSON-CRICK  ?     ? ? 
hydrog46 hydrog ?    ? A C   23 N4    ? ? ? 1_555 A G 34 O6 ? ? V C   28 V G 40 1_555 ? ? ? ? ? ? WATSON-CRICK  ?     ? ? 
hydrog47 hydrog ?    ? A C   23 O2    ? ? ? 1_555 A G 34 N2 ? ? V C   28 V G 40 1_555 ? ? ? ? ? ? WATSON-CRICK  ?     ? ? 
hydrog48 hydrog ?    ? A C   24 N3    ? ? ? 1_555 A G 33 N1 ? ? V C   29 V G 39 1_555 ? ? ? ? ? ? WATSON-CRICK  ?     ? ? 
hydrog49 hydrog ?    ? A C   24 N4    ? ? ? 1_555 A G 33 O6 ? ? V C   29 V G 39 1_555 ? ? ? ? ? ? WATSON-CRICK  ?     ? ? 
hydrog50 hydrog ?    ? A C   24 O2    ? ? ? 1_555 A G 33 N2 ? ? V C   29 V G 39 1_555 ? ? ? ? ? ? WATSON-CRICK  ?     ? ? 
hydrog51 hydrog ?    ? A U   25 N3    ? ? ? 1_555 A A 32 N1 ? ? V U   30 V A 38 1_555 ? ? ? ? ? ? WATSON-CRICK  ?     ? ? 
hydrog52 hydrog ?    ? A U   25 O4    ? ? ? 1_555 A A 32 N6 ? ? V U   30 V A 38 1_555 ? ? ? ? ? ? WATSON-CRICK  ?     ? ? 
hydrog53 hydrog ?    ? A C   26 N3    ? ? ? 1_555 A G 31 N1 ? ? V C   31 V G 37 1_555 ? ? ? ? ? ? WATSON-CRICK  ?     ? ? 
hydrog54 hydrog ?    ? A C   26 N4    ? ? ? 1_555 A G 31 O6 ? ? V C   31 V G 37 1_555 ? ? ? ? ? ? WATSON-CRICK  ?     ? ? 
hydrog55 hydrog ?    ? A C   26 O2    ? ? ? 1_555 A G 31 N2 ? ? V C   31 V G 37 1_555 ? ? ? ? ? ? WATSON-CRICK  ?     ? ? 
hydrog56 hydrog ?    ? A G   27 N2    ? ? ? 1_555 A A 30 N7 ? ? V G   32 V A 35 1_555 ? ? ? ? ? ? 'G-A MISPAIR' ?     ? ? 
# 
loop_
_struct_conn_type.id 
_struct_conn_type.criteria 
_struct_conn_type.reference 
covale ? ? 
hydrog ? ? 
# 
_pdbx_entry_details.entry_id                 7WIA 
_pdbx_entry_details.nonpolymer_details       ? 
_pdbx_entry_details.sequence_details         ? 
_pdbx_entry_details.compound_details         ? 
_pdbx_entry_details.source_details           ? 
_pdbx_entry_details.has_ligand_of_interest   N 
# 
loop_
_chem_comp_atom.comp_id 
_chem_comp_atom.atom_id 
_chem_comp_atom.type_symbol 
_chem_comp_atom.pdbx_aromatic_flag 
_chem_comp_atom.pdbx_stereo_config 
_chem_comp_atom.pdbx_ordinal 
A   OP3    O N N 1   
A   P      P N N 2   
A   OP1    O N N 3   
A   OP2    O N N 4   
A   "O5'"  O N N 5   
A   "C5'"  C N N 6   
A   "C4'"  C N R 7   
A   "O4'"  O N N 8   
A   "C3'"  C N S 9   
A   "O3'"  O N N 10  
A   "C2'"  C N R 11  
A   "O2'"  O N N 12  
A   "C1'"  C N R 13  
A   N9     N Y N 14  
A   C8     C Y N 15  
A   N7     N Y N 16  
A   C5     C Y N 17  
A   C6     C Y N 18  
A   N6     N N N 19  
A   N1     N Y N 20  
A   C2     C Y N 21  
A   N3     N Y N 22  
A   C4     C Y N 23  
A   HOP3   H N N 24  
A   HOP2   H N N 25  
A   "H5'"  H N N 26  
A   "H5''" H N N 27  
A   "H4'"  H N N 28  
A   "H3'"  H N N 29  
A   "HO3'" H N N 30  
A   "H2'"  H N N 31  
A   "HO2'" H N N 32  
A   "H1'"  H N N 33  
A   H8     H N N 34  
A   H61    H N N 35  
A   H62    H N N 36  
A   H2     H N N 37  
C   OP3    O N N 38  
C   P      P N N 39  
C   OP1    O N N 40  
C   OP2    O N N 41  
C   "O5'"  O N N 42  
C   "C5'"  C N N 43  
C   "C4'"  C N R 44  
C   "O4'"  O N N 45  
C   "C3'"  C N S 46  
C   "O3'"  O N N 47  
C   "C2'"  C N R 48  
C   "O2'"  O N N 49  
C   "C1'"  C N R 50  
C   N1     N N N 51  
C   C2     C N N 52  
C   O2     O N N 53  
C   N3     N N N 54  
C   C4     C N N 55  
C   N4     N N N 56  
C   C5     C N N 57  
C   C6     C N N 58  
C   HOP3   H N N 59  
C   HOP2   H N N 60  
C   "H5'"  H N N 61  
C   "H5''" H N N 62  
C   "H4'"  H N N 63  
C   "H3'"  H N N 64  
C   "HO3'" H N N 65  
C   "H2'"  H N N 66  
C   "HO2'" H N N 67  
C   "H1'"  H N N 68  
C   H41    H N N 69  
C   H42    H N N 70  
C   H5     H N N 71  
C   H6     H N N 72  
G   OP3    O N N 73  
G   P      P N N 74  
G   OP1    O N N 75  
G   OP2    O N N 76  
G   "O5'"  O N N 77  
G   "C5'"  C N N 78  
G   "C4'"  C N R 79  
G   "O4'"  O N N 80  
G   "C3'"  C N S 81  
G   "O3'"  O N N 82  
G   "C2'"  C N R 83  
G   "O2'"  O N N 84  
G   "C1'"  C N R 85  
G   N9     N Y N 86  
G   C8     C Y N 87  
G   N7     N Y N 88  
G   C5     C Y N 89  
G   C6     C N N 90  
G   O6     O N N 91  
G   N1     N N N 92  
G   C2     C N N 93  
G   N2     N N N 94  
G   N3     N N N 95  
G   C4     C Y N 96  
G   HOP3   H N N 97  
G   HOP2   H N N 98  
G   "H5'"  H N N 99  
G   "H5''" H N N 100 
G   "H4'"  H N N 101 
G   "H3'"  H N N 102 
G   "HO3'" H N N 103 
G   "H2'"  H N N 104 
G   "HO2'" H N N 105 
G   "H1'"  H N N 106 
G   H8     H N N 107 
G   H1     H N N 108 
G   H21    H N N 109 
G   H22    H N N 110 
GTP PG     P N N 111 
GTP O1G    O N N 112 
GTP O2G    O N N 113 
GTP O3G    O N N 114 
GTP O3B    O N N 115 
GTP PB     P N N 116 
GTP O1B    O N N 117 
GTP O2B    O N N 118 
GTP O3A    O N N 119 
GTP PA     P N N 120 
GTP O1A    O N N 121 
GTP O2A    O N N 122 
GTP "O5'"  O N N 123 
GTP "C5'"  C N N 124 
GTP "C4'"  C N R 125 
GTP "O4'"  O N N 126 
GTP "C3'"  C N S 127 
GTP "O3'"  O N N 128 
GTP "C2'"  C N R 129 
GTP "O2'"  O N N 130 
GTP "C1'"  C N R 131 
GTP N9     N Y N 132 
GTP C8     C Y N 133 
GTP N7     N Y N 134 
GTP C5     C Y N 135 
GTP C6     C N N 136 
GTP O6     O N N 137 
GTP N1     N N N 138 
GTP C2     C N N 139 
GTP N2     N N N 140 
GTP N3     N N N 141 
GTP C4     C Y N 142 
GTP HOG2   H N N 143 
GTP HOG3   H N N 144 
GTP HOB2   H N N 145 
GTP HOA2   H N N 146 
GTP "H5'"  H N N 147 
GTP "H5''" H N N 148 
GTP "H4'"  H N N 149 
GTP "H3'"  H N N 150 
GTP "HO3'" H N N 151 
GTP "H2'"  H N N 152 
GTP "HO2'" H N N 153 
GTP "H1'"  H N N 154 
GTP H8     H N N 155 
GTP HN1    H N N 156 
GTP HN21   H N N 157 
GTP HN22   H N N 158 
U   OP3    O N N 159 
U   P      P N N 160 
U   OP1    O N N 161 
U   OP2    O N N 162 
U   "O5'"  O N N 163 
U   "C5'"  C N N 164 
U   "C4'"  C N R 165 
U   "O4'"  O N N 166 
U   "C3'"  C N S 167 
U   "O3'"  O N N 168 
U   "C2'"  C N R 169 
U   "O2'"  O N N 170 
U   "C1'"  C N R 171 
U   N1     N N N 172 
U   C2     C N N 173 
U   O2     O N N 174 
U   N3     N N N 175 
U   C4     C N N 176 
U   O4     O N N 177 
U   C5     C N N 178 
U   C6     C N N 179 
U   HOP3   H N N 180 
U   HOP2   H N N 181 
U   "H5'"  H N N 182 
U   "H5''" H N N 183 
U   "H4'"  H N N 184 
U   "H3'"  H N N 185 
U   "HO3'" H N N 186 
U   "H2'"  H N N 187 
U   "HO2'" H N N 188 
U   "H1'"  H N N 189 
U   H3     H N N 190 
U   H5     H N N 191 
U   H6     H N N 192 
# 
loop_
_chem_comp_bond.comp_id 
_chem_comp_bond.atom_id_1 
_chem_comp_bond.atom_id_2 
_chem_comp_bond.value_order 
_chem_comp_bond.pdbx_aromatic_flag 
_chem_comp_bond.pdbx_stereo_config 
_chem_comp_bond.pdbx_ordinal 
A   OP3   P      sing N N 1   
A   OP3   HOP3   sing N N 2   
A   P     OP1    doub N N 3   
A   P     OP2    sing N N 4   
A   P     "O5'"  sing N N 5   
A   OP2   HOP2   sing N N 6   
A   "O5'" "C5'"  sing N N 7   
A   "C5'" "C4'"  sing N N 8   
A   "C5'" "H5'"  sing N N 9   
A   "C5'" "H5''" sing N N 10  
A   "C4'" "O4'"  sing N N 11  
A   "C4'" "C3'"  sing N N 12  
A   "C4'" "H4'"  sing N N 13  
A   "O4'" "C1'"  sing N N 14  
A   "C3'" "O3'"  sing N N 15  
A   "C3'" "C2'"  sing N N 16  
A   "C3'" "H3'"  sing N N 17  
A   "O3'" "HO3'" sing N N 18  
A   "C2'" "O2'"  sing N N 19  
A   "C2'" "C1'"  sing N N 20  
A   "C2'" "H2'"  sing N N 21  
A   "O2'" "HO2'" sing N N 22  
A   "C1'" N9     sing N N 23  
A   "C1'" "H1'"  sing N N 24  
A   N9    C8     sing Y N 25  
A   N9    C4     sing Y N 26  
A   C8    N7     doub Y N 27  
A   C8    H8     sing N N 28  
A   N7    C5     sing Y N 29  
A   C5    C6     sing Y N 30  
A   C5    C4     doub Y N 31  
A   C6    N6     sing N N 32  
A   C6    N1     doub Y N 33  
A   N6    H61    sing N N 34  
A   N6    H62    sing N N 35  
A   N1    C2     sing Y N 36  
A   C2    N3     doub Y N 37  
A   C2    H2     sing N N 38  
A   N3    C4     sing Y N 39  
C   OP3   P      sing N N 40  
C   OP3   HOP3   sing N N 41  
C   P     OP1    doub N N 42  
C   P     OP2    sing N N 43  
C   P     "O5'"  sing N N 44  
C   OP2   HOP2   sing N N 45  
C   "O5'" "C5'"  sing N N 46  
C   "C5'" "C4'"  sing N N 47  
C   "C5'" "H5'"  sing N N 48  
C   "C5'" "H5''" sing N N 49  
C   "C4'" "O4'"  sing N N 50  
C   "C4'" "C3'"  sing N N 51  
C   "C4'" "H4'"  sing N N 52  
C   "O4'" "C1'"  sing N N 53  
C   "C3'" "O3'"  sing N N 54  
C   "C3'" "C2'"  sing N N 55  
C   "C3'" "H3'"  sing N N 56  
C   "O3'" "HO3'" sing N N 57  
C   "C2'" "O2'"  sing N N 58  
C   "C2'" "C1'"  sing N N 59  
C   "C2'" "H2'"  sing N N 60  
C   "O2'" "HO2'" sing N N 61  
C   "C1'" N1     sing N N 62  
C   "C1'" "H1'"  sing N N 63  
C   N1    C2     sing N N 64  
C   N1    C6     sing N N 65  
C   C2    O2     doub N N 66  
C   C2    N3     sing N N 67  
C   N3    C4     doub N N 68  
C   C4    N4     sing N N 69  
C   C4    C5     sing N N 70  
C   N4    H41    sing N N 71  
C   N4    H42    sing N N 72  
C   C5    C6     doub N N 73  
C   C5    H5     sing N N 74  
C   C6    H6     sing N N 75  
G   OP3   P      sing N N 76  
G   OP3   HOP3   sing N N 77  
G   P     OP1    doub N N 78  
G   P     OP2    sing N N 79  
G   P     "O5'"  sing N N 80  
G   OP2   HOP2   sing N N 81  
G   "O5'" "C5'"  sing N N 82  
G   "C5'" "C4'"  sing N N 83  
G   "C5'" "H5'"  sing N N 84  
G   "C5'" "H5''" sing N N 85  
G   "C4'" "O4'"  sing N N 86  
G   "C4'" "C3'"  sing N N 87  
G   "C4'" "H4'"  sing N N 88  
G   "O4'" "C1'"  sing N N 89  
G   "C3'" "O3'"  sing N N 90  
G   "C3'" "C2'"  sing N N 91  
G   "C3'" "H3'"  sing N N 92  
G   "O3'" "HO3'" sing N N 93  
G   "C2'" "O2'"  sing N N 94  
G   "C2'" "C1'"  sing N N 95  
G   "C2'" "H2'"  sing N N 96  
G   "O2'" "HO2'" sing N N 97  
G   "C1'" N9     sing N N 98  
G   "C1'" "H1'"  sing N N 99  
G   N9    C8     sing Y N 100 
G   N9    C4     sing Y N 101 
G   C8    N7     doub Y N 102 
G   C8    H8     sing N N 103 
G   N7    C5     sing Y N 104 
G   C5    C6     sing N N 105 
G   C5    C4     doub Y N 106 
G   C6    O6     doub N N 107 
G   C6    N1     sing N N 108 
G   N1    C2     sing N N 109 
G   N1    H1     sing N N 110 
G   C2    N2     sing N N 111 
G   C2    N3     doub N N 112 
G   N2    H21    sing N N 113 
G   N2    H22    sing N N 114 
G   N3    C4     sing N N 115 
GTP PG    O1G    doub N N 116 
GTP PG    O2G    sing N N 117 
GTP PG    O3G    sing N N 118 
GTP PG    O3B    sing N N 119 
GTP O2G   HOG2   sing N N 120 
GTP O3G   HOG3   sing N N 121 
GTP O3B   PB     sing N N 122 
GTP PB    O1B    doub N N 123 
GTP PB    O2B    sing N N 124 
GTP PB    O3A    sing N N 125 
GTP O2B   HOB2   sing N N 126 
GTP O3A   PA     sing N N 127 
GTP PA    O1A    doub N N 128 
GTP PA    O2A    sing N N 129 
GTP PA    "O5'"  sing N N 130 
GTP O2A   HOA2   sing N N 131 
GTP "O5'" "C5'"  sing N N 132 
GTP "C5'" "C4'"  sing N N 133 
GTP "C5'" "H5'"  sing N N 134 
GTP "C5'" "H5''" sing N N 135 
GTP "C4'" "O4'"  sing N N 136 
GTP "C4'" "C3'"  sing N N 137 
GTP "C4'" "H4'"  sing N N 138 
GTP "O4'" "C1'"  sing N N 139 
GTP "C3'" "O3'"  sing N N 140 
GTP "C3'" "C2'"  sing N N 141 
GTP "C3'" "H3'"  sing N N 142 
GTP "O3'" "HO3'" sing N N 143 
GTP "C2'" "O2'"  sing N N 144 
GTP "C2'" "C1'"  sing N N 145 
GTP "C2'" "H2'"  sing N N 146 
GTP "O2'" "HO2'" sing N N 147 
GTP "C1'" N9     sing N N 148 
GTP "C1'" "H1'"  sing N N 149 
GTP N9    C8     sing Y N 150 
GTP N9    C4     sing Y N 151 
GTP C8    N7     doub Y N 152 
GTP C8    H8     sing N N 153 
GTP N7    C5     sing Y N 154 
GTP C5    C6     sing N N 155 
GTP C5    C4     doub Y N 156 
GTP C6    O6     doub N N 157 
GTP C6    N1     sing N N 158 
GTP N1    C2     sing N N 159 
GTP N1    HN1    sing N N 160 
GTP C2    N2     sing N N 161 
GTP C2    N3     doub N N 162 
GTP N2    HN21   sing N N 163 
GTP N2    HN22   sing N N 164 
GTP N3    C4     sing N N 165 
U   OP3   P      sing N N 166 
U   OP3   HOP3   sing N N 167 
U   P     OP1    doub N N 168 
U   P     OP2    sing N N 169 
U   P     "O5'"  sing N N 170 
U   OP2   HOP2   sing N N 171 
U   "O5'" "C5'"  sing N N 172 
U   "C5'" "C4'"  sing N N 173 
U   "C5'" "H5'"  sing N N 174 
U   "C5'" "H5''" sing N N 175 
U   "C4'" "O4'"  sing N N 176 
U   "C4'" "C3'"  sing N N 177 
U   "C4'" "H4'"  sing N N 178 
U   "O4'" "C1'"  sing N N 179 
U   "C3'" "O3'"  sing N N 180 
U   "C3'" "C2'"  sing N N 181 
U   "C3'" "H3'"  sing N N 182 
U   "O3'" "HO3'" sing N N 183 
U   "C2'" "O2'"  sing N N 184 
U   "C2'" "C1'"  sing N N 185 
U   "C2'" "H2'"  sing N N 186 
U   "O2'" "HO2'" sing N N 187 
U   "C1'" N1     sing N N 188 
U   "C1'" "H1'"  sing N N 189 
U   N1    C2     sing N N 190 
U   N1    C6     sing N N 191 
U   C2    O2     doub N N 192 
U   C2    N3     sing N N 193 
U   N3    C4     sing N N 194 
U   N3    H3     sing N N 195 
U   C4    O4     doub N N 196 
U   C4    C5     sing N N 197 
U   C5    C6     doub N N 198 
U   C5    H5     sing N N 199 
U   C6    H6     sing N N 200 
# 
loop_
_ndb_struct_conf_na.entry_id 
_ndb_struct_conf_na.feature 
7WIA 'double helix'         
7WIA tetraloop              
7WIA 'mismatched base pair' 
7WIA 'quadruple helix'      
# 
loop_
_ndb_struct_na_base_pair.model_number 
_ndb_struct_na_base_pair.i_label_asym_id 
_ndb_struct_na_base_pair.i_label_comp_id 
_ndb_struct_na_base_pair.i_label_seq_id 
_ndb_struct_na_base_pair.i_symmetry 
_ndb_struct_na_base_pair.j_label_asym_id 
_ndb_struct_na_base_pair.j_label_comp_id 
_ndb_struct_na_base_pair.j_label_seq_id 
_ndb_struct_na_base_pair.j_symmetry 
_ndb_struct_na_base_pair.shear 
_ndb_struct_na_base_pair.stretch 
_ndb_struct_na_base_pair.stagger 
_ndb_struct_na_base_pair.buckle 
_ndb_struct_na_base_pair.propeller 
_ndb_struct_na_base_pair.opening 
_ndb_struct_na_base_pair.pair_number 
_ndb_struct_na_base_pair.pair_name 
_ndb_struct_na_base_pair.i_auth_asym_id 
_ndb_struct_na_base_pair.i_auth_seq_id 
_ndb_struct_na_base_pair.i_PDB_ins_code 
_ndb_struct_na_base_pair.j_auth_asym_id 
_ndb_struct_na_base_pair.j_auth_seq_id 
_ndb_struct_na_base_pair.j_PDB_ins_code 
_ndb_struct_na_base_pair.hbond_type_28 
_ndb_struct_na_base_pair.hbond_type_12 
1 A GTP 1  1_555 A C 50 1_555 -1.294 -0.174 0.140  -2.316  -9.002  5.237   1  V_GTP6:C56_V V 6  ? V 56 ? 19 1 
1 A G   2  1_555 A C 49 1_555 0.457  -0.008 0.038  -1.485  -10.127 -1.411  2  V_G7:C55_V   V 7  ? V 55 ? 19 1 
1 A C   3  1_555 A G 48 1_555 0.148  -0.021 -0.109 6.456   -11.257 -3.577  3  V_C8:G54_V   V 8  ? V 54 ? 19 1 
1 A G   4  1_555 A C 47 1_555 0.049  0.033  0.245  -3.254  -13.125 3.006   4  V_G9:C53_V   V 9  ? V 53 ? 19 1 
1 A U   5  1_555 A A 46 1_555 -0.061 0.134  -0.136 -0.477  -21.222 -1.675  5  V_U10:A52_V  V 10 ? V 52 ? 20 1 
1 A G   6  1_555 A G 45 1_555 -1.890 -3.666 -0.202 14.651  1.010   88.518  6  V_G11:G51_V  V 11 ? V 51 ? 6  3 
1 A G   7  1_555 A A 44 1_555 0.076  1.415  -0.440 10.506  -12.778 -13.621 7  V_G12:A50_V  V 12 ? V 50 ? 8  1 
1 A U   8  1_555 A G 43 1_555 1.657  -0.558 -0.109 8.287   -15.481 -0.902  8  V_U13:G49_V  V 13 ? V 49 ? 28 1 
1 A C   9  1_555 A G 42 1_555 0.308  -0.234 -0.204 9.221   -13.522 -4.281  9  V_C14:G48_V  V 14 ? V 48 ? 19 1 
1 A C   10 1_555 A G 41 1_555 -0.137 -0.159 -0.018 4.865   -8.138  2.839   10 V_C15:G47_V  V 15 ? V 47 ? 19 1 
1 A G   11 1_555 A C 40 1_555 -0.268 -0.237 0.204  -4.211  -18.479 0.247   11 V_G16:C46_V  V 16 ? V 46 ? 19 1 
1 A U   12 1_555 A A 39 1_555 0.350  0.089  0.042  6.298   -7.587  3.858   12 V_U17:A45_V  V 17 ? V 45 ? 20 1 
1 A A   16 1_555 A U 13 1_555 0.374  -3.313 0.633  -9.925  1.441   69.168  13 V_A21:U18_V  V 21 ? V 18 ? 23 3 
1 A G   17 1_555 A U 38 1_555 -1.179 3.898  0.804  -2.809  -31.184 70.509  14 V_G22:U44_V  V 22 ? V 44 ? ?  ? 
1 A C   37 1_555 A G 20 1_555 0.556  -0.185 0.385  -0.558  -12.802 1.611   15 V_C43:G25_V  V 43 ? V 25 ? 19 1 
1 A A   36 1_555 A U 21 1_555 0.402  -0.115 0.291  2.575   -14.226 -4.142  16 V_A42:U26_V  V 42 ? V 26 ? 20 1 
1 A A   35 1_555 A U 22 1_555 -0.071 -0.021 0.170  -4.949  -10.174 1.517   17 V_A41:U27_V  V 41 ? V 27 ? 20 1 
1 A G   34 1_555 A C 23 1_555 0.027  0.055  -0.530 -16.369 -10.453 2.796   18 V_G40:C28_V  V 40 ? V 28 ? 19 1 
1 A G   33 1_555 A C 24 1_555 0.413  0.024  -0.261 -7.353  -8.694  3.330   19 V_G39:C29_V  V 39 ? V 29 ? 19 1 
1 A A   32 1_555 A U 25 1_555 0.109  -0.130 -0.018 -1.868  -6.683  0.979   20 V_A38:U30_V  V 38 ? V 30 ? 20 1 
1 A G   31 1_555 A C 26 1_555 -0.416 -0.239 0.114  -2.697  7.130   3.166   21 V_G37:C31_V  V 37 ? V 31 ? 19 1 
1 A A   30 1_555 A G 27 1_555 -6.720 -5.126 1.401  -14.947 7.960   -9.305  22 V_A35:G32_V  V 35 ? V 32 ? ?  ? 
# 
loop_
_ndb_struct_na_base_pair_step.model_number 
_ndb_struct_na_base_pair_step.i_label_asym_id_1 
_ndb_struct_na_base_pair_step.i_label_comp_id_1 
_ndb_struct_na_base_pair_step.i_label_seq_id_1 
_ndb_struct_na_base_pair_step.i_symmetry_1 
_ndb_struct_na_base_pair_step.j_label_asym_id_1 
_ndb_struct_na_base_pair_step.j_label_comp_id_1 
_ndb_struct_na_base_pair_step.j_label_seq_id_1 
_ndb_struct_na_base_pair_step.j_symmetry_1 
_ndb_struct_na_base_pair_step.i_label_asym_id_2 
_ndb_struct_na_base_pair_step.i_label_comp_id_2 
_ndb_struct_na_base_pair_step.i_label_seq_id_2 
_ndb_struct_na_base_pair_step.i_symmetry_2 
_ndb_struct_na_base_pair_step.j_label_asym_id_2 
_ndb_struct_na_base_pair_step.j_label_comp_id_2 
_ndb_struct_na_base_pair_step.j_label_seq_id_2 
_ndb_struct_na_base_pair_step.j_symmetry_2 
_ndb_struct_na_base_pair_step.shift 
_ndb_struct_na_base_pair_step.slide 
_ndb_struct_na_base_pair_step.rise 
_ndb_struct_na_base_pair_step.tilt 
_ndb_struct_na_base_pair_step.roll 
_ndb_struct_na_base_pair_step.twist 
_ndb_struct_na_base_pair_step.x_displacement 
_ndb_struct_na_base_pair_step.y_displacement 
_ndb_struct_na_base_pair_step.helical_rise 
_ndb_struct_na_base_pair_step.inclination 
_ndb_struct_na_base_pair_step.tip 
_ndb_struct_na_base_pair_step.helical_twist 
_ndb_struct_na_base_pair_step.step_number 
_ndb_struct_na_base_pair_step.step_name 
_ndb_struct_na_base_pair_step.i_auth_asym_id_1 
_ndb_struct_na_base_pair_step.i_auth_seq_id_1 
_ndb_struct_na_base_pair_step.i_PDB_ins_code_1 
_ndb_struct_na_base_pair_step.j_auth_asym_id_1 
_ndb_struct_na_base_pair_step.j_auth_seq_id_1 
_ndb_struct_na_base_pair_step.j_PDB_ins_code_1 
_ndb_struct_na_base_pair_step.i_auth_asym_id_2 
_ndb_struct_na_base_pair_step.i_auth_seq_id_2 
_ndb_struct_na_base_pair_step.i_PDB_ins_code_2 
_ndb_struct_na_base_pair_step.j_auth_asym_id_2 
_ndb_struct_na_base_pair_step.j_auth_seq_id_2 
_ndb_struct_na_base_pair_step.j_PDB_ins_code_2 
1 A GTP 1  1_555 A C 50 1_555 A G 2  1_555 A C 49 1_555 -0.737 -1.834 3.311  -3.942  2.488   37.569   -3.150 0.628  3.246  3.845   
6.093   37.846   1  VV_GTP6G7:C55C56_VV V 6  ? V 56 ? V 7  ? V 55 ? 
1 A G   2  1_555 A C 49 1_555 A C 3  1_555 A G 48 1_555 -0.378 -1.736 3.064  -1.111  1.718   31.153   -3.528 0.507  2.977  3.194   
2.066   31.218   2  VV_G7C8:G54C55_VV   V 7  ? V 55 ? V 8  ? V 54 ? 
1 A C   3  1_555 A G 48 1_555 A G 4  1_555 A C 47 1_555 0.251  -1.959 3.348  -1.179  11.788  29.143   -5.633 -0.665 2.383  22.300  
2.230   31.410   3  VV_C8G9:C53G54_VV   V 8  ? V 54 ? V 9  ? V 53 ? 
1 A G   4  1_555 A C 47 1_555 A U 5  1_555 A A 46 1_555 -0.178 -1.577 3.137  4.338   8.899   31.526   -4.123 0.970  2.563  15.896  
-7.749  33.007   4  VV_G9U10:A52C53_VV  V 9  ? V 53 ? V 10 ? V 52 ? 
1 A U   5  1_555 A A 46 1_555 A G 6  1_555 A G 45 1_555 -0.341 3.367  -1.473 169.607 -28.803 -177.106 -1.687 -0.189 -1.450 14.402  
84.805  -179.799 5  VV_U10G11:G51A52_VV V 10 ? V 52 ? V 11 ? V 51 ? 
1 A G   6  1_555 A G 45 1_555 A G 7  1_555 A A 44 1_555 0.106  -3.753 -2.319 134.950 -98.766 125.752  -2.116 -0.377 -1.022 -49.795 
-68.038 174.188  6  VV_G11G12:A50G51_VV V 11 ? V 51 ? V 12 ? V 50 ? 
1 A G   7  1_555 A A 44 1_555 A U 8  1_555 A G 43 1_555 0.493  -1.449 3.222  -2.390  8.511   39.377   -3.002 -0.967 2.828  12.441  
3.493   40.318   7  VV_G12U13:G49A50_VV V 12 ? V 50 ? V 13 ? V 49 ? 
1 A U   8  1_555 A G 43 1_555 A C 9  1_555 A G 42 1_555 0.228  -1.655 3.019  3.068   9.986   32.019   -4.250 0.034  2.419  17.530  
-5.386  33.638   8  VV_U13C14:G48G49_VV V 13 ? V 49 ? V 14 ? V 48 ? 
1 A C   9  1_555 A G 42 1_555 A C 10 1_555 A G 41 1_555 -0.421 -2.455 3.326  -3.554  8.233   25.106   -7.290 0.067  2.446  18.215  
7.863   26.635   9  VV_C14C15:G47G48_VV V 14 ? V 48 ? V 15 ? V 47 ? 
1 A C   10 1_555 A G 41 1_555 A G 11 1_555 A C 40 1_555 0.330  -2.040 3.396  0.291   11.523  29.527   -5.713 -0.556 2.450  21.601  
-0.545  31.651   10 VV_C15G16:C46G47_VV V 15 ? V 47 ? V 16 ? V 46 ? 
1 A G   11 1_555 A C 40 1_555 A U 12 1_555 A A 39 1_555 0.341  -1.407 3.069  2.478   1.913   32.229   -2.836 -0.205 3.000  3.436   
-4.450  32.377   11 VV_G16U17:A45C46_VV V 16 ? V 46 ? V 17 ? V 45 ? 
1 A U   12 1_555 A A 39 1_555 A A 16 1_555 A U 13 1_555 -6.433 -0.746 1.564  29.067  -14.294 9.285    -3.132 7.359  -4.789 -32.845 
-66.790 33.661   12 VV_U17A21:U18A45_VV V 17 ? V 45 ? V 21 ? V 18 ? 
1 A A   16 1_555 A U 13 1_555 A G 17 1_555 A U 38 1_555 3.941  -1.736 3.026  -7.277  24.677  56.236   -2.592 -4.123 1.724  24.797  
7.312   61.402   13 VV_A21G22:U44U18_VV V 21 ? V 18 ? V 22 ? V 44 ? 
1 A G   17 1_555 A U 38 1_555 A C 37 1_555 A G 20 1_555 1.614  3.220  2.773  166.632 3.253   -117.998 -1.625 1.402  1.522  -1.645  
84.261  -173.143 14 VV_G22C43:G25U44_VV V 22 ? V 44 ? V 43 ? V 25 ? 
1 A C   37 1_555 A G 20 1_555 A A 36 1_555 A U 21 1_555 -0.581 1.512  -3.258 -0.269  -6.341  -35.008  -3.360 -0.914 -2.952 10.435  
-0.443  -35.561  15 VV_C43A42:U26G25_VV V 43 ? V 25 ? V 42 ? V 26 ? 
1 A A   36 1_555 A U 21 1_555 A A 35 1_555 A U 22 1_555 0.599  1.259  -2.987 1.313   -3.255  -34.276  -2.581 0.827  -2.879 5.505   
2.220   -34.450  16 VV_A42A41:U27U26_VV V 42 ? V 26 ? V 41 ? V 27 ? 
1 A A   35 1_555 A U 22 1_555 A G 34 1_555 A C 23 1_555 0.464  1.786  -2.981 5.055   -3.427  -27.201  -4.439 -0.113 -2.779 7.173   
10.579  -27.866  17 VV_A41G40:C28U27_VV V 41 ? V 27 ? V 40 ? V 28 ? 
1 A G   34 1_555 A C 23 1_555 A G 33 1_555 A C 24 1_555 -0.257 2.180  -3.611 -2.684  -5.846  -27.814  -5.809 0.114  -3.108 11.959  
-5.490  -28.534  18 VV_G40G39:C29C28_VV V 40 ? V 28 ? V 39 ? V 29 ? 
1 A G   33 1_555 A C 24 1_555 A A 32 1_555 A U 25 1_555 -0.204 1.814  -3.348 -2.288  -9.193  -34.628  -4.207 -0.018 -2.798 15.097  
-3.757  -35.862  19 VV_G39A38:U30C29_VV V 39 ? V 29 ? V 38 ? V 30 ? 
1 A A   32 1_555 A U 25 1_555 A G 31 1_555 A C 26 1_555 0.028  1.833  -3.264 -1.682  -6.974  -32.354  -4.320 0.316  -2.814 12.327  
-2.973  -33.119  20 VV_A38G37:C31U30_VV V 38 ? V 30 ? V 37 ? V 31 ? 
1 A G   31 1_555 A C 26 1_555 A A 30 1_555 A G 27 1_555 -1.808 1.264  -2.787 -1.952  -13.074 -51.905  -2.081 -1.909 -2.486 14.668  
-2.190  -53.449  21 VV_G37A35:G32C31_VV V 37 ? V 31 ? V 35 ? V 32 ? 
# 
_pdbx_audit_support.funding_organization   'National Natural Science Foundation of China (NSFC)' 
_pdbx_audit_support.country                China 
_pdbx_audit_support.grant_number           ? 
_pdbx_audit_support.ordinal                1 
# 
_pdbx_initial_refinement_model.id               1 
_pdbx_initial_refinement_model.entity_id_list   ? 
_pdbx_initial_refinement_model.type             'experimental model' 
_pdbx_initial_refinement_model.source_name      PDB 
_pdbx_initial_refinement_model.accession_code   7WI9 
_pdbx_initial_refinement_model.details          ? 
# 
_atom_sites.entry_id                    7WIA 
_atom_sites.Cartn_transf_matrix[1][1]   ? 
_atom_sites.Cartn_transf_matrix[1][2]   ? 
_atom_sites.Cartn_transf_matrix[1][3]   ? 
_atom_sites.Cartn_transf_matrix[2][1]   ? 
_atom_sites.Cartn_transf_matrix[2][2]   ? 
_atom_sites.Cartn_transf_matrix[2][3]   ? 
_atom_sites.Cartn_transf_matrix[3][1]   ? 
_atom_sites.Cartn_transf_matrix[3][2]   ? 
_atom_sites.Cartn_transf_matrix[3][3]   ? 
_atom_sites.Cartn_transf_vector[1]      ? 
_atom_sites.Cartn_transf_vector[2]      ? 
_atom_sites.Cartn_transf_vector[3]      ? 
_atom_sites.fract_transf_matrix[1][1]   0.00507853 
_atom_sites.fract_transf_matrix[1][2]   0.01492829 
_atom_sites.fract_transf_matrix[1][3]   -0.00732043 
_atom_sites.fract_transf_matrix[2][1]   -0.01168943 
_atom_sites.fract_transf_matrix[2][2]   0.01238392 
_atom_sites.fract_transf_matrix[2][3]   -0.00349773 
_atom_sites.fract_transf_matrix[3][1]   0.00157229 
_atom_sites.fract_transf_matrix[3][2]   0.00422659 
_atom_sites.fract_transf_matrix[3][3]   0.00970991 
_atom_sites.fract_transf_vector[1]      -0.038680 
_atom_sites.fract_transf_vector[2]      0.476839 
_atom_sites.fract_transf_vector[3]      -0.042111 
_atom_sites.solution_primary            ? 
_atom_sites.solution_secondary          ? 
_atom_sites.solution_hydrogens          ? 
_atom_sites.special_details             ? 
# 
loop_
_atom_type.symbol 
C 
N 
O 
P 
# 
loop_
_atom_site.group_PDB 
_atom_site.id 
_atom_site.type_symbol 
_atom_site.label_atom_id 
_atom_site.label_alt_id 
_atom_site.label_comp_id 
_atom_site.label_asym_id 
_atom_site.label_entity_id 
_atom_site.label_seq_id 
_atom_site.pdbx_PDB_ins_code 
_atom_site.Cartn_x 
_atom_site.Cartn_y 
_atom_site.Cartn_z 
_atom_site.occupancy 
_atom_site.B_iso_or_equiv 
_atom_site.pdbx_formal_charge 
_atom_site.auth_seq_id 
_atom_site.auth_comp_id 
_atom_site.auth_asym_id 
_atom_site.auth_atom_id 
_atom_site.pdbx_PDB_model_num 
HETATM 1    P PG    . GTP A 1 1  ? 24.605  11.142  -11.650 1.00 199.51 ? 6  GTP V PG    1 
HETATM 2    O O1G   . GTP A 1 1  ? 23.189  10.621  -11.799 1.00 173.23 ? 6  GTP V O1G   1 
HETATM 3    O O2G   . GTP A 1 1  ? 24.793  12.514  -12.268 1.00 170.34 ? 6  GTP V O2G   1 
HETATM 4    O O3G   . GTP A 1 1  ? 25.649  10.146  -12.115 1.00 154.10 ? 6  GTP V O3G   1 
HETATM 5    O O3B   . GTP A 1 1  ? 24.848  11.340  -10.061 1.00 164.94 ? 6  GTP V O3B   1 
HETATM 6    P PB    . GTP A 1 1  ? 24.917  10.343  -8.810  1.00 184.12 ? 6  GTP V PB    1 
HETATM 7    O O1B   . GTP A 1 1  ? 26.074  9.443   -9.006  1.00 161.87 ? 6  GTP V O1B   1 
HETATM 8    O O2B   . GTP A 1 1  ? 24.805  11.135  -7.566  1.00 167.49 ? 6  GTP V O2B   1 
HETATM 9    O O3A   . GTP A 1 1  ? 23.585  9.469   -8.983  1.00 160.13 ? 6  GTP V O3A   1 
HETATM 10   P PA    . GTP A 1 1  ? 23.311  8.041   -9.649  1.00 162.18 ? 6  GTP V PA    1 
HETATM 11   O O1A   . GTP A 1 1  ? 23.879  8.011   -11.021 1.00 149.51 ? 6  GTP V O1A   1 
HETATM 12   O O2A   . GTP A 1 1  ? 21.878  7.701   -9.468  1.00 163.89 ? 6  GTP V O2A   1 
HETATM 13   O "O5'" . GTP A 1 1  ? 24.199  7.127   -8.682  1.00 150.67 ? 6  GTP V "O5'" 1 
HETATM 14   C "C5'" . GTP A 1 1  ? 24.383  5.753   -9.085  1.00 146.12 ? 6  GTP V "C5'" 1 
HETATM 15   C "C4'" . GTP A 1 1  ? 25.132  5.005   -8.006  1.00 148.84 ? 6  GTP V "C4'" 1 
HETATM 16   O "O4'" . GTP A 1 1  ? 26.347  5.702   -7.661  1.00 152.86 ? 6  GTP V "O4'" 1 
HETATM 17   C "C3'" . GTP A 1 1  ? 24.409  4.836   -6.669  1.00 152.57 ? 6  GTP V "C3'" 1 
HETATM 18   O "O3'" . GTP A 1 1  ? 23.393  3.842   -6.712  1.00 152.86 ? 6  GTP V "O3'" 1 
HETATM 19   C "C2'" . GTP A 1 1  ? 25.594  4.472   -5.773  1.00 147.25 ? 6  GTP V "C2'" 1 
HETATM 20   O "O2'" . GTP A 1 1  ? 26.044  3.162   -6.050  1.00 140.60 ? 6  GTP V "O2'" 1 
HETATM 21   C "C1'" . GTP A 1 1  ? 26.633  5.471   -6.283  1.00 144.95 ? 6  GTP V "C1'" 1 
HETATM 22   N N9    . GTP A 1 1  ? 26.622  6.752   -5.574  1.00 137.64 ? 6  GTP V N9    1 
HETATM 23   C C8    . GTP A 1 1  ? 26.290  7.981   -6.077  1.00 140.64 ? 6  GTP V C8    1 
HETATM 24   N N7    . GTP A 1 1  ? 26.375  8.951   -5.196  1.00 135.39 ? 6  GTP V N7    1 
HETATM 25   C C5    . GTP A 1 1  ? 26.790  8.312   -4.034  1.00 132.19 ? 6  GTP V C5    1 
HETATM 26   C C6    . GTP A 1 1  ? 27.053  8.847   -2.747  1.00 134.26 ? 6  GTP V C6    1 
HETATM 27   O O6    . GTP A 1 1  ? 26.967  10.026  -2.373  1.00 134.50 ? 6  GTP V O6    1 
HETATM 28   N N1    . GTP A 1 1  ? 27.450  7.853   -1.854  1.00 135.00 ? 6  GTP V N1    1 
HETATM 29   C C2    . GTP A 1 1  ? 27.580  6.519   -2.155  1.00 133.86 ? 6  GTP V C2    1 
HETATM 30   N N2    . GTP A 1 1  ? 27.976  5.712   -1.159  1.00 131.03 ? 6  GTP V N2    1 
HETATM 31   N N3    . GTP A 1 1  ? 27.336  6.010   -3.360  1.00 133.07 ? 6  GTP V N3    1 
HETATM 32   C C4    . GTP A 1 1  ? 26.947  6.959   -4.247  1.00 132.00 ? 6  GTP V C4    1 
ATOM   33   P P     . G   A 1 2  ? 22.047  4.048   -5.877  1.00 161.13 ? 7  G   V P     1 
ATOM   34   O OP1   . G   A 1 2  ? 21.046  3.063   -6.356  1.00 175.53 ? 7  G   V OP1   1 
ATOM   35   O OP2   . G   A 1 2  ? 21.715  5.496   -5.882  1.00 157.69 ? 7  G   V OP2   1 
ATOM   36   O "O5'" . G   A 1 2  ? 22.473  3.645   -4.396  1.00 145.43 ? 7  G   V "O5'" 1 
ATOM   37   C "C5'" . G   A 1 2  ? 23.069  2.386   -4.122  1.00 137.79 ? 7  G   V "C5'" 1 
ATOM   38   C "C4'" . G   A 1 2  ? 23.658  2.346   -2.737  1.00 143.94 ? 7  G   V "C4'" 1 
ATOM   39   O "O4'" . G   A 1 2  ? 24.755  3.294   -2.641  1.00 141.75 ? 7  G   V "O4'" 1 
ATOM   40   C "C3'" . G   A 1 2  ? 22.725  2.747   -1.607  1.00 149.07 ? 7  G   V "C3'" 1 
ATOM   41   O "O3'" . G   A 1 2  ? 21.848  1.707   -1.214  1.00 155.02 ? 7  G   V "O3'" 1 
ATOM   42   C "C2'" . G   A 1 2  ? 23.699  3.176   -0.519  1.00 144.43 ? 7  G   V "C2'" 1 
ATOM   43   O "O2'" . G   A 1 2  ? 24.274  2.045   0.120   1.00 144.20 ? 7  G   V "O2'" 1 
ATOM   44   C "C1'" . G   A 1 2  ? 24.785  3.860   -1.348  1.00 142.52 ? 7  G   V "C1'" 1 
ATOM   45   N N9    . G   A 1 2  ? 24.552  5.312   -1.464  1.00 142.84 ? 7  G   V N9    1 
ATOM   46   C C8    . G   A 1 2  ? 24.174  6.003   -2.590  1.00 143.38 ? 7  G   V C8    1 
ATOM   47   N N7    . G   A 1 2  ? 24.048  7.288   -2.385  1.00 139.37 ? 7  G   V N7    1 
ATOM   48   C C5    . G   A 1 2  ? 24.361  7.453   -1.043  1.00 140.09 ? 7  G   V C5    1 
ATOM   49   C C6    . G   A 1 2  ? 24.400  8.628   -0.246  1.00 141.81 ? 7  G   V C6    1 
ATOM   50   O O6    . G   A 1 2  ? 24.155  9.795   -0.575  1.00 138.68 ? 7  G   V O6    1 
ATOM   51   N N1    . G   A 1 2  ? 24.769  8.339   1.065   1.00 142.07 ? 7  G   V N1    1 
ATOM   52   C C2    . G   A 1 2  ? 25.064  7.087   1.549   1.00 140.70 ? 7  G   V C2    1 
ATOM   53   N N2    . G   A 1 2  ? 25.400  7.015   2.846   1.00 138.31 ? 7  G   V N2    1 
ATOM   54   N N3    . G   A 1 2  ? 25.033  5.987   0.815   1.00 137.29 ? 7  G   V N3    1 
ATOM   55   C C4    . G   A 1 2  ? 24.677  6.244   -0.459  1.00 139.69 ? 7  G   V C4    1 
ATOM   56   P P     . C   A 1 3  ? 20.328  2.042   -0.813  1.00 151.88 ? 8  C   V P     1 
ATOM   57   O OP1   . C   A 1 3  ? 19.533  0.799   -0.962  1.00 156.19 ? 8  C   V OP1   1 
ATOM   58   O OP2   . C   A 1 3  ? 19.912  3.269   -1.540  1.00 147.44 ? 8  C   V OP2   1 
ATOM   59   O "O5'" . C   A 1 3  ? 20.414  2.391   0.738   1.00 145.53 ? 8  C   V "O5'" 1 
ATOM   60   C "C5'" . C   A 1 3  ? 21.072  1.516   1.642   1.00 145.72 ? 8  C   V "C5'" 1 
ATOM   61   C "C4'" . C   A 1 3  ? 21.423  2.211   2.935   1.00 143.35 ? 8  C   V "C4'" 1 
ATOM   62   O "O4'" . C   A 1 3  ? 22.453  3.207   2.699   1.00 146.75 ? 8  C   V "O4'" 1 
ATOM   63   C "C3'" . C   A 1 3  ? 20.304  2.999   3.592   1.00 145.26 ? 8  C   V "C3'" 1 
ATOM   64   O "O3'" . C   A 1 3  ? 19.384  2.195   4.307   1.00 151.34 ? 8  C   V "O3'" 1 
ATOM   65   C "C2'" . C   A 1 3  ? 21.068  3.987   4.460   1.00 143.10 ? 8  C   V "C2'" 1 
ATOM   66   O "O2'" . C   A 1 3  ? 21.563  3.351   5.629   1.00 139.75 ? 8  C   V "O2'" 1 
ATOM   67   C "C1'" . C   A 1 3  ? 22.253  4.315   3.555   1.00 146.20 ? 8  C   V "C1'" 1 
ATOM   68   N N1    . C   A 1 3  ? 21.991  5.517   2.732   1.00 155.93 ? 8  C   V N1    1 
ATOM   69   C C2    . C   A 1 3  ? 22.108  6.778   3.327   1.00 145.82 ? 8  C   V C2    1 
ATOM   70   O O2    . C   A 1 3  ? 22.436  6.859   4.521   1.00 146.13 ? 8  C   V O2    1 
ATOM   71   N N3    . C   A 1 3  ? 21.866  7.882   2.586   1.00 143.65 ? 8  C   V N3    1 
ATOM   72   C C4    . C   A 1 3  ? 21.515  7.763   1.304   1.00 141.96 ? 8  C   V C4    1 
ATOM   73   N N4    . C   A 1 3  ? 21.286  8.879   0.612   1.00 144.70 ? 8  C   V N4    1 
ATOM   74   C C5    . C   A 1 3  ? 21.383  6.494   0.673   1.00 139.57 ? 8  C   V C5    1 
ATOM   75   C C6    . C   A 1 3  ? 21.627  5.409   1.417   1.00 146.28 ? 8  C   V C6    1 
ATOM   76   P P     . G   A 1 4  ? 17.822  2.575   4.300   1.00 147.92 ? 9  G   V P     1 
ATOM   77   O OP1   . G   A 1 4  ? 17.070  1.446   4.903   1.00 150.55 ? 9  G   V OP1   1 
ATOM   78   O OP2   . G   A 1 4  ? 17.476  3.051   2.936   1.00 135.54 ? 9  G   V OP2   1 
ATOM   79   O "O5'" . G   A 1 4  ? 17.728  3.818   5.293   1.00 141.76 ? 9  G   V "O5'" 1 
ATOM   80   C "C5'" . G   A 1 4  ? 18.252  3.734   6.610   1.00 142.38 ? 9  G   V "C5'" 1 
ATOM   81   C "C4'" . G   A 1 4  ? 18.293  5.084   7.282   1.00 139.05 ? 9  G   V "C4'" 1 
ATOM   82   O "O4'" . G   A 1 4  ? 19.284  5.935   6.649   1.00 142.76 ? 9  G   V "O4'" 1 
ATOM   83   C "C3'" . G   A 1 4  ? 17.020  5.905   7.215   1.00 137.70 ? 9  G   V "C3'" 1 
ATOM   84   O "O3'" . G   A 1 4  ? 16.037  5.481   8.140   1.00 148.24 ? 9  G   V "O3'" 1 
ATOM   85   C "C2'" . G   A 1 4  ? 17.531  7.318   7.461   1.00 133.61 ? 9  G   V "C2'" 1 
ATOM   86   O "O2'" . G   A 1 4  ? 17.801  7.521   8.840   1.00 134.64 ? 9  G   V "O2'" 1 
ATOM   87   C "C1'" . G   A 1 4  ? 18.862  7.285   6.709   1.00 140.22 ? 9  G   V "C1'" 1 
ATOM   88   N N9    . G   A 1 4  ? 18.727  7.810   5.336   1.00 139.62 ? 9  G   V N9    1 
ATOM   89   C C8    . G   A 1 4  ? 18.696  7.098   4.161   1.00 139.40 ? 9  G   V C8    1 
ATOM   90   N N7    . G   A 1 4  ? 18.563  7.858   3.107   1.00 135.35 ? 9  G   V N7    1 
ATOM   91   C C5    . G   A 1 4  ? 18.500  9.148   3.614   1.00 136.38 ? 9  G   V C5    1 
ATOM   92   C C6    . G   A 1 4  ? 18.358  10.394  2.951   1.00 132.93 ? 9  G   V C6    1 
ATOM   93   O O6    . G   A 1 4  ? 18.254  10.614  1.738   1.00 137.11 ? 9  G   V O6    1 
ATOM   94   N N1    . G   A 1 4  ? 18.340  11.454  3.851   1.00 129.25 ? 9  G   V N1    1 
ATOM   95   C C2    . G   A 1 4  ? 18.446  11.334  5.214   1.00 135.27 ? 9  G   V C2    1 
ATOM   96   N N2    . G   A 1 4  ? 18.407  12.478  5.912   1.00 134.40 ? 9  G   V N2    1 
ATOM   97   N N3    . G   A 1 4  ? 18.580  10.179  5.845   1.00 135.04 ? 9  G   V N3    1 
ATOM   98   C C4    . G   A 1 4  ? 18.600  9.135   4.990   1.00 137.01 ? 9  G   V C4    1 
ATOM   99   P P     . U   A 1 5  ? 14.486  5.507   7.724   1.00 143.11 ? 10 U   V P     1 
ATOM   100  O OP1   . U   A 1 5  ? 13.736  4.662   8.689   1.00 159.22 ? 10 U   V OP1   1 
ATOM   101  O OP2   . U   A 1 5  ? 14.394  5.217   6.270   1.00 137.12 ? 10 U   V OP2   1 
ATOM   102  O "O5'" . U   A 1 5  ? 14.060  7.023   7.954   1.00 133.90 ? 10 U   V "O5'" 1 
ATOM   103  C "C5'" . U   A 1 5  ? 14.350  7.677   9.179   1.00 132.59 ? 10 U   V "C5'" 1 
ATOM   104  C "C4'" . U   A 1 5  ? 14.191  9.172   9.065   1.00 141.47 ? 10 U   V "C4'" 1 
ATOM   105  O "O4'" . U   A 1 5  ? 15.228  9.727   8.216   1.00 137.54 ? 10 U   V "O4'" 1 
ATOM   106  C "C3'" . U   A 1 5  ? 12.905  9.661   8.424   1.00 142.55 ? 10 U   V "C3'" 1 
ATOM   107  O "O3'" . U   A 1 5  ? 11.789  9.604   9.294   1.00 141.08 ? 10 U   V "O3'" 1 
ATOM   108  C "C2'" . U   A 1 5  ? 13.280  11.071  7.982   1.00 136.45 ? 10 U   V "C2'" 1 
ATOM   109  O "O2'" . U   A 1 5  ? 13.265  11.963  9.087   1.00 135.39 ? 10 U   V "O2'" 1 
ATOM   110  C "C1'" . U   A 1 5  ? 14.733  10.871  7.545   1.00 128.77 ? 10 U   V "C1'" 1 
ATOM   111  N N1    . U   A 1 5  ? 14.849  10.670  6.082   1.00 130.67 ? 10 U   V N1    1 
ATOM   112  C C2    . U   A 1 5  ? 14.961  11.805  5.302   1.00 135.85 ? 10 U   V C2    1 
ATOM   113  O O2    . U   A 1 5  ? 14.977  12.931  5.771   1.00 137.99 ? 10 U   V O2    1 
ATOM   114  N N3    . U   A 1 5  ? 15.063  11.579  3.952   1.00 132.30 ? 10 U   V N3    1 
ATOM   115  C C4    . U   A 1 5  ? 15.058  10.355  3.314   1.00 138.28 ? 10 U   V C4    1 
ATOM   116  O O4    . U   A 1 5  ? 15.157  10.311  2.087   1.00 141.53 ? 10 U   V O4    1 
ATOM   117  C C5    . U   A 1 5  ? 14.934  9.229   4.188   1.00 137.85 ? 10 U   V C5    1 
ATOM   118  C C6    . U   A 1 5  ? 14.835  9.420   5.510   1.00 130.39 ? 10 U   V C6    1 
ATOM   119  P P     . G   A 1 6  ? 10.332  9.272   8.703   1.00 144.66 ? 11 G   V P     1 
ATOM   120  O OP1   . G   A 1 6  ? 9.423   9.026   9.853   1.00 139.09 ? 11 G   V OP1   1 
ATOM   121  O OP2   . G   A 1 6  ? 10.480  8.237   7.649   1.00 142.37 ? 11 G   V OP2   1 
ATOM   122  O "O5'" . G   A 1 6  ? 9.888   10.638  8.013   1.00 138.04 ? 11 G   V "O5'" 1 
ATOM   123  C "C5'" . G   A 1 6  ? 9.889   11.839  8.766   1.00 130.62 ? 11 G   V "C5'" 1 
ATOM   124  C "C4'" . G   A 1 6  ? 9.636   13.061  7.919   1.00 133.72 ? 11 G   V "C4'" 1 
ATOM   125  O "O4'" . G   A 1 6  ? 10.778  13.378  7.083   1.00 131.32 ? 11 G   V "O4'" 1 
ATOM   126  C "C3'" . G   A 1 6  ? 8.488   13.006  6.929   1.00 132.68 ? 11 G   V "C3'" 1 
ATOM   127  O "O3'" . G   A 1 6  ? 7.214   13.101  7.544   1.00 129.89 ? 11 G   V "O3'" 1 
ATOM   128  C "C2'" . G   A 1 6  ? 8.805   14.184  6.011   1.00 131.89 ? 11 G   V "C2'" 1 
ATOM   129  O "O2'" . G   A 1 6  ? 8.381   15.404  6.597   1.00 128.50 ? 11 G   V "O2'" 1 
ATOM   130  C "C1'" . G   A 1 6  ? 10.340  14.162  5.990   1.00 135.80 ? 11 G   V "C1'" 1 
ATOM   131  N N9    . G   A 1 6  ? 10.888  13.672  4.707   1.00 132.34 ? 11 G   V N9    1 
ATOM   132  C C8    . G   A 1 6  ? 11.251  14.517  3.685   1.00 130.87 ? 11 G   V C8    1 
ATOM   133  N N7    . G   A 1 6  ? 11.693  13.908  2.624   1.00 128.65 ? 11 G   V N7    1 
ATOM   134  C C5    . G   A 1 6  ? 11.613  12.566  2.954   1.00 132.50 ? 11 G   V C5    1 
ATOM   135  C C6    . G   A 1 6  ? 11.963  11.434  2.176   1.00 133.82 ? 11 G   V C6    1 
ATOM   136  O O6    . G   A 1 6  ? 12.421  11.402  1.026   1.00 129.92 ? 11 G   V O6    1 
ATOM   137  N N1    . G   A 1 6  ? 11.729  10.253  2.869   1.00 134.34 ? 11 G   V N1    1 
ATOM   138  C C2    . G   A 1 6  ? 11.226  10.176  4.145   1.00 137.30 ? 11 G   V C2    1 
ATOM   139  N N2    . G   A 1 6  ? 11.076  8.938   4.636   1.00 146.18 ? 11 G   V N2    1 
ATOM   140  N N3    . G   A 1 6  ? 10.895  11.229  4.884   1.00 133.24 ? 11 G   V N3    1 
ATOM   141  C C4    . G   A 1 6  ? 11.109  12.393  4.231   1.00 131.79 ? 11 G   V C4    1 
ATOM   142  P P     . G   A 1 7  ? 6.005   12.161  7.054   1.00 141.47 ? 12 G   V P     1 
ATOM   143  O OP1   . G   A 1 7  ? 4.774   12.591  7.764   1.00 143.54 ? 12 G   V OP1   1 
ATOM   144  O OP2   . G   A 1 7  ? 6.447   10.746  7.147   1.00 141.34 ? 12 G   V OP2   1 
ATOM   145  O "O5'" . G   A 1 7  ? 5.822   12.527  5.514   1.00 128.80 ? 12 G   V "O5'" 1 
ATOM   146  C "C5'" . G   A 1 7  ? 4.683   13.247  5.065   1.00 126.71 ? 12 G   V "C5'" 1 
ATOM   147  C "C4'" . G   A 1 7  ? 5.077   14.464  4.267   1.00 124.73 ? 12 G   V "C4'" 1 
ATOM   148  O "O4'" . G   A 1 7  ? 6.519   14.496  4.119   1.00 121.18 ? 12 G   V "O4'" 1 
ATOM   149  C "C3'" . G   A 1 7  ? 4.554   14.523  2.839   1.00 118.32 ? 12 G   V "C3'" 1 
ATOM   150  O "O3'" . G   A 1 7  ? 3.229   15.018  2.758   1.00 116.51 ? 12 G   V "O3'" 1 
ATOM   151  C "C2'" . G   A 1 7  ? 5.578   15.408  2.144   1.00 120.69 ? 12 G   V "C2'" 1 
ATOM   152  O "O2'" . G   A 1 7  ? 5.346   16.776  2.441   1.00 120.75 ? 12 G   V "O2'" 1 
ATOM   153  C "C1'" . G   A 1 7  ? 6.867   14.977  2.840   1.00 125.05 ? 12 G   V "C1'" 1 
ATOM   154  N N9    . G   A 1 7  ? 7.556   13.891  2.116   1.00 126.09 ? 12 G   V N9    1 
ATOM   155  C C8    . G   A 1 7  ? 7.741   12.604  2.559   1.00 124.07 ? 12 G   V C8    1 
ATOM   156  N N7    . G   A 1 7  ? 8.389   11.856  1.710   1.00 120.29 ? 12 G   V N7    1 
ATOM   157  C C5    . G   A 1 7  ? 8.654   12.701  0.642   1.00 121.35 ? 12 G   V C5    1 
ATOM   158  C C6    . G   A 1 7  ? 9.331   12.451  -0.579  1.00 122.07 ? 12 G   V C6    1 
ATOM   159  O O6    . G   A 1 7  ? 9.849   11.398  -0.970  1.00 137.46 ? 12 G   V O6    1 
ATOM   160  N N1    . G   A 1 7  ? 9.371   13.586  -1.381  1.00 117.15 ? 12 G   V N1    1 
ATOM   161  C C2    . G   A 1 7  ? 8.832   14.805  -1.055  1.00 117.33 ? 12 G   V C2    1 
ATOM   162  N N2    . G   A 1 7  ? 8.978   15.779  -1.964  1.00 119.32 ? 12 G   V N2    1 
ATOM   163  N N3    . G   A 1 7  ? 8.200   15.052  0.080   1.00 119.72 ? 12 G   V N3    1 
ATOM   164  C C4    . G   A 1 7  ? 8.147   13.963  0.876   1.00 122.06 ? 12 G   V C4    1 
ATOM   165  P P     . U   A 1 8  ? 2.160   14.295  1.803   1.00 123.75 ? 13 U   V P     1 
ATOM   166  O OP1   . U   A 1 8  ? 0.861   14.999  1.952   1.00 135.39 ? 13 U   V OP1   1 
ATOM   167  O OP2   . U   A 1 8  ? 2.239   12.834  2.060   1.00 122.19 ? 13 U   V OP2   1 
ATOM   168  O "O5'" . U   A 1 8  ? 2.712   14.555  0.333   1.00 109.52 ? 13 U   V "O5'" 1 
ATOM   169  C "C5'" . U   A 1 8  ? 2.782   15.869  -0.203  1.00 108.95 ? 13 U   V "C5'" 1 
ATOM   170  C "C4'" . U   A 1 8  ? 3.333   15.859  -1.607  1.00 117.09 ? 13 U   V "C4'" 1 
ATOM   171  O "O4'" . U   A 1 8  ? 4.746   15.524  -1.584  1.00 127.02 ? 13 U   V "O4'" 1 
ATOM   172  C "C3'" . U   A 1 8  ? 2.732   14.831  -2.551  1.00 113.67 ? 13 U   V "C3'" 1 
ATOM   173  O "O3'" . U   A 1 8  ? 1.479   15.225  -3.081  1.00 107.31 ? 13 U   V "O3'" 1 
ATOM   174  C "C2'" . U   A 1 8  ? 3.824   14.670  -3.601  1.00 114.04 ? 13 U   V "C2'" 1 
ATOM   175  O "O2'" . U   A 1 8  ? 3.806   15.756  -4.514  1.00 116.22 ? 13 U   V "O2'" 1 
ATOM   176  C "C1'" . U   A 1 8  ? 5.084   14.783  -2.740  1.00 115.83 ? 13 U   V "C1'" 1 
ATOM   177  N N1    . U   A 1 8  ? 5.599   13.457  -2.325  1.00 110.66 ? 13 U   V N1    1 
ATOM   178  C C2    . U   A 1 8  ? 6.361   12.744  -3.234  1.00 111.07 ? 13 U   V C2    1 
ATOM   179  O O2    . U   A 1 8  ? 6.623   13.158  -4.350  1.00 110.75 ? 13 U   V O2    1 
ATOM   180  N N3    . U   A 1 8  ? 6.807   11.524  -2.787  1.00 114.67 ? 13 U   V N3    1 
ATOM   181  C C4    . U   A 1 8  ? 6.576   10.954  -1.552  1.00 114.88 ? 13 U   V C4    1 
ATOM   182  O O4    . U   A 1 8  ? 7.048   9.843   -1.297  1.00 117.75 ? 13 U   V O4    1 
ATOM   183  C C5    . U   A 1 8  ? 5.781   11.752  -0.670  1.00 111.30 ? 13 U   V C5    1 
ATOM   184  C C6    . U   A 1 8  ? 5.334   12.945  -1.076  1.00 112.08 ? 13 U   V C6    1 
ATOM   185  P P     . C   A 1 9  ? 0.255   14.182  -3.113  1.00 121.86 ? 14 C   V P     1 
ATOM   186  O OP1   . C   A 1 9  ? -0.997  14.966  -3.259  1.00 130.65 ? 14 C   V OP1   1 
ATOM   187  O OP2   . C   A 1 9  ? 0.404   13.247  -1.966  1.00 111.52 ? 14 C   V OP2   1 
ATOM   188  O "O5'" . C   A 1 9  ? 0.479   13.366  -4.463  1.00 119.21 ? 14 C   V "O5'" 1 
ATOM   189  C "C5'" . C   A 1 9  ? 0.285   13.992  -5.723  1.00 115.89 ? 14 C   V "C5'" 1 
ATOM   190  C "C4'" . C   A 1 9  ? 1.099   13.339  -6.813  1.00 112.06 ? 14 C   V "C4'" 1 
ATOM   191  O "O4'" . C   A 1 9  ? 2.494   13.256  -6.415  1.00 106.87 ? 14 C   V "O4'" 1 
ATOM   192  C "C3'" . C   A 1 9  ? 0.744   11.904  -7.164  1.00 114.56 ? 14 C   V "C3'" 1 
ATOM   193  O "O3'" . C   A 1 9  ? -0.412  11.779  -7.974  1.00 107.15 ? 14 C   V "O3'" 1 
ATOM   194  C "C2'" . C   A 1 9  ? 2.019   11.415  -7.834  1.00 113.36 ? 14 C   V "C2'" 1 
ATOM   195  O "O2'" . C   A 1 9  ? 2.117   11.926  -9.156  1.00 108.69 ? 14 C   V "O2'" 1 
ATOM   196  C "C1'" . C   A 1 9  ? 3.081   12.098  -6.977  1.00 107.42 ? 14 C   V "C1'" 1 
ATOM   197  N N1    . C   A 1 9  ? 3.552   11.213  -5.886  1.00 103.23 ? 14 C   V N1    1 
ATOM   198  C C2    . C   A 1 9  ? 4.462   10.196  -6.192  1.00 97.30  ? 14 C   V C2    1 
ATOM   199  O O2    . C   A 1 9  ? 4.857   10.066  -7.362  1.00 99.23  ? 14 C   V O2    1 
ATOM   200  N N3    . C   A 1 9  ? 4.896   9.377   -5.208  1.00 93.41  ? 14 C   V N3    1 
ATOM   201  C C4    . C   A 1 9  ? 4.454   9.541   -3.961  1.00 97.46  ? 14 C   V C4    1 
ATOM   202  N N4    . C   A 1 9  ? 4.910   8.711   -3.022  1.00 97.14  ? 14 C   V N4    1 
ATOM   203  C C5    . C   A 1 9  ? 3.525   10.566  -3.621  1.00 104.75 ? 14 C   V C5    1 
ATOM   204  C C6    . C   A 1 9  ? 3.102   11.368  -4.606  1.00 103.90 ? 14 C   V C6    1 
ATOM   205  P P     . C   A 1 10 ? -1.287  10.433  -7.903  1.00 120.32 ? 15 C   V P     1 
ATOM   206  O OP1   . C   A 1 10 ? -2.487  10.612  -8.759  1.00 126.71 ? 15 C   V OP1   1 
ATOM   207  O OP2   . C   A 1 10 ? -1.446  10.071  -6.470  1.00 105.34 ? 15 C   V OP2   1 
ATOM   208  O "O5'" . C   A 1 10 ? -0.362  9.332   -8.589  1.00 95.74  ? 15 C   V "O5'" 1 
ATOM   209  C "C5'" . C   A 1 10 ? -0.006  9.442   -9.958  1.00 98.54  ? 15 C   V "C5'" 1 
ATOM   210  C "C4'" . C   A 1 10 ? 0.775   8.241   -10.431 1.00 94.37  ? 15 C   V "C4'" 1 
ATOM   211  O "O4'" . C   A 1 10 ? 2.095   8.223   -9.826  1.00 105.99 ? 15 C   V "O4'" 1 
ATOM   212  C "C3'" . C   A 1 10 ? 0.206   6.882   -10.071 1.00 100.19 ? 15 C   V "C3'" 1 
ATOM   213  O "O3'" . C   A 1 10 ? -0.900  6.491   -10.861 1.00 106.44 ? 15 C   V "O3'" 1 
ATOM   214  C "C2'" . C   A 1 10 ? 1.422   5.981   -10.213 1.00 91.63  ? 15 C   V "C2'" 1 
ATOM   215  O "O2'" . C   A 1 10 ? 1.710   5.740   -11.583 1.00 93.41  ? 15 C   V "O2'" 1 
ATOM   216  C "C1'" . C   A 1 10 ? 2.517   6.883   -9.646  1.00 85.97  ? 15 C   V "C1'" 1 
ATOM   217  N N1    . C   A 1 10 ? 2.731   6.627   -8.203  1.00 79.69  ? 15 C   V N1    1 
ATOM   218  C C2    . C   A 1 10 ? 3.492   5.513   -7.837  1.00 80.97  ? 15 C   V C2    1 
ATOM   219  O O2    . C   A 1 10 ? 3.970   4.791   -8.725  1.00 85.11  ? 15 C   V O2    1 
ATOM   220  N N3    . C   A 1 10 ? 3.700   5.249   -6.525  1.00 76.82  ? 15 C   V N3    1 
ATOM   221  C C4    . C   A 1 10 ? 3.174   6.048   -5.597  1.00 85.82  ? 15 C   V C4    1 
ATOM   222  N N4    . C   A 1 10 ? 3.402   5.755   -4.316  1.00 92.60  ? 15 C   V N4    1 
ATOM   223  C C5    . C   A 1 10 ? 2.391   7.188   -5.940  1.00 90.61  ? 15 C   V C5    1 
ATOM   224  C C6    . C   A 1 10 ? 2.193   7.437   -7.242  1.00 89.97  ? 15 C   V C6    1 
ATOM   225  P P     . G   A 1 11 ? -2.075  5.625   -10.190 1.00 110.59 ? 16 G   V P     1 
ATOM   226  O OP1   . G   A 1 11 ? -3.182  5.500   -11.174 1.00 113.58 ? 16 G   V OP1   1 
ATOM   227  O OP2   . G   A 1 11 ? -2.346  6.206   -8.849  1.00 100.84 ? 16 G   V OP2   1 
ATOM   228  O "O5'" . G   A 1 11 ? -1.420  4.185   -9.985  1.00 92.38  ? 16 G   V "O5'" 1 
ATOM   229  C "C5'" . G   A 1 11 ? -0.898  3.472   -11.096 1.00 93.53  ? 16 G   V "C5'" 1 
ATOM   230  C "C4'" . G   A 1 11 ? -0.028  2.310   -10.679 1.00 91.29  ? 16 G   V "C4'" 1 
ATOM   231  O "O4'" . G   A 1 11 ? 1.052   2.753   -9.820  1.00 88.86  ? 16 G   V "O4'" 1 
ATOM   232  C "C3'" . G   A 1 11 ? -0.694  1.217   -9.867  1.00 99.16  ? 16 G   V "C3'" 1 
ATOM   233  O "O3'" . G   A 1 11 ? -1.508  0.363   -10.645 1.00 105.82 ? 16 G   V "O3'" 1 
ATOM   234  C "C2'" . G   A 1 11 ? 0.498   0.515   -9.229  1.00 98.86  ? 16 G   V "C2'" 1 
ATOM   235  O "O2'" . G   A 1 11 ? 1.136   -0.341  -10.164 1.00 96.69  ? 16 G   V "O2'" 1 
ATOM   236  C "C1'" . G   A 1 11 ? 1.428   1.699   -8.952  1.00 86.85  ? 16 G   V "C1'" 1 
ATOM   237  N N9    . G   A 1 11 ? 1.338   2.151   -7.551  1.00 78.68  ? 16 G   V N9    1 
ATOM   238  C C8    . G   A 1 11 ? 0.746   3.287   -7.054  1.00 85.99  ? 16 G   V C8    1 
ATOM   239  N N7    . G   A 1 11 ? 0.845   3.384   -5.754  1.00 85.95  ? 16 G   V N7    1 
ATOM   240  C C5    . G   A 1 11 ? 1.541   2.245   -5.370  1.00 80.54  ? 16 G   V C5    1 
ATOM   241  C C6    . G   A 1 11 ? 1.946   1.801   -4.084  1.00 82.80  ? 16 G   V C6    1 
ATOM   242  O O6    . G   A 1 11 ? 1.765   2.342   -2.986  1.00 90.38  ? 16 G   V O6    1 
ATOM   243  N N1    . G   A 1 11 ? 2.630   0.592   -4.158  1.00 68.03  ? 16 G   V N1    1 
ATOM   244  C C2    . G   A 1 11 ? 2.891   -0.103  -5.313  1.00 77.07  ? 16 G   V C2    1 
ATOM   245  N N2    . G   A 1 11 ? 3.567   -1.253  -5.172  1.00 77.16  ? 16 G   V N2    1 
ATOM   246  N N3    . G   A 1 11 ? 2.518   0.300   -6.517  1.00 74.04  ? 16 G   V N3    1 
ATOM   247  C C4    . G   A 1 11 ? 1.851   1.474   -6.469  1.00 76.07  ? 16 G   V C4    1 
ATOM   248  P P     . U   A 1 12 ? -2.967  -0.035  -10.111 1.00 113.34 ? 17 U   V P     1 
ATOM   249  O OP1   . U   A 1 12 ? -3.739  -0.590  -11.255 1.00 109.83 ? 17 U   V OP1   1 
ATOM   250  O OP2   . U   A 1 12 ? -3.505  1.133   -9.366  1.00 98.63  ? 17 U   V OP2   1 
ATOM   251  O "O5'" . U   A 1 12 ? -2.682  -1.211  -9.076  1.00 92.83  ? 17 U   V "O5'" 1 
ATOM   252  C "C5'" . U   A 1 12 ? -2.080  -2.418  -9.516  1.00 103.10 ? 17 U   V "C5'" 1 
ATOM   253  C "C4'" . U   A 1 12 ? -1.436  -3.180  -8.383  1.00 105.11 ? 17 U   V "C4'" 1 
ATOM   254  O "O4'" . U   A 1 12 ? -0.488  -2.340  -7.682  1.00 104.55 ? 17 U   V "O4'" 1 
ATOM   255  C "C3'" . U   A 1 12 ? -2.361  -3.674  -7.285  1.00 112.92 ? 17 U   V "C3'" 1 
ATOM   256  O "O3'" . U   A 1 12 ? -3.047  -4.856  -7.652  1.00 141.70 ? 17 U   V "O3'" 1 
ATOM   257  C "C2'" . U   A 1 12 ? -1.408  -3.876  -6.113  1.00 104.40 ? 17 U   V "C2'" 1 
ATOM   258  O "O2'" . U   A 1 12 ? -0.716  -5.109  -6.238  1.00 102.40 ? 17 U   V "O2'" 1 
ATOM   259  C "C1'" . U   A 1 12 ? -0.405  -2.740  -6.328  1.00 96.03  ? 17 U   V "C1'" 1 
ATOM   260  N N1    . U   A 1 12 ? -0.667  -1.576  -5.453  1.00 87.02  ? 17 U   V N1    1 
ATOM   261  C C2    . U   A 1 12 ? -0.141  -1.638  -4.176  1.00 85.66  ? 17 U   V C2    1 
ATOM   262  O O2    . U   A 1 12 ? 0.506   -2.591  -3.772  1.00 85.16  ? 17 U   V O2    1 
ATOM   263  N N3    . U   A 1 12 ? -0.397  -0.545  -3.388  1.00 79.75  ? 17 U   V N3    1 
ATOM   264  C C4    . U   A 1 12 ? -1.114  0.578   -3.747  1.00 84.23  ? 17 U   V C4    1 
ATOM   265  O O4    . U   A 1 12 ? -1.260  1.485   -2.925  1.00 91.24  ? 17 U   V O4    1 
ATOM   266  C C5    . U   A 1 12 ? -1.625  0.565   -5.083  1.00 90.70  ? 17 U   V C5    1 
ATOM   267  C C6    . U   A 1 12 ? -1.390  -0.484  -5.875  1.00 90.25  ? 17 U   V C6    1 
ATOM   268  P P     . U   A 1 13 ? -4.521  -5.158  -7.092  1.00 119.58 ? 18 U   V P     1 
ATOM   269  O OP1   . U   A 1 13 ? -5.496  -4.499  -8.001  1.00 101.96 ? 18 U   V OP1   1 
ATOM   270  O OP2   . U   A 1 13 ? -4.544  -4.837  -5.642  1.00 113.05 ? 18 U   V OP2   1 
ATOM   271  O "O5'" . U   A 1 13 ? -4.657  -6.735  -7.257  1.00 108.26 ? 18 U   V "O5'" 1 
ATOM   272  C "C5'" . U   A 1 13 ? -3.740  -7.459  -8.070  1.00 122.04 ? 18 U   V "C5'" 1 
ATOM   273  C "C4'" . U   A 1 13 ? -3.193  -8.671  -7.356  1.00 130.67 ? 18 U   V "C4'" 1 
ATOM   274  O "O4'" . U   A 1 13 ? -2.078  -8.277  -6.510  1.00 122.19 ? 18 U   V "O4'" 1 
ATOM   275  C "C3'" . U   A 1 13 ? -4.191  -9.394  -6.450  1.00 145.05 ? 18 U   V "C3'" 1 
ATOM   276  O "O3'" . U   A 1 13 ? -4.019  -10.806 -6.561  1.00 158.07 ? 18 U   V "O3'" 1 
ATOM   277  C "C2'" . U   A 1 13 ? -3.799  -8.918  -5.052  1.00 127.41 ? 18 U   V "C2'" 1 
ATOM   278  O "O2'" . U   A 1 13 ? -4.129  -9.817  -4.013  1.00 140.88 ? 18 U   V "O2'" 1 
ATOM   279  C "C1'" . U   A 1 13 ? -2.290  -8.741  -5.192  1.00 113.04 ? 18 U   V "C1'" 1 
ATOM   280  N N1    . U   A 1 13 ? -1.720  -7.761  -4.252  1.00 103.72 ? 18 U   V N1    1 
ATOM   281  C C2    . U   A 1 13 ? -0.503  -8.043  -3.658  1.00 103.84 ? 18 U   V C2    1 
ATOM   282  O O2    . U   A 1 13 ? 0.130   -9.058  -3.891  1.00 109.32 ? 18 U   V O2    1 
ATOM   283  N N3    . U   A 1 13 ? -0.042  -7.084  -2.785  1.00 94.24  ? 18 U   V N3    1 
ATOM   284  C C4    . U   A 1 13 ? -0.665  -5.899  -2.446  1.00 98.03  ? 18 U   V C4    1 
ATOM   285  O O4    . U   A 1 13 ? -0.127  -5.135  -1.641  1.00 102.74 ? 18 U   V O4    1 
ATOM   286  C C5    . U   A 1 13 ? -1.922  -5.685  -3.094  1.00 100.88 ? 18 U   V C5    1 
ATOM   287  C C6    . U   A 1 13 ? -2.395  -6.599  -3.949  1.00 104.45 ? 18 U   V C6    1 
ATOM   288  P P     . C   A 1 14 ? -5.269  -11.721 -6.992  1.00 163.00 ? 19 C   V P     1 
ATOM   289  O OP1   . C   A 1 14 ? -6.371  -10.823 -7.417  1.00 149.61 ? 19 C   V OP1   1 
ATOM   290  O OP2   . C   A 1 14 ? -5.503  -12.707 -5.910  1.00 166.51 ? 19 C   V OP2   1 
ATOM   291  O "O5'" . C   A 1 14 ? -4.753  -12.501 -8.282  1.00 166.38 ? 19 C   V "O5'" 1 
ATOM   292  C "C5'" . C   A 1 14 ? -3.713  -13.462 -8.185  1.00 170.93 ? 19 C   V "C5'" 1 
ATOM   293  C "C4'" . C   A 1 14 ? -3.211  -13.884 -9.543  1.00 179.97 ? 19 C   V "C4'" 1 
ATOM   294  O "O4'" . C   A 1 14 ? -4.292  -14.462 -10.316 1.00 195.10 ? 19 C   V "O4'" 1 
ATOM   295  C "C3'" . C   A 1 14 ? -2.674  -12.779 -10.436 1.00 181.25 ? 19 C   V "C3'" 1 
ATOM   296  O "O3'" . C   A 1 14 ? -1.352  -12.390 -10.102 1.00 169.11 ? 19 C   V "O3'" 1 
ATOM   297  C "C2'" . C   A 1 14 ? -2.798  -13.391 -11.827 1.00 189.09 ? 19 C   V "C2'" 1 
ATOM   298  O "O2'" . C   A 1 14 ? -1.726  -14.288 -12.079 1.00 188.90 ? 19 C   V "O2'" 1 
ATOM   299  C "C1'" . C   A 1 14 ? -4.087  -14.206 -11.690 1.00 199.56 ? 19 C   V "C1'" 1 
ATOM   300  N N1    . C   A 1 14 ? -5.265  -13.494 -12.242 1.00 212.59 ? 19 C   V N1    1 
ATOM   301  C C2    . C   A 1 14 ? -5.652  -13.812 -13.546 1.00 217.07 ? 19 C   V C2    1 
ATOM   302  O O2    . C   A 1 14 ? -5.003  -14.666 -14.167 1.00 214.19 ? 19 C   V O2    1 
ATOM   303  N N3    . C   A 1 14 ? -6.721  -13.191 -14.093 1.00 218.01 ? 19 C   V N3    1 
ATOM   304  C C4    . C   A 1 14 ? -7.393  -12.279 -13.389 1.00 211.90 ? 19 C   V C4    1 
ATOM   305  N N4    . C   A 1 14 ? -8.441  -11.691 -13.972 1.00 196.73 ? 19 C   V N4    1 
ATOM   306  C C5    . C   A 1 14 ? -7.021  -11.931 -12.058 1.00 206.50 ? 19 C   V C5    1 
ATOM   307  C C6    . C   A 1 14 ? -5.961  -12.557 -11.527 1.00 204.69 ? 19 C   V C6    1 
ATOM   308  P P     . A   A 1 15 ? -0.797  -10.950 -10.547 1.00 150.59 ? 20 A   V P     1 
ATOM   309  O OP1   . A   A 1 15 ? -1.944  -10.124 -11.013 1.00 148.05 ? 20 A   V OP1   1 
ATOM   310  O OP2   . A   A 1 15 ? 0.365   -11.170 -11.443 1.00 144.26 ? 20 A   V OP2   1 
ATOM   311  O "O5'" . A   A 1 15 ? -0.248  -10.321 -9.190  1.00 138.58 ? 20 A   V "O5'" 1 
ATOM   312  C "C5'" . A   A 1 15 ? -0.111  -11.115 -8.022  1.00 132.15 ? 20 A   V "C5'" 1 
ATOM   313  C "C4'" . A   A 1 15 ? 1.337   -11.279 -7.632  1.00 113.75 ? 20 A   V "C4'" 1 
ATOM   314  O "O4'" . A   A 1 15 ? 2.082   -10.087 -7.997  1.00 111.77 ? 20 A   V "O4'" 1 
ATOM   315  C "C3'" . A   A 1 15 ? 1.605   -11.440 -6.144  1.00 113.61 ? 20 A   V "C3'" 1 
ATOM   316  O "O3'" . A   A 1 15 ? 1.403   -12.761 -5.678  1.00 112.89 ? 20 A   V "O3'" 1 
ATOM   317  C "C2'" . A   A 1 15 ? 3.039   -10.952 -6.010  1.00 106.45 ? 20 A   V "C2'" 1 
ATOM   318  O "O2'" . A   A 1 15 ? 3.948   -11.942 -6.467  1.00 111.21 ? 20 A   V "O2'" 1 
ATOM   319  C "C1'" . A   A 1 15 ? 3.046   -9.796  -7.005  1.00 102.38 ? 20 A   V "C1'" 1 
ATOM   320  N N9    . A   A 1 15 ? 2.663   -8.528  -6.360  1.00 97.01  ? 20 A   V N9    1 
ATOM   321  C C8    . A   A 1 15 ? 1.538   -7.783  -6.606  1.00 95.92  ? 20 A   V C8    1 
ATOM   322  N N7    . A   A 1 15 ? 1.452   -6.697  -5.877  1.00 91.42  ? 20 A   V N7    1 
ATOM   323  C C5    . A   A 1 15 ? 2.598   -6.734  -5.096  1.00 86.64  ? 20 A   V C5    1 
ATOM   324  C C6    . A   A 1 15 ? 3.096   -5.864  -4.112  1.00 87.98  ? 20 A   V C6    1 
ATOM   325  N N6    . A   A 1 15 ? 2.477   -4.744  -3.734  1.00 88.56  ? 20 A   V N6    1 
ATOM   326  N N1    . A   A 1 15 ? 4.266   -6.187  -3.522  1.00 90.36  ? 20 A   V N1    1 
ATOM   327  C C2    . A   A 1 15 ? 4.888   -7.311  -3.903  1.00 96.82  ? 20 A   V C2    1 
ATOM   328  N N3    . A   A 1 15 ? 4.521   -8.210  -4.814  1.00 93.44  ? 20 A   V N3    1 
ATOM   329  C C4    . A   A 1 15 ? 3.353   -7.857  -5.381  1.00 91.13  ? 20 A   V C4    1 
ATOM   330  P P     . A   A 1 16 ? 0.791   -13.011 -4.214  1.00 118.29 ? 21 A   V P     1 
ATOM   331  O OP1   . A   A 1 16 ? 0.530   -14.466 -4.080  1.00 114.59 ? 21 A   V OP1   1 
ATOM   332  O OP2   . A   A 1 16 ? -0.316  -12.042 -4.006  1.00 115.45 ? 21 A   V OP2   1 
ATOM   333  O "O5'" . A   A 1 16 ? 1.985   -12.631 -3.227  1.00 111.51 ? 21 A   V "O5'" 1 
ATOM   334  C "C5'" . A   A 1 16 ? 3.219   -13.333 -3.278  1.00 101.60 ? 21 A   V "C5'" 1 
ATOM   335  C "C4'" . A   A 1 16 ? 4.190   -12.853 -2.226  1.00 101.06 ? 21 A   V "C4'" 1 
ATOM   336  O "O4'" . A   A 1 16 ? 4.618   -11.497 -2.516  1.00 105.64 ? 21 A   V "O4'" 1 
ATOM   337  C "C3'" . A   A 1 16 ? 3.667   -12.766 -0.803  1.00 117.11 ? 21 A   V "C3'" 1 
ATOM   338  O "O3'" . A   A 1 16 ? 3.594   -14.017 -0.146  1.00 119.40 ? 21 A   V "O3'" 1 
ATOM   339  C "C2'" . A   A 1 16 ? 4.643   -11.792 -0.159  1.00 103.73 ? 21 A   V "C2'" 1 
ATOM   340  O "O2'" . A   A 1 16 ? 5.875   -12.432 0.136   1.00 110.40 ? 21 A   V "O2'" 1 
ATOM   341  C "C1'" . A   A 1 16 ? 4.876   -10.810 -1.305  1.00 94.53  ? 21 A   V "C1'" 1 
ATOM   342  N N9    . A   A 1 16 ? 3.976   -9.648  -1.210  1.00 87.42  ? 21 A   V N9    1 
ATOM   343  C C8    . A   A 1 16 ? 2.878   -9.345  -1.978  1.00 91.85  ? 21 A   V C8    1 
ATOM   344  N N7    . A   A 1 16 ? 2.284   -8.229  -1.629  1.00 86.08  ? 21 A   V N7    1 
ATOM   345  C C5    . A   A 1 16 ? 3.039   -7.771  -0.558  1.00 87.69  ? 21 A   V C5    1 
ATOM   346  C C6    . A   A 1 16 ? 2.935   -6.634  0.263   1.00 87.83  ? 21 A   V C6    1 
ATOM   347  N N6    . A   A 1 16 ? 1.985   -5.706  0.128   1.00 90.90  ? 21 A   V N6    1 
ATOM   348  N N1    . A   A 1 16 ? 3.855   -6.479  1.241   1.00 85.40  ? 21 A   V N1    1 
ATOM   349  C C2    . A   A 1 16 ? 4.811   -7.407  1.380   1.00 90.05  ? 21 A   V C2    1 
ATOM   350  N N3    . A   A 1 16 ? 5.013   -8.516  0.673   1.00 89.87  ? 21 A   V N3    1 
ATOM   351  C C4    . A   A 1 16 ? 4.082   -8.637  -0.289  1.00 87.88  ? 21 A   V C4    1 
ATOM   352  P P     . G   A 1 17 ? 2.278   -14.393 0.695   1.00 133.83 ? 22 G   V P     1 
ATOM   353  O OP1   . G   A 1 17 ? 2.481   -15.737 1.291   1.00 132.35 ? 22 G   V OP1   1 
ATOM   354  O OP2   . G   A 1 17 ? 1.098   -14.132 -0.173  1.00 99.31  ? 22 G   V OP2   1 
ATOM   355  O "O5'" . G   A 1 17 ? 2.255   -13.328 1.880   1.00 104.96 ? 22 G   V "O5'" 1 
ATOM   356  C "C5'" . G   A 1 17 ? 3.271   -13.320 2.873   1.00 108.14 ? 22 G   V "C5'" 1 
ATOM   357  C "C4'" . G   A 1 17 ? 3.266   -12.034 3.663   1.00 109.14 ? 22 G   V "C4'" 1 
ATOM   358  O "O4'" . G   A 1 17 ? 3.320   -10.905 2.754   1.00 104.35 ? 22 G   V "O4'" 1 
ATOM   359  C "C3'" . G   A 1 17 ? 2.029   -11.772 4.510   1.00 115.33 ? 22 G   V "C3'" 1 
ATOM   360  O "O3'" . G   A 1 17 ? 2.064   -12.450 5.756   1.00 120.20 ? 22 G   V "O3'" 1 
ATOM   361  C "C2'" . G   A 1 17 ? 2.027   -10.252 4.638   1.00 107.86 ? 22 G   V "C2'" 1 
ATOM   362  O "O2'" . G   A 1 17 ? 2.949   -9.826  5.629   1.00 109.01 ? 22 G   V "O2'" 1 
ATOM   363  C "C1'" . G   A 1 17 ? 2.561   -9.831  3.269   1.00 98.76  ? 22 G   V "C1'" 1 
ATOM   364  N N9    . G   A 1 17 ? 1.479   -9.525  2.315   1.00 92.87  ? 22 G   V N9    1 
ATOM   365  C C8    . G   A 1 17 ? 1.029   -10.333 1.301   1.00 98.67  ? 22 G   V C8    1 
ATOM   366  N N7    . G   A 1 17 ? 0.061   -9.796  0.607   1.00 98.16  ? 22 G   V N7    1 
ATOM   367  C C5    . G   A 1 17 ? -0.135  -8.556  1.199   1.00 93.95  ? 22 G   V C5    1 
ATOM   368  C C6    . G   A 1 17 ? -1.055  -7.524  0.880   1.00 97.47  ? 22 G   V C6    1 
ATOM   369  O O6    . G   A 1 17 ? -1.907  -7.498  -0.018  1.00 106.18 ? 22 G   V O6    1 
ATOM   370  N N1    . G   A 1 17 ? -0.917  -6.437  1.735   1.00 92.60  ? 22 G   V N1    1 
ATOM   371  C C2    . G   A 1 17 ? -0.013  -6.350  2.765   1.00 94.70  ? 22 G   V C2    1 
ATOM   372  N N2    . G   A 1 17 ? -0.038  -5.213  3.477   1.00 99.17  ? 22 G   V N2    1 
ATOM   373  N N3    . G   A 1 17 ? 0.852   -7.306  3.075   1.00 86.90  ? 22 G   V N3    1 
ATOM   374  C C4    . G   A 1 17 ? 0.733   -8.371  2.255   1.00 89.37  ? 22 G   V C4    1 
ATOM   375  P P     . U   A 1 18 ? 0.711   -12.714 6.587   1.00 120.09 ? 23 U   V P     1 
ATOM   376  O OP1   . U   A 1 18 ? -0.079  -11.458 6.647   1.00 106.82 ? 23 U   V OP1   1 
ATOM   377  O OP2   . U   A 1 18 ? 1.092   -13.395 7.849   1.00 117.94 ? 23 U   V OP2   1 
ATOM   378  O "O5'" . U   A 1 18 ? -0.103  -13.754 5.698   1.00 121.79 ? 23 U   V "O5'" 1 
ATOM   379  C "C5'" . U   A 1 18 ? 0.208   -15.145 5.726   1.00 119.72 ? 23 U   V "C5'" 1 
ATOM   380  C "C4'" . U   A 1 18 ? -1.030  -15.998 5.879   1.00 123.95 ? 23 U   V "C4'" 1 
ATOM   381  O "O4'" . U   A 1 18 ? -1.416  -16.044 7.281   1.00 124.72 ? 23 U   V "O4'" 1 
ATOM   382  C "C3'" . U   A 1 18 ? -2.262  -15.518 5.111   1.00 124.67 ? 23 U   V "C3'" 1 
ATOM   383  O "O3'" . U   A 1 18 ? -3.013  -16.643 4.658   1.00 129.65 ? 23 U   V "O3'" 1 
ATOM   384  C "C2'" . U   A 1 18 ? -3.061  -14.783 6.183   1.00 127.57 ? 23 U   V "C2'" 1 
ATOM   385  O "O2'" . U   A 1 18 ? -4.447  -14.704 5.928   1.00 119.66 ? 23 U   V "O2'" 1 
ATOM   386  C "C1'" . U   A 1 18 ? -2.760  -15.626 7.419   1.00 128.34 ? 23 U   V "C1'" 1 
ATOM   387  N N1    . U   A 1 18 ? -2.891  -14.895 8.688   1.00 129.56 ? 23 U   V N1    1 
ATOM   388  C C2    . U   A 1 18 ? -3.812  -15.366 9.601   1.00 125.65 ? 23 U   V C2    1 
ATOM   389  O O2    . U   A 1 18 ? -4.500  -16.351 9.395   1.00 129.72 ? 23 U   V O2    1 
ATOM   390  N N3    . U   A 1 18 ? -3.894  -14.643 10.765  1.00 122.41 ? 23 U   V N3    1 
ATOM   391  C C4    . U   A 1 18 ? -3.166  -13.520 11.096  1.00 131.62 ? 23 U   V C4    1 
ATOM   392  O O4    . U   A 1 18 ? -3.354  -12.976 12.187  1.00 147.01 ? 23 U   V O4    1 
ATOM   393  C C5    . U   A 1 18 ? -2.236  -13.094 10.095  1.00 128.83 ? 23 U   V C5    1 
ATOM   394  C C6    . U   A 1 18 ? -2.133  -13.778 8.952   1.00 129.93 ? 23 U   V C6    1 
ATOM   395  P P     . C   A 1 19 ? -3.181  -16.928 3.085   1.00 138.95 ? 24 C   V P     1 
ATOM   396  O OP1   . C   A 1 19 ? -3.556  -18.355 2.918   1.00 136.09 ? 24 C   V OP1   1 
ATOM   397  O OP2   . C   A 1 19 ? -1.978  -16.407 2.387   1.00 137.02 ? 24 C   V OP2   1 
ATOM   398  O "O5'" . C   A 1 19 ? -4.431  -16.036 2.650   1.00 123.58 ? 24 C   V "O5'" 1 
ATOM   399  C "C5'" . C   A 1 19 ? -4.804  -15.935 1.278   1.00 137.69 ? 24 C   V "C5'" 1 
ATOM   400  C "C4'" . C   A 1 19 ? -5.730  -14.770 1.015   1.00 144.41 ? 24 C   V "C4'" 1 
ATOM   401  O "O4'" . C   A 1 19 ? -7.113  -15.211 1.106   1.00 153.09 ? 24 C   V "O4'" 1 
ATOM   402  C "C3'" . C   A 1 19 ? -5.595  -13.587 1.975   1.00 150.80 ? 24 C   V "C3'" 1 
ATOM   403  O "O3'" . C   A 1 19 ? -5.814  -12.370 1.261   1.00 144.93 ? 24 C   V "O3'" 1 
ATOM   404  C "C2'" . C   A 1 19 ? -6.745  -13.814 2.950   1.00 145.26 ? 24 C   V "C2'" 1 
ATOM   405  O "O2'" . C   A 1 19 ? -7.200  -12.647 3.603   1.00 156.28 ? 24 C   V "O2'" 1 
ATOM   406  C "C1'" . C   A 1 19 ? -7.810  -14.396 2.029   1.00 150.95 ? 24 C   V "C1'" 1 
ATOM   407  N N1    . C   A 1 19 ? -8.822  -15.218 2.707   1.00 161.86 ? 24 C   V N1    1 
ATOM   408  C C2    . C   A 1 19 ? -9.950  -14.584 3.234   1.00 162.70 ? 24 C   V C2    1 
ATOM   409  O O2    . C   A 1 19 ? -10.048 -13.353 3.129   1.00 145.33 ? 24 C   V O2    1 
ATOM   410  N N3    . C   A 1 19 ? -10.895 -15.325 3.857   1.00 182.99 ? 24 C   V N3    1 
ATOM   411  C C4    . C   A 1 19 ? -10.751 -16.648 3.951   1.00 184.64 ? 24 C   V C4    1 
ATOM   412  N N4    . C   A 1 19 ? -11.710 -17.338 4.572   1.00 181.34 ? 24 C   V N4    1 
ATOM   413  C C5    . C   A 1 19 ? -9.615  -17.322 3.415   1.00 169.89 ? 24 C   V C5    1 
ATOM   414  C C6    . C   A 1 19 ? -8.686  -16.576 2.804   1.00 160.79 ? 24 C   V C6    1 
ATOM   415  P P     . G   A 1 20 ? -4.679  -11.231 1.234   1.00 118.85 ? 25 G   V P     1 
ATOM   416  O OP1   . G   A 1 20 ? -5.333  -9.955  0.844   1.00 104.86 ? 25 G   V OP1   1 
ATOM   417  O OP2   . G   A 1 20 ? -3.522  -11.750 0.460   1.00 119.22 ? 25 G   V OP2   1 
ATOM   418  O "O5'" . G   A 1 20 ? -4.225  -11.094 2.755   1.00 121.38 ? 25 G   V "O5'" 1 
ATOM   419  C "C5'" . G   A 1 20 ? -2.949  -11.550 3.186   1.00 107.13 ? 25 G   V "C5'" 1 
ATOM   420  C "C4'" . G   A 1 20 ? -2.512  -10.853 4.451   1.00 107.47 ? 25 G   V "C4'" 1 
ATOM   421  O "O4'" . G   A 1 20 ? -1.884  -9.588  4.121   1.00 117.42 ? 25 G   V "O4'" 1 
ATOM   422  C "C3'" . G   A 1 20 ? -3.627  -10.474 5.416   1.00 122.14 ? 25 G   V "C3'" 1 
ATOM   423  O "O3'" . G   A 1 20 ? -4.027  -11.550 6.245   1.00 130.85 ? 25 G   V "O3'" 1 
ATOM   424  C "C2'" . G   A 1 20 ? -3.030  -9.301  6.183   1.00 113.52 ? 25 G   V "C2'" 1 
ATOM   425  O "O2'" . G   A 1 20 ? -2.150  -9.758  7.199   1.00 125.40 ? 25 G   V "O2'" 1 
ATOM   426  C "C1'" . G   A 1 20 ? -2.202  -8.618  5.095   1.00 107.82 ? 25 G   V "C1'" 1 
ATOM   427  N N9    . G   A 1 20 ? -2.939  -7.525  4.435   1.00 97.85  ? 25 G   V N9    1 
ATOM   428  C C8    . G   A 1 20 ? -3.407  -7.519  3.144   1.00 99.36  ? 25 G   V C8    1 
ATOM   429  N N7    . G   A 1 20 ? -4.017  -6.414  2.821   1.00 97.98  ? 25 G   V N7    1 
ATOM   430  C C5    . G   A 1 20 ? -3.949  -5.642  3.970   1.00 92.47  ? 25 G   V C5    1 
ATOM   431  C C6    . G   A 1 20 ? -4.446  -4.337  4.219   1.00 95.34  ? 25 G   V C6    1 
ATOM   432  O O6    . G   A 1 20 ? -5.059  -3.590  3.448   1.00 93.28  ? 25 G   V O6    1 
ATOM   433  N N1    . G   A 1 20 ? -4.161  -3.924  5.516   1.00 97.30  ? 25 G   V N1    1 
ATOM   434  C C2    . G   A 1 20 ? -3.487  -4.672  6.452   1.00 106.64 ? 25 G   V C2    1 
ATOM   435  N N2    . G   A 1 20 ? -3.312  -4.095  7.651   1.00 108.09 ? 25 G   V N2    1 
ATOM   436  N N3    . G   A 1 20 ? -3.019  -5.891  6.232   1.00 100.02 ? 25 G   V N3    1 
ATOM   437  C C4    . G   A 1 20 ? -3.284  -6.310  4.977   1.00 93.72  ? 25 G   V C4    1 
ATOM   438  P P     . U   A 1 21 ? -5.577  -11.738 6.624   1.00 121.53 ? 26 U   V P     1 
ATOM   439  O OP1   . U   A 1 21 ? -5.737  -13.090 7.217   1.00 115.61 ? 26 U   V OP1   1 
ATOM   440  O OP2   . U   A 1 21 ? -6.386  -11.344 5.441   1.00 125.35 ? 26 U   V OP2   1 
ATOM   441  O "O5'" . U   A 1 21 ? -5.827  -10.663 7.772   1.00 117.57 ? 26 U   V "O5'" 1 
ATOM   442  C "C5'" . U   A 1 21 ? -5.141  -10.753 9.012   1.00 121.56 ? 26 U   V "C5'" 1 
ATOM   443  C "C4'" . U   A 1 21 ? -5.355  -9.521  9.854   1.00 122.87 ? 26 U   V "C4'" 1 
ATOM   444  O "O4'" . U   A 1 21 ? -4.802  -8.362  9.177   1.00 118.00 ? 26 U   V "O4'" 1 
ATOM   445  C "C3'" . U   A 1 21 ? -6.802  -9.138  10.117  1.00 133.98 ? 26 U   V "C3'" 1 
ATOM   446  O "O3'" . U   A 1 21 ? -7.393  -9.884  11.167  1.00 135.96 ? 26 U   V "O3'" 1 
ATOM   447  C "C2'" . U   A 1 21 ? -6.705  -7.646  10.407  1.00 123.17 ? 26 U   V "C2'" 1 
ATOM   448  O "O2'" . U   A 1 21 ? -6.262  -7.420  11.737  1.00 132.15 ? 26 U   V "O2'" 1 
ATOM   449  C "C1'" . U   A 1 21 ? -5.592  -7.223  9.447   1.00 110.04 ? 26 U   V "C1'" 1 
ATOM   450  N N1    . U   A 1 21 ? -6.122  -6.700  8.169   1.00 102.04 ? 26 U   V N1    1 
ATOM   451  C C2    . U   A 1 21 ? -6.618  -5.408  8.163   1.00 104.83 ? 26 U   V C2    1 
ATOM   452  O O2    . U   A 1 21 ? -6.639  -4.700  9.155   1.00 105.01 ? 26 U   V O2    1 
ATOM   453  N N3    . U   A 1 21 ? -7.092  -4.973  6.951   1.00 98.44  ? 26 U   V N3    1 
ATOM   454  C C4    . U   A 1 21 ? -7.118  -5.684  5.769   1.00 97.80  ? 26 U   V C4    1 
ATOM   455  O O4    . U   A 1 21 ? -7.579  -5.154  4.757   1.00 101.42 ? 26 U   V O4    1 
ATOM   456  C C5    . U   A 1 21 ? -6.588  -7.010  5.855   1.00 98.12  ? 26 U   V C5    1 
ATOM   457  C C6    . U   A 1 21 ? -6.118  -7.461  7.023   1.00 101.68 ? 26 U   V C6    1 
ATOM   458  P P     . U   A 1 22 ? -8.960  -10.236 11.115  1.00 142.31 ? 27 U   V P     1 
ATOM   459  O OP1   . U   A 1 22 ? -9.289  -11.067 12.301  1.00 139.01 ? 27 U   V OP1   1 
ATOM   460  O OP2   . U   A 1 22 ? -9.269  -10.740 9.753   1.00 135.50 ? 27 U   V OP2   1 
ATOM   461  O "O5'" . U   A 1 22 ? -9.680  -8.825  11.294  1.00 122.39 ? 27 U   V "O5'" 1 
ATOM   462  C "C5'" . U   A 1 22 ? -9.617  -8.133  12.532  1.00 121.39 ? 27 U   V "C5'" 1 
ATOM   463  C "C4'" . U   A 1 22 ? -10.138 -6.723  12.412  1.00 124.35 ? 27 U   V "C4'" 1 
ATOM   464  O "O4'" . U   A 1 22 ? -9.361  -5.985  11.432  1.00 120.71 ? 27 U   V "O4'" 1 
ATOM   465  C "C3'" . U   A 1 22 ? -11.568 -6.567  11.923  1.00 139.46 ? 27 U   V "C3'" 1 
ATOM   466  O "O3'" . U   A 1 22 ? -12.541 -6.822  12.920  1.00 139.65 ? 27 U   V "O3'" 1 
ATOM   467  C "C2'" . U   A 1 22 ? -11.580 -5.135  11.408  1.00 127.35 ? 27 U   V "C2'" 1 
ATOM   468  O "O2'" . U   A 1 22 ? -11.648 -4.213  12.486  1.00 126.20 ? 27 U   V "O2'" 1 
ATOM   469  C "C1'" . U   A 1 22 ? -10.188 -5.039  10.781  1.00 117.20 ? 27 U   V "C1'" 1 
ATOM   470  N N1    . U   A 1 22 ? -10.216 -5.334  9.329   1.00 115.62 ? 27 U   V N1    1 
ATOM   471  C C2    . U   A 1 22 ? -10.582 -4.302  8.483   1.00 113.51 ? 27 U   V C2    1 
ATOM   472  O O2    . U   A 1 22 ? -10.867 -3.187  8.885   1.00 113.36 ? 27 U   V O2    1 
ATOM   473  N N3    . U   A 1 22 ? -10.600 -4.618  7.147   1.00 106.19 ? 27 U   V N3    1 
ATOM   474  C C4    . U   A 1 22 ? -10.299 -5.839  6.580   1.00 109.82 ? 27 U   V C4    1 
ATOM   475  O O4    . U   A 1 22 ? -10.361 -5.968  5.357   1.00 113.54 ? 27 U   V O4    1 
ATOM   476  C C5    . U   A 1 22 ? -9.933  -6.857  7.518   1.00 107.21 ? 27 U   V C5    1 
ATOM   477  C C6    . U   A 1 22 ? -9.906  -6.578  8.827   1.00 110.42 ? 27 U   V C6    1 
ATOM   478  P P     . C   A 1 23 ? -13.957 -7.459  12.503  1.00 141.01 ? 28 C   V P     1 
ATOM   479  O OP1   . C   A 1 23 ? -14.738 -7.673  13.749  1.00 153.94 ? 28 C   V OP1   1 
ATOM   480  O OP2   . C   A 1 23 ? -13.701 -8.605  11.595  1.00 138.33 ? 28 C   V OP2   1 
ATOM   481  O "O5'" . C   A 1 23 ? -14.671 -6.306  11.662  1.00 125.06 ? 28 C   V "O5'" 1 
ATOM   482  C "C5'" . C   A 1 23 ? -15.372 -5.264  12.322  1.00 130.93 ? 28 C   V "C5'" 1 
ATOM   483  C "C4'" . C   A 1 23 ? -15.622 -4.075  11.425  1.00 133.57 ? 28 C   V "C4'" 1 
ATOM   484  O "O4'" . C   A 1 23 ? -14.482 -3.828  10.562  1.00 130.97 ? 28 C   V "O4'" 1 
ATOM   485  C "C3'" . C   A 1 23 ? -16.782 -4.175  10.449  1.00 144.73 ? 28 C   V "C3'" 1 
ATOM   486  O "O3'" . C   A 1 23 ? -18.053 -4.020  11.054  1.00 153.41 ? 28 C   V "O3'" 1 
ATOM   487  C "C2'" . C   A 1 23 ? -16.445 -3.079  9.447   1.00 133.34 ? 28 C   V "C2'" 1 
ATOM   488  O "O2'" . C   A 1 23 ? -16.750 -1.798  9.980   1.00 126.40 ? 28 C   V "O2'" 1 
ATOM   489  C "C1'" . C   A 1 23 ? -14.923 -3.214  9.364   1.00 129.49 ? 28 C   V "C1'" 1 
ATOM   490  N N1    . C   A 1 23 ? -14.509 -4.026  8.196   1.00 125.70 ? 28 C   V N1    1 
ATOM   491  C C2    . C   A 1 23 ? -14.456 -3.385  6.954   1.00 124.57 ? 28 C   V C2    1 
ATOM   492  O O2    . C   A 1 23 ? -14.741 -2.180  6.889   1.00 118.83 ? 28 C   V O2    1 
ATOM   493  N N3    . C   A 1 23 ? -14.092 -4.086  5.855   1.00 116.56 ? 28 C   V N3    1 
ATOM   494  C C4    . C   A 1 23 ? -13.794 -5.381  5.962   1.00 119.62 ? 28 C   V C4    1 
ATOM   495  N N4    . C   A 1 23 ? -13.441 -6.031  4.852   1.00 117.21 ? 28 C   V N4    1 
ATOM   496  C C5    . C   A 1 23 ? -13.847 -6.063  7.214   1.00 120.28 ? 28 C   V C5    1 
ATOM   497  C C6    . C   A 1 23 ? -14.207 -5.355  8.295   1.00 118.90 ? 28 C   V C6    1 
ATOM   498  P P     . C   A 1 24 ? -19.338 -4.733  10.404  1.00 151.73 ? 29 C   V P     1 
ATOM   499  O OP1   . C   A 1 24 ? -20.434 -4.681  11.405  1.00 163.14 ? 29 C   V OP1   1 
ATOM   500  O OP2   . C   A 1 24 ? -18.911 -6.048  9.855   1.00 133.94 ? 29 C   V OP2   1 
ATOM   501  O "O5'" . C   A 1 24 ? -19.734 -3.788  9.183   1.00 117.36 ? 29 C   V "O5'" 1 
ATOM   502  C "C5'" . C   A 1 24 ? -20.147 -2.449  9.409   1.00 120.23 ? 29 C   V "C5'" 1 
ATOM   503  C "C4'" . C   A 1 24 ? -20.276 -1.668  8.123   1.00 130.07 ? 29 C   V "C4'" 1 
ATOM   504  O "O4'" . C   A 1 24 ? -19.006 -1.642  7.417   1.00 138.58 ? 29 C   V "O4'" 1 
ATOM   505  C "C3'" . C   A 1 24 ? -21.246 -2.209  7.085   1.00 129.11 ? 29 C   V "C3'" 1 
ATOM   506  O "O3'" . C   A 1 24 ? -22.605 -1.941  7.375   1.00 125.36 ? 29 C   V "O3'" 1 
ATOM   507  C "C2'" . C   A 1 24 ? -20.750 -1.545  5.808   1.00 130.00 ? 29 C   V "C2'" 1 
ATOM   508  O "O2'" . C   A 1 24 ? -21.149 -0.184  5.764   1.00 124.33 ? 29 C   V "O2'" 1 
ATOM   509  C "C1'" . C   A 1 24 ? -19.238 -1.593  6.021   1.00 129.02 ? 29 C   V "C1'" 1 
ATOM   510  N N1    . C   A 1 24 ? -18.635 -2.788  5.384   1.00 124.29 ? 29 C   V N1    1 
ATOM   511  C C2    . C   A 1 24 ? -18.480 -2.801  3.991   1.00 117.42 ? 29 C   V C2    1 
ATOM   512  O O2    . C   A 1 24 ? -18.841 -1.815  3.327   1.00 118.24 ? 29 C   V O2    1 
ATOM   513  N N3    . C   A 1 24 ? -17.938 -3.888  3.396   1.00 111.42 ? 29 C   V N3    1 
ATOM   514  C C4    . C   A 1 24 ? -17.557 -4.932  4.131   1.00 114.67 ? 29 C   V C4    1 
ATOM   515  N N4    . C   A 1 24 ? -17.025 -5.981  3.500   1.00 114.24 ? 29 C   V N4    1 
ATOM   516  C C5    . C   A 1 24 ? -17.705 -4.948  5.548   1.00 120.03 ? 29 C   V C5    1 
ATOM   517  C C6    . C   A 1 24 ? -18.244 -3.868  6.127   1.00 122.88 ? 29 C   V C6    1 
ATOM   518  P P     . U   A 1 25 ? -23.740 -2.983  6.911   1.00 141.94 ? 30 U   V P     1 
ATOM   519  O OP1   . U   A 1 25 ? -25.025 -2.573  7.533   1.00 153.44 ? 30 U   V OP1   1 
ATOM   520  O OP2   . U   A 1 25 ? -23.216 -4.356  7.138   1.00 121.31 ? 30 U   V OP2   1 
ATOM   521  O "O5'" . U   A 1 25 ? -23.861 -2.760  5.338   1.00 119.44 ? 30 U   V "O5'" 1 
ATOM   522  C "C5'" . U   A 1 25 ? -24.297 -1.517  4.808   1.00 124.84 ? 30 U   V "C5'" 1 
ATOM   523  C "C4'" . U   A 1 25 ? -24.317 -1.531  3.299   1.00 126.87 ? 30 U   V "C4'" 1 
ATOM   524  O "O4'" . U   A 1 25 ? -22.962 -1.638  2.784   1.00 128.40 ? 30 U   V "O4'" 1 
ATOM   525  C "C3'" . U   A 1 25 ? -25.041 -2.700  2.649   1.00 133.43 ? 30 U   V "C3'" 1 
ATOM   526  O "O3'" . U   A 1 25 ? -26.450 -2.561  2.636   1.00 136.79 ? 30 U   V "O3'" 1 
ATOM   527  C "C2'" . U   A 1 25 ? -24.411 -2.744  1.265   1.00 118.81 ? 30 U   V "C2'" 1 
ATOM   528  O "O2'" . U   A 1 25 ? -24.931 -1.708  0.443   1.00 120.81 ? 30 U   V "O2'" 1 
ATOM   529  C "C1'" . U   A 1 25 ? -22.958 -2.407  1.597   1.00 110.72 ? 30 U   V "C1'" 1 
ATOM   530  N N1    . U   A 1 25 ? -22.155 -3.630  1.825   1.00 107.69 ? 30 U   V N1    1 
ATOM   531  C C2    . U   A 1 25 ? -21.735 -4.345  0.718   1.00 102.94 ? 30 U   V C2    1 
ATOM   532  O O2    . U   A 1 25 ? -21.993 -4.012  -0.428  1.00 106.62 ? 30 U   V O2    1 
ATOM   533  N N3    . U   A 1 25 ? -20.998 -5.468  1.002   1.00 97.52  ? 30 U   V N3    1 
ATOM   534  C C4    . U   A 1 25 ? -20.646 -5.940  2.251   1.00 100.71 ? 30 U   V C4    1 
ATOM   535  O O4    . U   A 1 25 ? -19.975 -6.970  2.347   1.00 104.10 ? 30 U   V O4    1 
ATOM   536  C C5    . U   A 1 25 ? -21.118 -5.146  3.341   1.00 107.71 ? 30 U   V C5    1 
ATOM   537  C C6    . U   A 1 25 ? -21.838 -4.048  3.097   1.00 114.10 ? 30 U   V C6    1 
ATOM   538  P P     . C   A 1 26 ? -27.377 -3.861  2.802   1.00 130.83 ? 31 C   V P     1 
ATOM   539  O OP1   . C   A 1 26 ? -28.779 -3.400  2.968   1.00 149.16 ? 31 C   V OP1   1 
ATOM   540  O OP2   . C   A 1 26 ? -26.759 -4.739  3.830   1.00 106.36 ? 31 C   V OP2   1 
ATOM   541  O "O5'" . C   A 1 26 ? -27.268 -4.597  1.393   1.00 119.43 ? 31 C   V "O5'" 1 
ATOM   542  C "C5'" . C   A 1 26 ? -27.701 -3.955  0.203   1.00 123.62 ? 31 C   V "C5'" 1 
ATOM   543  C "C4'" . C   A 1 26 ? -27.407 -4.788  -1.020  1.00 122.76 ? 31 C   V "C4'" 1 
ATOM   544  O "O4'" . C   A 1 26 ? -25.974 -4.868  -1.238  1.00 122.58 ? 31 C   V "O4'" 1 
ATOM   545  C "C3'" . C   A 1 26 ? -27.842 -6.243  -0.963  1.00 124.00 ? 31 C   V "C3'" 1 
ATOM   546  O "O3'" . C   A 1 26 ? -29.225 -6.440  -1.186  1.00 122.42 ? 31 C   V "O3'" 1 
ATOM   547  C "C2'" . C   A 1 26 ? -26.952 -6.889  -2.013  1.00 114.93 ? 31 C   V "C2'" 1 
ATOM   548  O "O2'" . C   A 1 26 ? -27.427 -6.597  -3.320  1.00 130.95 ? 31 C   V "O2'" 1 
ATOM   549  C "C1'" . C   A 1 26 ? -25.644 -6.127  -1.797  1.00 107.65 ? 31 C   V "C1'" 1 
ATOM   550  N N1    . C   A 1 26 ? -24.742 -6.846  -0.868  1.00 92.96  ? 31 C   V N1    1 
ATOM   551  C C2    . C   A 1 26 ? -24.019 -7.942  -1.349  1.00 98.70  ? 31 C   V C2    1 
ATOM   552  O O2    . C   A 1 26 ? -24.147 -8.281  -2.537  1.00 102.49 ? 31 C   V O2    1 
ATOM   553  N N3    . C   A 1 26 ? -23.192 -8.612  -0.513  1.00 90.05  ? 31 C   V N3    1 
ATOM   554  C C4    . C   A 1 26 ? -23.073 -8.225  0.758   1.00 93.55  ? 31 C   V C4    1 
ATOM   555  N N4    . C   A 1 26 ? -22.247 -8.914  1.546   1.00 93.80  ? 31 C   V N4    1 
ATOM   556  C C5    . C   A 1 26 ? -23.800 -7.113  1.276   1.00 100.59 ? 31 C   V C5    1 
ATOM   557  C C6    . C   A 1 26 ? -24.615 -6.459  0.437   1.00 99.95  ? 31 C   V C6    1 
ATOM   558  P P     . G   A 1 27 ? -30.014 -7.544  -0.326  1.00 125.16 ? 32 G   V P     1 
ATOM   559  O OP1   . G   A 1 27 ? -31.415 -7.594  -0.816  1.00 127.83 ? 32 G   V OP1   1 
ATOM   560  O OP2   . G   A 1 27 ? -29.738 -7.275  1.109   1.00 108.35 ? 32 G   V OP2   1 
ATOM   561  O "O5'" . G   A 1 27 ? -29.304 -8.918  -0.715  1.00 108.07 ? 32 G   V "O5'" 1 
ATOM   562  C "C5'" . G   A 1 27 ? -29.427 -9.451  -2.025  1.00 105.67 ? 32 G   V "C5'" 1 
ATOM   563  C "C4'" . G   A 1 27 ? -28.691 -10.758 -2.181  1.00 103.37 ? 32 G   V "C4'" 1 
ATOM   564  O "O4'" . G   A 1 27 ? -27.256 -10.547 -2.105  1.00 102.04 ? 32 G   V "O4'" 1 
ATOM   565  C "C3'" . G   A 1 27 ? -28.951 -11.815 -1.123  1.00 103.88 ? 32 G   V "C3'" 1 
ATOM   566  O "O3'" . G   A 1 27 ? -30.186 -12.488 -1.281  1.00 114.29 ? 32 G   V "O3'" 1 
ATOM   567  C "C2'" . G   A 1 27 ? -27.731 -12.717 -1.264  1.00 97.27  ? 32 G   V "C2'" 1 
ATOM   568  O "O2'" . G   A 1 27 ? -27.848 -13.550 -2.408  1.00 84.63  ? 32 G   V "O2'" 1 
ATOM   569  C "C1'" . G   A 1 27 ? -26.637 -11.684 -1.533  1.00 94.55  ? 32 G   V "C1'" 1 
ATOM   570  N N9    . G   A 1 27 ? -25.962 -11.281 -0.286  1.00 83.54  ? 32 G   V N9    1 
ATOM   571  C C8    . G   A 1 27 ? -26.203 -10.156 0.464   1.00 92.45  ? 32 G   V C8    1 
ATOM   572  N N7    . G   A 1 27 ? -25.447 -10.082 1.526   1.00 102.00 ? 32 G   V N7    1 
ATOM   573  C C5    . G   A 1 27 ? -24.663 -11.227 1.476   1.00 87.27  ? 32 G   V C5    1 
ATOM   574  C C6    . G   A 1 27 ? -23.653 -11.695 2.357   1.00 89.27  ? 32 G   V C6    1 
ATOM   575  O O6    . G   A 1 27 ? -23.230 -11.174 3.396   1.00 106.29 ? 32 G   V O6    1 
ATOM   576  N N1    . G   A 1 27 ? -23.115 -12.902 1.926   1.00 84.98  ? 32 G   V N1    1 
ATOM   577  C C2    . G   A 1 27 ? -23.496 -13.576 0.793   1.00 91.81  ? 32 G   V C2    1 
ATOM   578  N N2    . G   A 1 27 ? -22.858 -14.731 0.547   1.00 88.22  ? 32 G   V N2    1 
ATOM   579  N N3    . G   A 1 27 ? -24.435 -13.152 -0.037  1.00 88.08  ? 32 G   V N3    1 
ATOM   580  C C4    . G   A 1 27 ? -24.972 -11.980 0.364   1.00 83.78  ? 32 G   V C4    1 
ATOM   581  P P     . A   A 1 28 ? -31.011 -12.943 0.020   1.00 110.72 ? 33 A   V P     1 
ATOM   582  O OP1   . A   A 1 28 ? -31.976 -13.996 -0.383  1.00 101.46 ? 33 A   V OP1   1 
ATOM   583  O OP2   . A   A 1 28 ? -31.496 -11.717 0.708   1.00 104.07 ? 33 A   V OP2   1 
ATOM   584  O "O5'" . A   A 1 28 ? -29.907 -13.615 0.951   1.00 97.19  ? 33 A   V "O5'" 1 
ATOM   585  C "C5'" . A   A 1 28 ? -30.263 -14.263 2.160   1.00 95.52  ? 33 A   V "C5'" 1 
ATOM   586  C "C4'" . A   A 1 28 ? -30.023 -15.747 2.068   1.00 92.49  ? 33 A   V "C4'" 1 
ATOM   587  O "O4'" . A   A 1 28 ? -30.813 -16.292 0.985   1.00 85.36  ? 33 A   V "O4'" 1 
ATOM   588  C "C3'" . A   A 1 28 ? -28.599 -16.176 1.745   1.00 91.64  ? 33 A   V "C3'" 1 
ATOM   589  O "O3'" . A   A 1 28 ? -27.769 -16.213 2.896   1.00 101.00 ? 33 A   V "O3'" 1 
ATOM   590  C "C2'" . A   A 1 28 ? -28.791 -17.548 1.108   1.00 85.26  ? 33 A   V "C2'" 1 
ATOM   591  O "O2'" . A   A 1 28 ? -28.920 -18.553 2.103   1.00 86.38  ? 33 A   V "O2'" 1 
ATOM   592  C "C1'" . A   A 1 28 ? -30.144 -17.389 0.405   1.00 92.70  ? 33 A   V "C1'" 1 
ATOM   593  N N9    . A   A 1 28 ? -30.033 -17.183 -1.054  1.00 90.89  ? 33 A   V N9    1 
ATOM   594  C C8    . A   A 1 28 ? -30.466 -16.112 -1.797  1.00 93.37  ? 33 A   V C8    1 
ATOM   595  N N7    . A   A 1 28 ? -30.248 -16.233 -3.085  1.00 97.32  ? 33 A   V N7    1 
ATOM   596  C C5    . A   A 1 28 ? -29.640 -17.473 -3.202  1.00 87.27  ? 33 A   V C5    1 
ATOM   597  C C6    . A   A 1 28 ? -29.157 -18.192 -4.311  1.00 90.00  ? 33 A   V C6    1 
ATOM   598  N N6    . A   A 1 28 ? -29.211 -17.746 -5.568  1.00 90.26  ? 33 A   V N6    1 
ATOM   599  N N1    . A   A 1 28 ? -28.606 -19.405 -4.081  1.00 92.96  ? 33 A   V N1    1 
ATOM   600  C C2    . A   A 1 28 ? -28.546 -19.853 -2.821  1.00 92.51  ? 33 A   V C2    1 
ATOM   601  N N3    . A   A 1 28 ? -28.965 -19.271 -1.700  1.00 91.69  ? 33 A   V N3    1 
ATOM   602  C C4    . A   A 1 28 ? -29.508 -18.071 -1.961  1.00 86.68  ? 33 A   V C4    1 
ATOM   603  P P     . A   A 1 29 ? -26.516 -15.216 3.049   1.00 112.00 ? 34 A   V P     1 
ATOM   604  O OP1   . A   A 1 29 ? -26.232 -15.105 4.504   1.00 119.81 ? 34 A   V OP1   1 
ATOM   605  O OP2   . A   A 1 29 ? -26.784 -13.982 2.264   1.00 99.59  ? 34 A   V OP2   1 
ATOM   606  O "O5'" . A   A 1 29 ? -25.302 -15.994 2.369   1.00 88.95  ? 34 A   V "O5'" 1 
ATOM   607  C "C5'" . A   A 1 29 ? -24.674 -17.092 3.021   1.00 94.99  ? 34 A   V "C5'" 1 
ATOM   608  C "C4'" . A   A 1 29 ? -24.477 -18.252 2.076   1.00 96.59  ? 34 A   V "C4'" 1 
ATOM   609  O "O4'" . A   A 1 29 ? -25.626 -18.346 1.199   1.00 101.96 ? 34 A   V "O4'" 1 
ATOM   610  C "C3'" . A   A 1 29 ? -23.286 -18.162 1.128   1.00 97.67  ? 34 A   V "C3'" 1 
ATOM   611  O "O3'" . A   A 1 29 ? -22.080 -18.607 1.729   1.00 106.84 ? 34 A   V "O3'" 1 
ATOM   612  C "C2'" . A   A 1 29 ? -23.719 -19.027 -0.050  1.00 89.87  ? 34 A   V "C2'" 1 
ATOM   613  O "O2'" . A   A 1 29 ? -23.493 -20.402 0.226   1.00 97.83  ? 34 A   V "O2'" 1 
ATOM   614  C "C1'" . A   A 1 29 ? -25.228 -18.785 -0.081  1.00 94.39  ? 34 A   V "C1'" 1 
ATOM   615  N N9    . A   A 1 29 ? -25.628 -17.770 -1.073  1.00 92.04  ? 34 A   V N9    1 
ATOM   616  C C8    . A   A 1 29 ? -26.060 -16.487 -0.839  1.00 96.68  ? 34 A   V C8    1 
ATOM   617  N N7    . A   A 1 29 ? -26.361 -15.824 -1.929  1.00 81.13  ? 34 A   V N7    1 
ATOM   618  C C5    . A   A 1 29 ? -26.117 -16.735 -2.946  1.00 77.71  ? 34 A   V C5    1 
ATOM   619  C C6    . A   A 1 29 ? -26.242 -16.643 -4.342  1.00 83.28  ? 34 A   V C6    1 
ATOM   620  N N6    . A   A 1 29 ? -26.661 -15.544 -4.974  1.00 93.67  ? 34 A   V N6    1 
ATOM   621  N N1    . A   A 1 29 ? -25.917 -17.733 -5.071  1.00 95.61  ? 34 A   V N1    1 
ATOM   622  C C2    . A   A 1 29 ? -25.495 -18.834 -4.435  1.00 97.15  ? 34 A   V C2    1 
ATOM   623  N N3    . A   A 1 29 ? -25.337 -19.042 -3.129  1.00 92.24  ? 34 A   V N3    1 
ATOM   624  C C4    . A   A 1 29 ? -25.668 -17.940 -2.434  1.00 86.34  ? 34 A   V C4    1 
ATOM   625  P P     . A   A 1 30 ? -20.690 -17.836 1.475   1.00 108.99 ? 35 A   V P     1 
ATOM   626  O OP1   . A   A 1 30 ? -19.663 -18.493 2.324   1.00 104.82 ? 35 A   V OP1   1 
ATOM   627  O OP2   . A   A 1 30 ? -20.933 -16.376 1.606   1.00 89.87  ? 35 A   V OP2   1 
ATOM   628  O "O5'" . A   A 1 30 ? -20.324 -18.154 -0.045  1.00 102.55 ? 35 A   V "O5'" 1 
ATOM   629  C "C5'" . A   A 1 30 ? -19.750 -19.399 -0.424  1.00 94.13  ? 35 A   V "C5'" 1 
ATOM   630  C "C4'" . A   A 1 30 ? -19.802 -19.592 -1.919  1.00 97.84  ? 35 A   V "C4'" 1 
ATOM   631  O "O4'" . A   A 1 30 ? -21.168 -19.407 -2.376  1.00 98.13  ? 35 A   V "O4'" 1 
ATOM   632  C "C3'" . A   A 1 30 ? -18.994 -18.600 -2.747  1.00 111.03 ? 35 A   V "C3'" 1 
ATOM   633  O "O3'" . A   A 1 30 ? -17.625 -18.950 -2.862  1.00 99.96  ? 35 A   V "O3'" 1 
ATOM   634  C "C2'" . A   A 1 30 ? -19.734 -18.589 -4.076  1.00 92.75  ? 35 A   V "C2'" 1 
ATOM   635  O "O2'" . A   A 1 30 ? -19.403 -19.735 -4.846  1.00 94.64  ? 35 A   V "O2'" 1 
ATOM   636  C "C1'" . A   A 1 30 ? -21.181 -18.722 -3.610  1.00 86.43  ? 35 A   V "C1'" 1 
ATOM   637  N N9    . A   A 1 30 ? -21.815 -17.407 -3.392  1.00 83.25  ? 35 A   V N9    1 
ATOM   638  C C8    . A   A 1 30 ? -21.829 -16.677 -2.231  1.00 87.10  ? 35 A   V C8    1 
ATOM   639  N N7    . A   A 1 30 ? -22.475 -15.540 -2.325  1.00 92.10  ? 35 A   V N7    1 
ATOM   640  C C5    . A   A 1 30 ? -22.919 -15.520 -3.639  1.00 73.08  ? 35 A   V C5    1 
ATOM   641  C C6    . A   A 1 30 ? -23.666 -14.577 -4.364  1.00 76.82  ? 35 A   V C6    1 
ATOM   642  N N6    . A   A 1 30 ? -24.118 -13.430 -3.851  1.00 88.06  ? 35 A   V N6    1 
ATOM   643  N N1    . A   A 1 30 ? -23.940 -14.860 -5.655  1.00 86.70  ? 35 A   V N1    1 
ATOM   644  C C2    . A   A 1 30 ? -23.488 -16.010 -6.171  1.00 86.95  ? 35 A   V C2    1 
ATOM   645  N N3    . A   A 1 30 ? -22.777 -16.975 -5.590  1.00 86.09  ? 35 A   V N3    1 
ATOM   646  C C4    . A   A 1 30 ? -22.519 -16.663 -4.309  1.00 81.06  ? 35 A   V C4    1 
ATOM   647  P P     . G   A 1 31 ? -16.491 -17.812 -2.809  1.00 103.69 ? 37 G   V P     1 
ATOM   648  O OP1   . G   A 1 31 ? -15.353 -18.275 -3.644  1.00 103.60 ? 37 G   V OP1   1 
ATOM   649  O OP2   . G   A 1 31 ? -16.267 -17.447 -1.387  1.00 106.48 ? 37 G   V OP2   1 
ATOM   650  O "O5'" . G   A 1 31 ? -17.148 -16.559 -3.546  1.00 94.55  ? 37 G   V "O5'" 1 
ATOM   651  C "C5'" . G   A 1 31 ? -16.849 -16.281 -4.906  1.00 91.80  ? 37 G   V "C5'" 1 
ATOM   652  C "C4'" . G   A 1 31 ? -17.897 -15.405 -5.548  1.00 87.30  ? 37 G   V "C4'" 1 
ATOM   653  O "O4'" . G   A 1 31 ? -19.136 -15.484 -4.796  1.00 91.85  ? 37 G   V "O4'" 1 
ATOM   654  C "C3'" . G   A 1 31 ? -17.595 -13.918 -5.597  1.00 89.80  ? 37 G   V "C3'" 1 
ATOM   655  O "O3'" . G   A 1 31 ? -16.715 -13.562 -6.647  1.00 92.43  ? 37 G   V "O3'" 1 
ATOM   656  C "C2'" . G   A 1 31 ? -18.983 -13.308 -5.731  1.00 90.90  ? 37 G   V "C2'" 1 
ATOM   657  O "O2'" . G   A 1 31 ? -19.462 -13.435 -7.063  1.00 94.31  ? 37 G   V "O2'" 1 
ATOM   658  C "C1'" . G   A 1 31 ? -19.801 -14.237 -4.836  1.00 89.50  ? 37 G   V "C1'" 1 
ATOM   659  N N9    . G   A 1 31 ? -19.910 -13.716 -3.460  1.00 90.51  ? 37 G   V N9    1 
ATOM   660  C C8    . G   A 1 31 ? -19.343 -14.239 -2.323  1.00 91.89  ? 37 G   V C8    1 
ATOM   661  N N7    . G   A 1 31 ? -19.625 -13.547 -1.249  1.00 88.61  ? 37 G   V N7    1 
ATOM   662  C C5    . G   A 1 31 ? -20.424 -12.508 -1.709  1.00 83.66  ? 37 G   V C5    1 
ATOM   663  C C6    . G   A 1 31 ? -21.033 -11.437 -1.009  1.00 86.75  ? 37 G   V C6    1 
ATOM   664  O O6    . G   A 1 31 ? -20.990 -11.180 0.200   1.00 89.19  ? 37 G   V O6    1 
ATOM   665  N N1    . G   A 1 31 ? -21.757 -10.614 -1.866  1.00 85.54  ? 37 G   V N1    1 
ATOM   666  C C2    . G   A 1 31 ? -21.878 -10.794 -3.221  1.00 87.30  ? 37 G   V C2    1 
ATOM   667  N N2    . G   A 1 31 ? -22.618 -9.888  -3.877  1.00 105.18 ? 37 G   V N2    1 
ATOM   668  N N3    . G   A 1 31 ? -21.315 -11.788 -3.886  1.00 85.08  ? 37 G   V N3    1 
ATOM   669  C C4    . G   A 1 31 ? -20.610 -12.599 -3.072  1.00 84.40  ? 37 G   V C4    1 
ATOM   670  P P     . A   A 1 32 ? -15.618 -12.410 -6.417  1.00 103.88 ? 38 A   V P     1 
ATOM   671  O OP1   . A   A 1 32 ? -14.638 -12.485 -7.532  1.00 105.29 ? 38 A   V OP1   1 
ATOM   672  O OP2   . A   A 1 32 ? -15.136 -12.513 -5.015  1.00 102.35 ? 38 A   V OP2   1 
ATOM   673  O "O5'" . A   A 1 32 ? -16.442 -11.055 -6.567  1.00 85.09  ? 38 A   V "O5'" 1 
ATOM   674  C "C5'" . A   A 1 32 ? -17.081 -10.733 -7.793  1.00 89.07  ? 38 A   V "C5'" 1 
ATOM   675  C "C4'" . A   A 1 32 ? -18.141 -9.673  -7.611  1.00 94.82  ? 38 A   V "C4'" 1 
ATOM   676  O "O4'" . A   A 1 32 ? -19.090 -10.091 -6.597  1.00 96.43  ? 38 A   V "O4'" 1 
ATOM   677  C "C3'" . A   A 1 32 ? -17.661 -8.317  -7.115  1.00 102.25 ? 38 A   V "C3'" 1 
ATOM   678  O "O3'" . A   A 1 32 ? -17.089 -7.519  -8.133  1.00 109.20 ? 38 A   V "O3'" 1 
ATOM   679  C "C2'" . A   A 1 32 ? -18.923 -7.721  -6.509  1.00 98.58  ? 38 A   V "C2'" 1 
ATOM   680  O "O2'" . A   A 1 32 ? -19.783 -7.230  -7.526  1.00 103.13 ? 38 A   V "O2'" 1 
ATOM   681  C "C1'" . A   A 1 32 ? -19.568 -8.961  -5.891  1.00 95.08  ? 38 A   V "C1'" 1 
ATOM   682  N N9    . A   A 1 32 ? -19.219 -9.108  -4.468  1.00 86.58  ? 38 A   V N9    1 
ATOM   683  C C8    . A   A 1 32 ? -18.419 -10.054 -3.876  1.00 98.81  ? 38 A   V C8    1 
ATOM   684  N N7    . A   A 1 32 ? -18.308 -9.909  -2.577  1.00 88.23  ? 38 A   V N7    1 
ATOM   685  C C5    . A   A 1 32 ? -19.084 -8.793  -2.299  1.00 85.93  ? 38 A   V C5    1 
ATOM   686  C C6    . A   A 1 32 ? -19.378 -8.119  -1.101  1.00 90.16  ? 38 A   V C6    1 
ATOM   687  N N6    . A   A 1 32 ? -18.904 -8.487  0.092   1.00 89.85  ? 38 A   V N6    1 
ATOM   688  N N1    . A   A 1 32 ? -20.189 -7.039  -1.175  1.00 95.12  ? 38 A   V N1    1 
ATOM   689  C C2    . A   A 1 32 ? -20.664 -6.670  -2.371  1.00 95.26  ? 38 A   V C2    1 
ATOM   690  N N3    . A   A 1 32 ? -20.460 -7.221  -3.566  1.00 88.90  ? 38 A   V N3    1 
ATOM   691  C C4    . A   A 1 32 ? -19.651 -8.290  -3.456  1.00 85.50  ? 38 A   V C4    1 
ATOM   692  P P     . G   A 1 33 ? -15.778 -6.648  -7.818  1.00 108.00 ? 39 G   V P     1 
ATOM   693  O OP1   . G   A 1 33 ? -15.241 -6.143  -9.109  1.00 120.13 ? 39 G   V OP1   1 
ATOM   694  O OP2   . G   A 1 33 ? -14.913 -7.454  -6.919  1.00 92.23  ? 39 G   V OP2   1 
ATOM   695  O "O5'" . G   A 1 33 ? -16.330 -5.405  -6.987  1.00 108.72 ? 39 G   V "O5'" 1 
ATOM   696  C "C5'" . G   A 1 33 ? -17.121 -4.407  -7.615  1.00 120.23 ? 39 G   V "C5'" 1 
ATOM   697  C "C4'" . G   A 1 33 ? -17.776 -3.491  -6.614  1.00 117.85 ? 39 G   V "C4'" 1 
ATOM   698  O "O4'" . G   A 1 33 ? -18.619 -4.256  -5.709  1.00 119.77 ? 39 G   V "O4'" 1 
ATOM   699  C "C3'" . G   A 1 33 ? -16.854 -2.728  -5.679  1.00 126.27 ? 39 G   V "C3'" 1 
ATOM   700  O "O3'" . G   A 1 33 ? -16.222 -1.610  -6.278  1.00 126.96 ? 39 G   V "O3'" 1 
ATOM   701  C "C2'" . G   A 1 33 ? -17.795 -2.366  -4.542  1.00 122.94 ? 39 G   V "C2'" 1 
ATOM   702  O "O2'" . G   A 1 33 ? -18.664 -1.309  -4.924  1.00 122.28 ? 39 G   V "O2'" 1 
ATOM   703  C "C1'" . G   A 1 33 ? -18.619 -3.646  -4.433  1.00 106.95 ? 39 G   V "C1'" 1 
ATOM   704  N N9    . G   A 1 33 ? -18.017 -4.570  -3.457  1.00 93.38  ? 39 G   V N9    1 
ATOM   705  C C8    . G   A 1 33 ? -17.323 -5.729  -3.704  1.00 100.85 ? 39 G   V C8    1 
ATOM   706  N N7    . G   A 1 33 ? -16.907 -6.311  -2.611  1.00 100.51 ? 39 G   V N7    1 
ATOM   707  C C5    . G   A 1 33 ? -17.346 -5.482  -1.585  1.00 93.19  ? 39 G   V C5    1 
ATOM   708  C C6    . G   A 1 33 ? -17.196 -5.593  -0.178  1.00 99.18  ? 39 G   V C6    1 
ATOM   709  O O6    . G   A 1 33 ? -16.624 -6.477  0.473   1.00 105.13 ? 39 G   V O6    1 
ATOM   710  N N1    . G   A 1 33 ? -17.801 -4.525  0.481   1.00 101.03 ? 39 G   V N1    1 
ATOM   711  C C2    . G   A 1 33 ? -18.463 -3.488  -0.129  1.00 104.86 ? 39 G   V C2    1 
ATOM   712  N N2    . G   A 1 33 ? -18.980 -2.549  0.678   1.00 105.59 ? 39 G   V N2    1 
ATOM   713  N N3    . G   A 1 33 ? -18.608 -3.375  -1.438  1.00 99.43  ? 39 G   V N3    1 
ATOM   714  C C4    . G   A 1 33 ? -18.028 -4.400  -2.095  1.00 90.83  ? 39 G   V C4    1 
ATOM   715  P P     . G   A 1 34 ? -14.772 -1.147  -5.764  1.00 131.94 ? 40 G   V P     1 
ATOM   716  O OP1   . G   A 1 34 ? -14.302 -0.066  -6.664  1.00 125.67 ? 40 G   V OP1   1 
ATOM   717  O OP2   . G   A 1 34 ? -13.936 -2.359  -5.567  1.00 123.26 ? 40 G   V OP2   1 
ATOM   718  O "O5'" . G   A 1 34 ? -15.053 -0.515  -4.327  1.00 118.00 ? 40 G   V "O5'" 1 
ATOM   719  C "C5'" . G   A 1 34 ? -15.915 0.604   -4.184  1.00 134.38 ? 40 G   V "C5'" 1 
ATOM   720  C "C4'" . G   A 1 34 ? -16.220 0.910   -2.740  1.00 129.78 ? 40 G   V "C4'" 1 
ATOM   721  O "O4'" . G   A 1 34 ? -16.824 -0.239  -2.089  1.00 118.93 ? 40 G   V "O4'" 1 
ATOM   722  C "C3'" . G   A 1 34 ? -15.039 1.241   -1.848  1.00 138.60 ? 40 G   V "C3'" 1 
ATOM   723  O "O3'" . G   A 1 34 ? -14.545 2.556   -2.031  1.00 141.59 ? 40 G   V "O3'" 1 
ATOM   724  C "C2'" . G   A 1 34 ? -15.613 0.995   -0.460  1.00 126.75 ? 40 G   V "C2'" 1 
ATOM   725  O "O2'" . G   A 1 34 ? -16.456 2.068   -0.066  1.00 136.74 ? 40 G   V "O2'" 1 
ATOM   726  C "C1'" . G   A 1 34 ? -16.489 -0.232  -0.715  1.00 116.50 ? 40 G   V "C1'" 1 
ATOM   727  N N9    . G   A 1 34 ? -15.786 -1.482  -0.370  1.00 109.53 ? 40 G   V N9    1 
ATOM   728  C C8    . G   A 1 34 ? -15.291 -2.446  -1.214  1.00 110.71 ? 40 G   V C8    1 
ATOM   729  N N7    . G   A 1 34 ? -14.716 -3.430  -0.576  1.00 109.17 ? 40 G   V N7    1 
ATOM   730  C C5    . G   A 1 34 ? -14.832 -3.096  0.768   1.00 106.68 ? 40 G   V C5    1 
ATOM   731  C C6    . G   A 1 34 ? -14.397 -3.777  1.938   1.00 111.42 ? 40 G   V C6    1 
ATOM   732  O O6    . G   A 1 34 ? -13.796 -4.856  2.037   1.00 113.36 ? 40 G   V O6    1 
ATOM   733  N N1    . G   A 1 34 ? -14.730 -3.071  3.092   1.00 111.72 ? 40 G   V N1    1 
ATOM   734  C C2    . G   A 1 34 ? -15.393 -1.868  3.119   1.00 112.80 ? 40 G   V C2    1 
ATOM   735  N N2    . G   A 1 34 ? -15.622 -1.343  4.332   1.00 113.87 ? 40 G   V N2    1 
ATOM   736  N N3    . G   A 1 34 ? -15.803 -1.227  2.037   1.00 106.73 ? 40 G   V N3    1 
ATOM   737  C C4    . G   A 1 34 ? -15.491 -1.894  0.909   1.00 103.79 ? 40 G   V C4    1 
ATOM   738  P P     . A   A 1 35 ? -12.994 2.873   -1.756  1.00 154.01 ? 41 A   V P     1 
ATOM   739  O OP1   . A   A 1 35 ? -12.701 4.200   -2.352  1.00 135.65 ? 41 A   V OP1   1 
ATOM   740  O OP2   . A   A 1 35 ? -12.193 1.691   -2.171  1.00 130.13 ? 41 A   V OP2   1 
ATOM   741  O "O5'" . A   A 1 35 ? -12.901 2.994   -0.170  1.00 133.92 ? 41 A   V "O5'" 1 
ATOM   742  C "C5'" . A   A 1 35 ? -13.718 3.916   0.538   1.00 133.49 ? 41 A   V "C5'" 1 
ATOM   743  C "C4'" . A   A 1 35 ? -13.670 3.683   2.029   1.00 128.19 ? 41 A   V "C4'" 1 
ATOM   744  O "O4'" . A   A 1 35 ? -14.176 2.362   2.348   1.00 125.59 ? 41 A   V "O4'" 1 
ATOM   745  C "C3'" . A   A 1 35 ? -12.295 3.708   2.671   1.00 136.96 ? 41 A   V "C3'" 1 
ATOM   746  O "O3'" . A   A 1 35 ? -11.807 5.020   2.885   1.00 153.04 ? 41 A   V "O3'" 1 
ATOM   747  C "C2'" . A   A 1 35 ? -12.515 2.923   3.958   1.00 126.05 ? 41 A   V "C2'" 1 
ATOM   748  O "O2'" . A   A 1 35 ? -13.133 3.735   4.945   1.00 125.44 ? 41 A   V "O2'" 1 
ATOM   749  C "C1'" . A   A 1 35 ? -13.526 1.868   3.502   1.00 121.95 ? 41 A   V "C1'" 1 
ATOM   750  N N9    . A   A 1 35 ? -12.882 0.581   3.182   1.00 115.87 ? 41 A   V N9    1 
ATOM   751  C C8    . A   A 1 35 ? -12.626 0.038   1.948   1.00 122.10 ? 41 A   V C8    1 
ATOM   752  N N7    . A   A 1 35 ? -12.041 -1.133  2.003   1.00 120.04 ? 41 A   V N7    1 
ATOM   753  C C5    . A   A 1 35 ? -11.902 -1.379  3.362   1.00 112.84 ? 41 A   V C5    1 
ATOM   754  C C6    . A   A 1 35 ? -11.356 -2.458  4.084   1.00 114.39 ? 41 A   V C6    1 
ATOM   755  N N6    . A   A 1 35 ? -10.821 -3.544  3.517   1.00 116.23 ? 41 A   V N6    1 
ATOM   756  N N1    . A   A 1 35 ? -11.376 -2.385  5.434   1.00 110.17 ? 41 A   V N1    1 
ATOM   757  C C2    . A   A 1 35 ? -11.910 -1.298  6.007   1.00 112.96 ? 41 A   V C2    1 
ATOM   758  N N3    . A   A 1 35 ? -12.455 -0.224  5.437   1.00 110.23 ? 41 A   V N3    1 
ATOM   759  C C4    . A   A 1 35 ? -12.417 -0.329  4.098   1.00 107.99 ? 41 A   V C4    1 
ATOM   760  P P     . A   A 1 36 ? -10.226 5.298   2.892   1.00 149.40 ? 42 A   V P     1 
ATOM   761  O OP1   . A   A 1 36 ? -10.014 6.763   2.778   1.00 133.65 ? 42 A   V OP1   1 
ATOM   762  O OP2   . A   A 1 36 ? -9.599  4.385   1.902   1.00 131.45 ? 42 A   V OP2   1 
ATOM   763  O "O5'" . A   A 1 36 ? -9.767  4.848   4.348   1.00 117.48 ? 42 A   V "O5'" 1 
ATOM   764  C "C5'" . A   A 1 36 ? -10.286 5.491   5.502   1.00 112.59 ? 42 A   V "C5'" 1 
ATOM   765  C "C4'" . A   A 1 36 ? -9.992  4.704   6.753   1.00 120.76 ? 42 A   V "C4'" 1 
ATOM   766  O "O4'" . A   A 1 36 ? -10.640 3.407   6.681   1.00 122.67 ? 42 A   V "O4'" 1 
ATOM   767  C "C3'" . A   A 1 36 ? -8.531  4.371   7.001   1.00 124.46 ? 42 A   V "C3'" 1 
ATOM   768  O "O3'" . A   A 1 36 ? -7.801  5.448   7.564   1.00 124.46 ? 42 A   V "O3'" 1 
ATOM   769  C "C2'" . A   A 1 36 ? -8.621  3.149   7.904   1.00 125.47 ? 42 A   V "C2'" 1 
ATOM   770  O "O2'" . A   A 1 36 ? -8.936  3.527   9.237   1.00 107.13 ? 42 A   V "O2'" 1 
ATOM   771  C "C1'" . A   A 1 36 ? -9.831  2.431   7.307   1.00 120.67 ? 42 A   V "C1'" 1 
ATOM   772  N N9    . A   A 1 36 ? -9.431  1.434   6.297   1.00 125.20 ? 42 A   V N9    1 
ATOM   773  C C8    . A   A 1 36 ? -9.447  1.562   4.930   1.00 119.42 ? 42 A   V C8    1 
ATOM   774  N N7    . A   A 1 36 ? -9.026  0.494   4.295   1.00 116.91 ? 42 A   V N7    1 
ATOM   775  C C5    . A   A 1 36 ? -8.711  -0.396  5.312   1.00 112.66 ? 42 A   V C5    1 
ATOM   776  C C6    . A   A 1 36 ? -8.211  -1.711  5.303   1.00 110.36 ? 42 A   V C6    1 
ATOM   777  N N6    . A   A 1 36 ? -7.929  -2.387  4.188   1.00 109.61 ? 42 A   V N6    1 
ATOM   778  N N1    . A   A 1 36 ? -8.006  -2.317  6.494   1.00 107.25 ? 42 A   V N1    1 
ATOM   779  C C2    . A   A 1 36 ? -8.287  -1.638  7.614   1.00 111.74 ? 42 A   V C2    1 
ATOM   780  N N3    . A   A 1 36 ? -8.761  -0.401  7.751   1.00 108.18 ? 42 A   V N3    1 
ATOM   781  C C4    . A   A 1 36 ? -8.952  0.171   6.550   1.00 110.80 ? 42 A   V C4    1 
ATOM   782  P P     . C   A 1 37 ? -6.245  5.634   7.209   1.00 138.58 ? 43 C   V P     1 
ATOM   783  O OP1   . C   A 1 37 ? -5.775  6.890   7.847   1.00 141.44 ? 43 C   V OP1   1 
ATOM   784  O OP2   . C   A 1 37 ? -6.071  5.443   5.746   1.00 130.55 ? 43 C   V OP2   1 
ATOM   785  O "O5'" . C   A 1 37 ? -5.538  4.420   7.957   1.00 114.54 ? 43 C   V "O5'" 1 
ATOM   786  C "C5'" . C   A 1 37 ? -5.596  4.312   9.370   1.00 114.38 ? 43 C   V "C5'" 1 
ATOM   787  C "C4'" . C   A 1 37 ? -5.073  2.980   9.843   1.00 122.95 ? 43 C   V "C4'" 1 
ATOM   788  O "O4'" . C   A 1 37 ? -5.932  1.909   9.364   1.00 121.27 ? 43 C   V "O4'" 1 
ATOM   789  C "C3'" . C   A 1 37 ? -3.699  2.583   9.335   1.00 125.86 ? 43 C   V "C3'" 1 
ATOM   790  O "O3'" . C   A 1 37 ? -2.625  3.233   9.986   1.00 132.90 ? 43 C   V "O3'" 1 
ATOM   791  C "C2'" . C   A 1 37 ? -3.719  1.074   9.517   1.00 121.42 ? 43 C   V "C2'" 1 
ATOM   792  O "O2'" . C   A 1 37 ? -3.564  0.731   10.886  1.00 122.62 ? 43 C   V "O2'" 1 
ATOM   793  C "C1'" . C   A 1 37 ? -5.153  0.756   9.098   1.00 118.05 ? 43 C   V "C1'" 1 
ATOM   794  N N1    . C   A 1 37 ? -5.231  0.443   7.651   1.00 113.62 ? 43 C   V N1    1 
ATOM   795  C C2    . C   A 1 37 ? -4.841  -0.828  7.214   1.00 112.52 ? 43 C   V C2    1 
ATOM   796  O O2    . C   A 1 37 ? -4.453  -1.665  8.044   1.00 108.61 ? 43 C   V O2    1 
ATOM   797  N N3    . C   A 1 37 ? -4.900  -1.123  5.894   1.00 108.02 ? 43 C   V N3    1 
ATOM   798  C C4    . C   A 1 37 ? -5.322  -0.205  5.022   1.00 107.74 ? 43 C   V C4    1 
ATOM   799  N N4    . C   A 1 37 ? -5.365  -0.539  3.731   1.00 108.74 ? 43 C   V N4    1 
ATOM   800  C C5    . C   A 1 37 ? -5.719  1.098   5.437   1.00 111.62 ? 43 C   V C5    1 
ATOM   801  C C6    . C   A 1 37 ? -5.657  1.375   6.745   1.00 112.17 ? 43 C   V C6    1 
ATOM   802  P P     . U   A 1 38 ? -1.355  3.705   9.119   1.00 142.27 ? 44 U   V P     1 
ATOM   803  O OP1   . U   A 1 38 ? -0.404  4.398   10.026  1.00 141.34 ? 44 U   V OP1   1 
ATOM   804  O OP2   . U   A 1 38 ? -1.868  4.407   7.913   1.00 114.04 ? 44 U   V OP2   1 
ATOM   805  O "O5'" . U   A 1 38 ? -0.682  2.340   8.643   1.00 125.10 ? 44 U   V "O5'" 1 
ATOM   806  C "C5'" . U   A 1 38 ? -0.212  1.399   9.596   1.00 124.25 ? 44 U   V "C5'" 1 
ATOM   807  C "C4'" . U   A 1 38 ? -0.075  0.013   9.013   1.00 122.36 ? 44 U   V "C4'" 1 
ATOM   808  O "O4'" . U   A 1 38 ? -1.268  -0.360  8.271   1.00 121.18 ? 44 U   V "O4'" 1 
ATOM   809  C "C3'" . U   A 1 38 ? 1.039   -0.197  8.005   1.00 122.76 ? 44 U   V "C3'" 1 
ATOM   810  O "O3'" . U   A 1 38 ? 2.323   -0.283  8.592   1.00 124.99 ? 44 U   V "O3'" 1 
ATOM   811  C "C2'" . U   A 1 38 ? 0.594   -1.472  7.303   1.00 115.98 ? 44 U   V "C2'" 1 
ATOM   812  O "O2'" . U   A 1 38 ? 0.841   -2.607  8.120   1.00 116.79 ? 44 U   V "O2'" 1 
ATOM   813  C "C1'" . U   A 1 38 ? -0.917  -1.257  7.232   1.00 111.93 ? 44 U   V "C1'" 1 
ATOM   814  N N1    . U   A 1 38 ? -1.331  -0.694  5.926   1.00 106.27 ? 44 U   V N1    1 
ATOM   815  C C2    . U   A 1 38 ? -1.385  -1.565  4.850   1.00 108.31 ? 44 U   V C2    1 
ATOM   816  O O2    . U   A 1 38 ? -1.114  -2.752  4.936   1.00 101.16 ? 44 U   V O2    1 
ATOM   817  N N3    . U   A 1 38 ? -1.768  -1.001  3.658   1.00 104.60 ? 44 U   V N3    1 
ATOM   818  C C4    . U   A 1 38 ? -2.095  0.319   3.436   1.00 107.78 ? 44 U   V C4    1 
ATOM   819  O O4    . U   A 1 38 ? -2.423  0.678   2.304   1.00 121.91 ? 44 U   V O4    1 
ATOM   820  C C5    . U   A 1 38 ? -2.014  1.156   4.594   1.00 110.08 ? 44 U   V C5    1 
ATOM   821  C C6    . U   A 1 38 ? -1.643  0.636   5.770   1.00 107.55 ? 44 U   V C6    1 
ATOM   822  P P     . A   A 1 39 ? 3.587   0.348   7.828   1.00 128.47 ? 45 A   V P     1 
ATOM   823  O OP1   . A   A 1 39 ? 4.744   0.319   8.759   1.00 152.15 ? 45 A   V OP1   1 
ATOM   824  O OP2   . A   A 1 39 ? 3.160   1.631   7.210   1.00 109.97 ? 45 A   V OP2   1 
ATOM   825  O "O5'" . A   A 1 39 ? 3.878   -0.690  6.656   1.00 114.67 ? 45 A   V "O5'" 1 
ATOM   826  C "C5'" . A   A 1 39 ? 4.049   -2.069  6.943   1.00 111.55 ? 45 A   V "C5'" 1 
ATOM   827  C "C4'" . A   A 1 39 ? 3.870   -2.923  5.715   1.00 105.93 ? 45 A   V "C4'" 1 
ATOM   828  O "O4'" . A   A 1 39 ? 2.523   -2.792  5.193   1.00 107.80 ? 45 A   V "O4'" 1 
ATOM   829  C "C3'" . A   A 1 39 ? 4.746   -2.577  4.526   1.00 102.71 ? 45 A   V "C3'" 1 
ATOM   830  O "O3'" . A   A 1 39 ? 6.074   -3.044  4.663   1.00 101.77 ? 45 A   V "O3'" 1 
ATOM   831  C "C2'" . A   A 1 39 ? 3.987   -3.214  3.369   1.00 96.26  ? 45 A   V "C2'" 1 
ATOM   832  O "O2'" . A   A 1 39 ? 4.211   -4.615  3.332   1.00 93.52  ? 45 A   V "O2'" 1 
ATOM   833  C "C1'" . A   A 1 39 ? 2.538   -2.969  3.791   1.00 94.95  ? 45 A   V "C1'" 1 
ATOM   834  N N9    . A   A 1 39 ? 1.970   -1.776  3.137   1.00 88.92  ? 45 A   V N9    1 
ATOM   835  C C8    . A   A 1 39 ? 1.688   -0.543  3.671   1.00 99.11  ? 45 A   V C8    1 
ATOM   836  N N7    . A   A 1 39 ? 1.181   0.302   2.800   1.00 93.94  ? 45 A   V N7    1 
ATOM   837  C C5    . A   A 1 39 ? 1.130   -0.424  1.618   1.00 86.88  ? 45 A   V C5    1 
ATOM   838  C C6    . A   A 1 39 ? 0.693   -0.103  0.320   1.00 85.14  ? 45 A   V C6    1 
ATOM   839  N N6    . A   A 1 39 ? 0.202   1.092   -0.023  1.00 84.81  ? 45 A   V N6    1 
ATOM   840  N N1    . A   A 1 39 ? 0.777   -1.061  -0.628  1.00 83.96  ? 45 A   V N1    1 
ATOM   841  C C2    . A   A 1 39 ? 1.267   -2.260  -0.288  1.00 83.10  ? 45 A   V C2    1 
ATOM   842  N N3    . A   A 1 39 ? 1.710   -2.680  0.895   1.00 84.07  ? 45 A   V N3    1 
ATOM   843  C C4    . A   A 1 39 ? 1.613   -1.705  1.814   1.00 84.78  ? 45 A   V C4    1 
ATOM   844  P P     . C   A 1 40 ? 7.291   -2.186  4.063   1.00 108.85 ? 46 C   V P     1 
ATOM   845  O OP1   . C   A 1 40 ? 8.535   -2.685  4.708   1.00 95.35  ? 46 C   V OP1   1 
ATOM   846  O OP2   . C   A 1 40 ? 6.940   -0.745  4.155   1.00 101.82 ? 46 C   V OP2   1 
ATOM   847  O "O5'" . C   A 1 40 ? 7.323   -2.598  2.522   1.00 91.61  ? 46 C   V "O5'" 1 
ATOM   848  C "C5'" . C   A 1 40 ? 7.553   -3.948  2.150   1.00 93.12  ? 46 C   V "C5'" 1 
ATOM   849  C "C4'" . C   A 1 40 ? 6.938   -4.285  0.812   1.00 91.05  ? 46 C   V "C4'" 1 
ATOM   850  O "O4'" . C   A 1 40 ? 5.554   -3.856  0.767   1.00 91.73  ? 46 C   V "O4'" 1 
ATOM   851  C "C3'" . C   A 1 40 ? 7.555   -3.622  -0.407  1.00 89.03  ? 46 C   V "C3'" 1 
ATOM   852  O "O3'" . C   A 1 40 ? 8.762   -4.231  -0.819  1.00 90.77  ? 46 C   V "O3'" 1 
ATOM   853  C "C2'" . C   A 1 40 ? 6.435   -3.725  -1.433  1.00 84.96  ? 46 C   V "C2'" 1 
ATOM   854  O "O2'" . C   A 1 40 ? 6.362   -5.042  -1.959  1.00 88.55  ? 46 C   V "O2'" 1 
ATOM   855  C "C1'" . C   A 1 40 ? 5.206   -3.495  -0.556  1.00 76.20  ? 46 C   V "C1'" 1 
ATOM   856  N N1    . C   A 1 40 ? 4.763   -2.083  -0.570  1.00 75.42  ? 46 C   V N1    1 
ATOM   857  C C2    . C   A 1 40 ? 4.148   -1.571  -1.722  1.00 81.09  ? 46 C   V C2    1 
ATOM   858  O O2    . C   A 1 40 ? 3.987   -2.308  -2.709  1.00 80.70  ? 46 C   V O2    1 
ATOM   859  N N3    . C   A 1 40 ? 3.740   -0.281  -1.736  1.00 74.06  ? 46 C   V N3    1 
ATOM   860  C C4    . C   A 1 40 ? 3.921   0.487   -0.661  1.00 73.02  ? 46 C   V C4    1 
ATOM   861  N N4    . C   A 1 40 ? 3.501   1.752   -0.719  1.00 85.42  ? 46 C   V N4    1 
ATOM   862  C C5    . C   A 1 40 ? 4.539   -0.007  0.523   1.00 79.03  ? 46 C   V C5    1 
ATOM   863  C C6    . C   A 1 40 ? 4.940   -1.284  0.525   1.00 80.30  ? 46 C   V C6    1 
ATOM   864  P P     . G   A 1 41 ? 9.999   -3.311  -1.265  1.00 102.74 ? 47 G   V P     1 
ATOM   865  O OP1   . G   A 1 41 ? 11.196  -4.184  -1.383  1.00 97.47  ? 47 G   V OP1   1 
ATOM   866  O OP2   . G   A 1 41 ? 10.028  -2.130  -0.366  1.00 79.58  ? 47 G   V OP2   1 
ATOM   867  O "O5'" . G   A 1 41 ? 9.596   -2.810  -2.723  1.00 89.50  ? 47 G   V "O5'" 1 
ATOM   868  C "C5'" . G   A 1 41 ? 9.549   -3.724  -3.807  1.00 88.16  ? 47 G   V "C5'" 1 
ATOM   869  C "C4'" . G   A 1 41 ? 8.993   -3.094  -5.057  1.00 83.10  ? 47 G   V "C4'" 1 
ATOM   870  O "O4'" . G   A 1 41 ? 7.625   -2.666  -4.840  1.00 77.23  ? 47 G   V "O4'" 1 
ATOM   871  C "C3'" . G   A 1 41 ? 9.684   -1.839  -5.557  1.00 86.82  ? 47 G   V "C3'" 1 
ATOM   872  O "O3'" . G   A 1 41 ? 10.901  -2.101  -6.233  1.00 93.18  ? 47 G   V "O3'" 1 
ATOM   873  C "C2'" . G   A 1 41 ? 8.614   -1.218  -6.444  1.00 84.21  ? 47 G   V "C2'" 1 
ATOM   874  O "O2'" . G   A 1 41 ? 8.549   -1.887  -7.696  1.00 81.45  ? 47 G   V "O2'" 1 
ATOM   875  C "C1'" . G   A 1 41 ? 7.343   -1.550  -5.661  1.00 76.34  ? 47 G   V "C1'" 1 
ATOM   876  N N9    . G   A 1 41 ? 6.896   -0.426  -4.817  1.00 71.39  ? 47 G   V N9    1 
ATOM   877  C C8    . G   A 1 41 ? 7.008   -0.296  -3.454  1.00 78.44  ? 47 G   V C8    1 
ATOM   878  N N7    . G   A 1 41 ? 6.504   0.823   -3.009  1.00 77.79  ? 47 G   V N7    1 
ATOM   879  C C5    . G   A 1 41 ? 6.029   1.470   -4.143  1.00 67.89  ? 47 G   V C5    1 
ATOM   880  C C6    . G   A 1 41 ? 5.378   2.724   -4.293  1.00 75.01  ? 47 G   V C6    1 
ATOM   881  O O6    . G   A 1 41 ? 5.079   3.549   -3.423  1.00 94.17  ? 47 G   V O6    1 
ATOM   882  N N1    . G   A 1 41 ? 5.071   2.985   -5.623  1.00 62.95  ? 47 G   V N1    1 
ATOM   883  C C2    . G   A 1 41 ? 5.354   2.149   -6.673  1.00 73.73  ? 47 G   V C2    1 
ATOM   884  N N2    . G   A 1 41 ? 4.980   2.575   -7.888  1.00 78.97  ? 47 G   V N2    1 
ATOM   885  N N3    . G   A 1 41 ? 5.958   0.980   -6.550  1.00 71.20  ? 47 G   V N3    1 
ATOM   886  C C4    . G   A 1 41 ? 6.265   0.708   -5.266  1.00 68.47  ? 47 G   V C4    1 
ATOM   887  P P     . G   A 1 42 ? 12.089  -1.017  -6.196  1.00 91.95  ? 48 G   V P     1 
ATOM   888  O OP1   . G   A 1 42 ? 12.939  -1.220  -7.394  1.00 96.07  ? 48 G   V OP1   1 
ATOM   889  O OP2   . G   A 1 42 ? 12.689  -1.055  -4.838  1.00 85.51  ? 48 G   V OP2   1 
ATOM   890  O "O5'" . G   A 1 42 ? 11.340  0.378   -6.363  1.00 75.53  ? 48 G   V "O5'" 1 
ATOM   891  C "C5'" . G   A 1 42 ? 11.872  1.404   -7.187  1.00 87.60  ? 48 G   V "C5'" 1 
ATOM   892  C "C4'" . G   A 1 42 ? 10.836  1.939   -8.142  1.00 80.44  ? 48 G   V "C4'" 1 
ATOM   893  O "O4'" . G   A 1 42 ? 9.517   1.849   -7.544  1.00 78.45  ? 48 G   V "O4'" 1 
ATOM   894  C "C3'" . G   A 1 42 ? 10.973  3.406   -8.517  1.00 85.75  ? 48 G   V "C3'" 1 
ATOM   895  O "O3'" . G   A 1 42 ? 11.941  3.629   -9.527  1.00 85.74  ? 48 G   V "O3'" 1 
ATOM   896  C "C2'" . G   A 1 42 ? 9.557   3.774   -8.933  1.00 80.26  ? 48 G   V "C2'" 1 
ATOM   897  O "O2'" . G   A 1 42 ? 9.280   3.313   -10.249 1.00 83.20  ? 48 G   V "O2'" 1 
ATOM   898  C "C1'" . G   A 1 42 ? 8.729   2.948   -7.948  1.00 74.44  ? 48 G   V "C1'" 1 
ATOM   899  N N9    . G   A 1 42 ? 8.354   3.719   -6.747  1.00 72.57  ? 48 G   V N9    1 
ATOM   900  C C8    . G   A 1 42 ? 8.641   3.379   -5.446  1.00 74.40  ? 48 G   V C8    1 
ATOM   901  N N7    . G   A 1 42 ? 8.181   4.237   -4.578  1.00 75.32  ? 48 G   V N7    1 
ATOM   902  C C5    . G   A 1 42 ? 7.549   5.201   -5.351  1.00 72.87  ? 48 G   V C5    1 
ATOM   903  C C6    . G   A 1 42 ? 6.864   6.378   -4.958  1.00 75.65  ? 48 G   V C6    1 
ATOM   904  O O6    . G   A 1 42 ? 6.678   6.815   -3.815  1.00 94.64  ? 48 G   V O6    1 
ATOM   905  N N1    . G   A 1 42 ? 6.370   7.075   -6.056  1.00 75.54  ? 48 G   V N1    1 
ATOM   906  C C2    . G   A 1 42 ? 6.518   6.686   -7.364  1.00 82.20  ? 48 G   V C2    1 
ATOM   907  N N2    . G   A 1 42 ? 5.968   7.494   -8.283  1.00 85.61  ? 48 G   V N2    1 
ATOM   908  N N3    . G   A 1 42 ? 7.151   5.589   -7.744  1.00 77.25  ? 48 G   V N3    1 
ATOM   909  C C4    . G   A 1 42 ? 7.640   4.896   -6.693  1.00 71.78  ? 48 G   V C4    1 
ATOM   910  P P     . G   A 1 43 ? 12.964  4.858   -9.399  1.00 87.95  ? 49 G   V P     1 
ATOM   911  O OP1   . G   A 1 43 ? 14.022  4.662   -10.419 1.00 106.61 ? 49 G   V OP1   1 
ATOM   912  O OP2   . G   A 1 43 ? 13.345  5.011   -7.969  1.00 86.19  ? 49 G   V OP2   1 
ATOM   913  O "O5'" . G   A 1 43 ? 12.093  6.122   -9.822  1.00 78.69  ? 49 G   V "O5'" 1 
ATOM   914  C "C5'" . G   A 1 43 ? 11.547  6.217   -11.129 1.00 85.73  ? 49 G   V "C5'" 1 
ATOM   915  C "C4'" . G   A 1 43 ? 10.812  7.517   -11.327 1.00 87.47  ? 49 G   V "C4'" 1 
ATOM   916  O "O4'" . G   A 1 43 ? 9.575   7.502   -10.572 1.00 84.95  ? 49 G   V "O4'" 1 
ATOM   917  C "C3'" . G   A 1 43 ? 11.526  8.764   -10.837 1.00 92.48  ? 49 G   V "C3'" 1 
ATOM   918  O "O3'" . G   A 1 43 ? 12.499  9.239   -11.748 1.00 96.06  ? 49 G   V "O3'" 1 
ATOM   919  C "C2'" . G   A 1 43 ? 10.377  9.738   -10.611 1.00 92.59  ? 49 G   V "C2'" 1 
ATOM   920  O "O2'" . G   A 1 43 ? 9.948   10.294  -11.844 1.00 98.93  ? 49 G   V "O2'" 1 
ATOM   921  C "C1'" . G   A 1 43 ? 9.283   8.800   -10.101 1.00 81.52  ? 49 G   V "C1'" 1 
ATOM   922  N N9    . G   A 1 43 ? 9.217   8.759   -8.629  1.00 73.92  ? 49 G   V N9    1 
ATOM   923  C C8    . G   A 1 43 ? 9.726   7.782   -7.812  1.00 84.43  ? 49 G   V C8    1 
ATOM   924  N N7    . G   A 1 43 ? 9.507   8.010   -6.546  1.00 83.70  ? 49 G   V N7    1 
ATOM   925  C C5    . G   A 1 43 ? 8.809   9.208   -6.528  1.00 79.29  ? 49 G   V C5    1 
ATOM   926  C C6    . G   A 1 43 ? 8.298   9.954   -5.436  1.00 93.65  ? 49 G   V C6    1 
ATOM   927  O O6    . G   A 1 43 ? 8.366   9.699   -4.226  1.00 107.25 ? 49 G   V O6    1 
ATOM   928  N N1    . G   A 1 43 ? 7.657   11.111  -5.867  1.00 91.70  ? 49 G   V N1    1 
ATOM   929  C C2    . G   A 1 43 ? 7.522   11.498  -7.178  1.00 96.16  ? 49 G   V C2    1 
ATOM   930  N N2    . G   A 1 43 ? 6.866   12.646  -7.394  1.00 102.31 ? 49 G   V N2    1 
ATOM   931  N N3    . G   A 1 43 ? 7.991   10.808  -8.206  1.00 93.97  ? 49 G   V N3    1 
ATOM   932  C C4    . G   A 1 43 ? 8.619   9.683   -7.806  1.00 81.37  ? 49 G   V C4    1 
ATOM   933  P P     . A   A 1 44 ? 13.848  9.913   -11.197 1.00 103.56 ? 50 A   V P     1 
ATOM   934  O OP1   . A   A 1 44 ? 14.779  10.078  -12.341 1.00 101.60 ? 50 A   V OP1   1 
ATOM   935  O OP2   . A   A 1 44 ? 14.282  9.150   -9.997  1.00 86.71  ? 50 A   V OP2   1 
ATOM   936  O "O5'" . A   A 1 44 ? 13.389  11.365  -10.727 1.00 98.37  ? 50 A   V "O5'" 1 
ATOM   937  C "C5'" . A   A 1 44 ? 12.940  12.322  -11.673 1.00 101.56 ? 50 A   V "C5'" 1 
ATOM   938  C "C4'" . A   A 1 44 ? 12.216  13.466  -11.009 1.00 103.79 ? 50 A   V "C4'" 1 
ATOM   939  O "O4'" . A   A 1 44 ? 11.053  12.969  -10.295 1.00 99.34  ? 50 A   V "O4'" 1 
ATOM   940  C "C3'" . A   A 1 44 ? 12.989  14.231  -9.948  1.00 105.41 ? 50 A   V "C3'" 1 
ATOM   941  O "O3'" . A   A 1 44 ? 13.917  15.160  -10.477 1.00 103.56 ? 50 A   V "O3'" 1 
ATOM   942  C "C2'" . A   A 1 44 ? 11.873  14.871  -9.138  1.00 106.88 ? 50 A   V "C2'" 1 
ATOM   943  O "O2'" . A   A 1 44 ? 11.324  15.982  -9.833  1.00 111.84 ? 50 A   V "O2'" 1 
ATOM   944  C "C1'" . A   A 1 44 ? 10.838  13.746  -9.133  1.00 100.58 ? 50 A   V "C1'" 1 
ATOM   945  N N9    . A   A 1 44 ? 10.996  12.882  -7.948  1.00 97.26  ? 50 A   V N9    1 
ATOM   946  C C8    . A   A 1 44 ? 11.629  11.667  -7.861  1.00 99.45  ? 50 A   V C8    1 
ATOM   947  N N7    . A   A 1 44 ? 11.610  11.149  -6.654  1.00 98.51  ? 50 A   V N7    1 
ATOM   948  C C5    . A   A 1 44 ? 10.922  12.089  -5.899  1.00 98.37  ? 50 A   V C5    1 
ATOM   949  C C6    . A   A 1 44 ? 10.566  12.133  -4.541  1.00 102.51 ? 50 A   V C6    1 
ATOM   950  N N6    . A   A 1 44 ? 10.865  11.170  -3.666  1.00 108.81 ? 50 A   V N6    1 
ATOM   951  N N1    . A   A 1 44 ? 9.883   13.214  -4.106  1.00 108.34 ? 50 A   V N1    1 
ATOM   952  C C2    . A   A 1 44 ? 9.585   14.180  -4.984  1.00 107.03 ? 50 A   V C2    1 
ATOM   953  N N3    . A   A 1 44 ? 9.864   14.252  -6.283  1.00 98.32  ? 50 A   V N3    1 
ATOM   954  C C4    . A   A 1 44 ? 10.542  13.162  -6.682  1.00 98.01  ? 50 A   V C4    1 
ATOM   955  P P     . G   A 1 45 ? 15.325  15.388  -9.735  1.00 113.82 ? 51 G   V P     1 
ATOM   956  O OP1   . G   A 1 45 ? 16.087  16.402  -10.504 1.00 131.66 ? 51 G   V OP1   1 
ATOM   957  O OP2   . G   A 1 45 ? 15.932  14.056  -9.480  1.00 111.35 ? 51 G   V OP2   1 
ATOM   958  O "O5'" . G   A 1 45 ? 14.928  16.045  -8.337  1.00 109.70 ? 51 G   V "O5'" 1 
ATOM   959  C "C5'" . G   A 1 45 ? 14.711  17.445  -8.236  1.00 123.33 ? 51 G   V "C5'" 1 
ATOM   960  C "C4'" . G   A 1 45 ? 14.064  17.839  -6.930  1.00 120.55 ? 51 G   V "C4'" 1 
ATOM   961  O "O4'" . G   A 1 45 ? 13.019  16.894  -6.577  1.00 114.92 ? 51 G   V "O4'" 1 
ATOM   962  C "C3'" . G   A 1 45 ? 14.958  17.857  -5.702  1.00 123.83 ? 51 G   V "C3'" 1 
ATOM   963  O "O3'" . G   A 1 45 ? 15.789  19.002  -5.624  1.00 129.25 ? 51 G   V "O3'" 1 
ATOM   964  C "C2'" . G   A 1 45 ? 13.947  17.758  -4.569  1.00 121.04 ? 51 G   V "C2'" 1 
ATOM   965  O "O2'" . G   A 1 45 ? 13.310  19.009  -4.356  1.00 123.27 ? 51 G   V "O2'" 1 
ATOM   966  C "C1'" . G   A 1 45 ? 12.926  16.791  -5.170  1.00 115.05 ? 51 G   V "C1'" 1 
ATOM   967  N N9    . G   A 1 45 ? 13.206  15.399  -4.770  1.00 109.11 ? 51 G   V N9    1 
ATOM   968  C C8    . G   A 1 45 ? 13.741  14.389  -5.533  1.00 110.07 ? 51 G   V C8    1 
ATOM   969  N N7    . G   A 1 45 ? 13.871  13.266  -4.876  1.00 106.72 ? 51 G   V N7    1 
ATOM   970  C C5    . G   A 1 45 ? 13.401  13.556  -3.603  1.00 112.53 ? 51 G   V C5    1 
ATOM   971  C C6    . G   A 1 45 ? 13.296  12.734  -2.450  1.00 119.49 ? 51 G   V C6    1 
ATOM   972  O O6    . G   A 1 45 ? 13.606  11.544  -2.319  1.00 128.92 ? 51 G   V O6    1 
ATOM   973  N N1    . G   A 1 45 ? 12.764  13.431  -1.371  1.00 119.97 ? 51 G   V N1    1 
ATOM   974  C C2    . G   A 1 45 ? 12.383  14.749  -1.395  1.00 120.32 ? 51 G   V C2    1 
ATOM   975  N N2    . G   A 1 45 ? 11.892  15.240  -0.248  1.00 124.38 ? 51 G   V N2    1 
ATOM   976  N N3    . G   A 1 45 ? 12.475  15.527  -2.462  1.00 109.93 ? 51 G   V N3    1 
ATOM   977  C C4    . G   A 1 45 ? 12.989  14.869  -3.522  1.00 106.22 ? 51 G   V C4    1 
ATOM   978  P P     . A   A 1 46 ? 17.175  18.925  -4.814  1.00 134.70 ? 52 A   V P     1 
ATOM   979  O OP1   . A   A 1 46 ? 18.050  20.036  -5.271  1.00 124.04 ? 52 A   V OP1   1 
ATOM   980  O OP2   . A   A 1 46 ? 17.667  17.526  -4.899  1.00 123.20 ? 52 A   V OP2   1 
ATOM   981  O "O5'" . A   A 1 46 ? 16.757  19.200  -3.301  1.00 129.59 ? 52 A   V "O5'" 1 
ATOM   982  C "C5'" . A   A 1 46 ? 16.106  20.407  -2.933  1.00 134.09 ? 52 A   V "C5'" 1 
ATOM   983  C "C4'" . A   A 1 46 ? 15.636  20.371  -1.501  1.00 133.30 ? 52 A   V "C4'" 1 
ATOM   984  O "O4'" . A   A 1 46 ? 14.631  19.335  -1.338  1.00 125.86 ? 52 A   V "O4'" 1 
ATOM   985  C "C3'" . A   A 1 46 ? 16.688  20.024  -0.460  1.00 137.98 ? 52 A   V "C3'" 1 
ATOM   986  O "O3'" . A   A 1 46 ? 17.521  21.113  -0.109  1.00 140.39 ? 52 A   V "O3'" 1 
ATOM   987  C "C2'" . A   A 1 46 ? 15.848  19.493  0.692   1.00 134.58 ? 52 A   V "C2'" 1 
ATOM   988  O "O2'" . A   A 1 46 ? 15.231  20.560  1.397   1.00 135.68 ? 52 A   V "O2'" 1 
ATOM   989  C "C1'" . A   A 1 46 ? 14.765  18.730  -0.068  1.00 129.82 ? 52 A   V "C1'" 1 
ATOM   990  N N9    . A   A 1 46 ? 15.137  17.315  -0.262  1.00 129.61 ? 52 A   V N9    1 
ATOM   991  C C8    . A   A 1 46 ? 15.688  16.736  -1.379  1.00 128.09 ? 52 A   V C8    1 
ATOM   992  N N7    . A   A 1 46 ? 15.914  15.451  -1.250  1.00 125.57 ? 52 A   V N7    1 
ATOM   993  C C5    . A   A 1 46 ? 15.487  15.165  0.038   1.00 125.98 ? 52 A   V C5    1 
ATOM   994  C C6    . A   A 1 46 ? 15.459  13.974  0.785   1.00 130.26 ? 52 A   V C6    1 
ATOM   995  N N6    . A   A 1 46 ? 15.887  12.799  0.318   1.00 133.04 ? 52 A   V N6    1 
ATOM   996  N N1    . A   A 1 46 ? 14.972  14.029  2.045   1.00 130.19 ? 52 A   V N1    1 
ATOM   997  C C2    . A   A 1 46 ? 14.545  15.208  2.513   1.00 131.32 ? 52 A   V C2    1 
ATOM   998  N N3    . A   A 1 46 ? 14.517  16.394  1.909   1.00 132.33 ? 52 A   V N3    1 
ATOM   999  C C4    . A   A 1 46 ? 15.009  16.305  0.660   1.00 128.15 ? 52 A   V C4    1 
ATOM   1000 P P     . C   A 1 47 ? 19.058  20.842  0.274   1.00 151.16 ? 53 C   V P     1 
ATOM   1001 O OP1   . C   A 1 47 ? 19.738  22.150  0.449   1.00 172.19 ? 53 C   V OP1   1 
ATOM   1002 O OP2   . C   A 1 47 ? 19.595  19.858  -0.700  1.00 138.14 ? 53 C   V OP2   1 
ATOM   1003 O "O5'" . C   A 1 47 ? 18.979  20.130  1.697   1.00 137.72 ? 53 C   V "O5'" 1 
ATOM   1004 C "C5'" . C   A 1 47 ? 18.501  20.833  2.833   1.00 141.32 ? 53 C   V "C5'" 1 
ATOM   1005 C "C4'" . C   A 1 47 ? 18.431  19.947  4.052   1.00 146.48 ? 53 C   V "C4'" 1 
ATOM   1006 O "O4'" . C   A 1 47 ? 17.445  18.898  3.849   1.00 144.76 ? 53 C   V "O4'" 1 
ATOM   1007 C "C3'" . C   A 1 47 ? 19.695  19.179  4.401   1.00 151.07 ? 53 C   V "C3'" 1 
ATOM   1008 O "O3'" . C   A 1 47 ? 20.694  19.957  5.035   1.00 148.94 ? 53 C   V "O3'" 1 
ATOM   1009 C "C2'" . C   A 1 47 ? 19.153  18.046  5.259   1.00 149.00 ? 53 C   V "C2'" 1 
ATOM   1010 O "O2'" . C   A 1 47 ? 18.809  18.520  6.552   1.00 152.47 ? 53 C   V "O2'" 1 
ATOM   1011 C "C1'" . C   A 1 47 ? 17.862  17.717  4.509   1.00 146.66 ? 53 C   V "C1'" 1 
ATOM   1012 N N1    . C   A 1 47 ? 18.086  16.654  3.502   1.00 141.23 ? 53 C   V N1    1 
ATOM   1013 C C2    . C   A 1 47 ? 18.113  15.324  3.932   1.00 143.87 ? 53 C   V C2    1 
ATOM   1014 O O2    . C   A 1 47 ? 17.931  15.072  5.134   1.00 148.55 ? 53 C   V O2    1 
ATOM   1015 N N3    . C   A 1 47 ? 18.328  14.339  3.028   1.00 141.62 ? 53 C   V N3    1 
ATOM   1016 C C4    . C   A 1 47 ? 18.521  14.641  1.742   1.00 135.78 ? 53 C   V C4    1 
ATOM   1017 N N4    . C   A 1 47 ? 18.729  13.639  0.887   1.00 131.70 ? 53 C   V N4    1 
ATOM   1018 C C5    . C   A 1 47 ? 18.506  15.987  1.277   1.00 136.83 ? 53 C   V C5    1 
ATOM   1019 C C6    . C   A 1 47 ? 18.290  16.950  2.182   1.00 139.30 ? 53 C   V C6    1 
ATOM   1020 P P     . G   A 1 48 ? 22.242  19.602  4.787   1.00 157.79 ? 54 G   V P     1 
ATOM   1021 O OP1   . G   A 1 48 ? 23.071  20.657  5.424   1.00 165.98 ? 54 G   V OP1   1 
ATOM   1022 O OP2   . G   A 1 48 ? 22.412  19.309  3.341   1.00 151.50 ? 54 G   V OP2   1 
ATOM   1023 O "O5'" . G   A 1 48 ? 22.461  18.244  5.593   1.00 153.03 ? 54 G   V "O5'" 1 
ATOM   1024 C "C5'" . G   A 1 48 ? 22.330  18.216  7.006   1.00 154.43 ? 54 G   V "C5'" 1 
ATOM   1025 C "C4'" . G   A 1 48 ? 22.333  16.812  7.561   1.00 162.13 ? 54 G   V "C4'" 1 
ATOM   1026 O "O4'" . G   A 1 48 ? 21.241  16.036  7.001   1.00 157.88 ? 54 G   V "O4'" 1 
ATOM   1027 C "C3'" . G   A 1 48 ? 23.555  15.957  7.271   1.00 173.37 ? 54 G   V "C3'" 1 
ATOM   1028 O "O3'" . G   A 1 48 ? 24.686  16.285  8.057   1.00 174.79 ? 54 G   V "O3'" 1 
ATOM   1029 C "C2'" . G   A 1 48 ? 23.024  14.553  7.517   1.00 167.44 ? 54 G   V "C2'" 1 
ATOM   1030 O "O2'" . G   A 1 48 ? 22.923  14.290  8.909   1.00 169.59 ? 54 G   V "O2'" 1 
ATOM   1031 C "C1'" . G   A 1 48 ? 21.612  14.669  6.944   1.00 156.50 ? 54 G   V "C1'" 1 
ATOM   1032 N N9    . G   A 1 48 ? 21.567  14.203  5.546   1.00 152.07 ? 54 G   V N9    1 
ATOM   1033 C C8    . G   A 1 48 ? 21.453  14.944  4.394   1.00 154.72 ? 54 G   V C8    1 
ATOM   1034 N N7    . G   A 1 48 ? 21.461  14.208  3.314   1.00 146.20 ? 54 G   V N7    1 
ATOM   1035 C C5    . G   A 1 48 ? 21.598  12.907  3.780   1.00 143.53 ? 54 G   V C5    1 
ATOM   1036 C C6    . G   A 1 48 ? 21.667  11.677  3.076   1.00 141.32 ? 54 G   V C6    1 
ATOM   1037 O O6    . G   A 1 48 ? 21.623  11.483  1.855   1.00 138.88 ? 54 G   V O6    1 
ATOM   1038 N N1    . G   A 1 48 ? 21.803  10.599  3.944   1.00 144.90 ? 54 G   V N1    1 
ATOM   1039 C C2    . G   A 1 48 ? 21.865  10.688  5.313   1.00 144.18 ? 54 G   V C2    1 
ATOM   1040 N N2    . G   A 1 48 ? 21.997  9.530   5.977   1.00 145.56 ? 54 G   V N2    1 
ATOM   1041 N N3    . G   A 1 48 ? 21.801  11.828  5.981   1.00 143.89 ? 54 G   V N3    1 
ATOM   1042 C C4    . G   A 1 48 ? 21.669  12.888  5.155   1.00 145.29 ? 54 G   V C4    1 
ATOM   1043 P P     . C   A 1 49 ? 26.157  16.132  7.429   1.00 175.44 ? 55 C   V P     1 
ATOM   1044 O OP1   . C   A 1 49 ? 27.127  16.719  8.390   1.00 185.77 ? 55 C   V OP1   1 
ATOM   1045 O OP2   . C   A 1 49 ? 26.110  16.639  6.034   1.00 168.80 ? 55 C   V OP2   1 
ATOM   1046 O "O5'" . C   A 1 49 ? 26.401  14.556  7.377   1.00 166.69 ? 55 C   V "O5'" 1 
ATOM   1047 C "C5'" . C   A 1 49 ? 26.865  13.857  8.522   1.00 166.74 ? 55 C   V "C5'" 1 
ATOM   1048 C "C4'" . C   A 1 49 ? 26.708  12.361  8.389   1.00 165.70 ? 55 C   V "C4'" 1 
ATOM   1049 O "O4'" . C   A 1 49 ? 25.463  12.039  7.711   1.00 155.58 ? 55 C   V "O4'" 1 
ATOM   1050 C "C3'" . C   A 1 49 ? 27.755  11.627  7.567   1.00 167.48 ? 55 C   V "C3'" 1 
ATOM   1051 O "O3'" . C   A 1 49 ? 28.988  11.437  8.238   1.00 170.19 ? 55 C   V "O3'" 1 
ATOM   1052 C "C2'" . C   A 1 49 ? 27.038  10.328  7.232   1.00 161.91 ? 55 C   V "C2'" 1 
ATOM   1053 O "O2'" . C   A 1 49 ? 27.005  9.468   8.361   1.00 165.46 ? 55 C   V "O2'" 1 
ATOM   1054 C "C1'" . C   A 1 49 ? 25.621  10.837  6.976   1.00 153.45 ? 55 C   V "C1'" 1 
ATOM   1055 N N1    . C   A 1 49 ? 25.402  11.112  5.537   1.00 152.52 ? 55 C   V N1    1 
ATOM   1056 C C2    . C   A 1 49 ? 25.262  10.027  4.661   1.00 149.43 ? 55 C   V C2    1 
ATOM   1057 O O2    . C   A 1 49 ? 25.310  8.868   5.104   1.00 143.00 ? 55 C   V O2    1 
ATOM   1058 N N3    . C   A 1 49 ? 25.070  10.260  3.343   1.00 146.88 ? 55 C   V N3    1 
ATOM   1059 C C4    . C   A 1 49 ? 25.021  11.512  2.889   1.00 146.59 ? 55 C   V C4    1 
ATOM   1060 N N4    . C   A 1 49 ? 24.828  11.692  1.580   1.00 144.06 ? 55 C   V N4    1 
ATOM   1061 C C5    . C   A 1 49 ? 25.164  12.635  3.755   1.00 148.31 ? 55 C   V C5    1 
ATOM   1062 C C6    . C   A 1 49 ? 25.354  12.391  5.058   1.00 152.50 ? 55 C   V C6    1 
ATOM   1063 P P     . C   A 1 50 ? 30.357  11.387  7.391   1.00 180.25 ? 56 C   V P     1 
ATOM   1064 O OP1   . C   A 1 50 ? 31.464  11.068  8.329   1.00 188.75 ? 56 C   V OP1   1 
ATOM   1065 O OP2   . C   A 1 50 ? 30.423  12.617  6.562   1.00 155.13 ? 56 C   V OP2   1 
ATOM   1066 O "O5'" . C   A 1 50 ? 30.173  10.145  6.408   1.00 161.42 ? 56 C   V "O5'" 1 
ATOM   1067 C "C5'" . C   A 1 50 ? 30.229  8.812   6.897   1.00 155.15 ? 56 C   V "C5'" 1 
ATOM   1068 C "C4'" . C   A 1 50 ? 30.058  7.798   5.791   1.00 154.42 ? 56 C   V "C4'" 1 
ATOM   1069 O "O4'" . C   A 1 50 ? 28.839  8.063   5.050   1.00 151.22 ? 56 C   V "O4'" 1 
ATOM   1070 C "C3'" . C   A 1 50 ? 31.137  7.777   4.719   1.00 157.31 ? 56 C   V "C3'" 1 
ATOM   1071 O "O3'" . C   A 1 50 ? 32.310  7.097   5.128   1.00 159.94 ? 56 C   V "O3'" 1 
ATOM   1072 C "C2'" . C   A 1 50 ? 30.423  7.112   3.548   1.00 152.95 ? 56 C   V "C2'" 1 
ATOM   1073 O "O2'" . C   A 1 50 ? 30.373  5.704   3.723   1.00 144.43 ? 56 C   V "O2'" 1 
ATOM   1074 C "C1'" . C   A 1 50 ? 29.003  7.666   3.702   1.00 147.63 ? 56 C   V "C1'" 1 
ATOM   1075 N N1    . C   A 1 50 ? 28.749  8.826   2.816   1.00 146.24 ? 56 C   V N1    1 
ATOM   1076 C C2    . C   A 1 50 ? 28.354  8.580   1.496   1.00 142.11 ? 56 C   V C2    1 
ATOM   1077 O O2    . C   A 1 50 ? 28.231  7.405   1.115   1.00 137.31 ? 56 C   V O2    1 
ATOM   1078 N N3    . C   A 1 50 ? 28.116  9.622   0.666   1.00 139.12 ? 56 C   V N3    1 
ATOM   1079 C C4    . C   A 1 50 ? 28.258  10.871  1.109   1.00 143.09 ? 56 C   V C4    1 
ATOM   1080 N N4    . C   A 1 50 ? 28.014  11.869  0.257   1.00 144.35 ? 56 C   V N4    1 
ATOM   1081 C C5    . C   A 1 50 ? 28.660  11.153  2.447   1.00 150.55 ? 56 C   V C5    1 
ATOM   1082 C C6    . C   A 1 50 ? 28.892  10.112  3.258   1.00 148.80 ? 56 C   V C6    1 
# 
